data_5EAX
#
_entry.id   5EAX
#
_cell.length_a   120.234
_cell.length_b   149.211
_cell.length_c   172.900
_cell.angle_alpha   90.000
_cell.angle_beta   90.000
_cell.angle_gamma   90.000
#
_symmetry.space_group_name_H-M   'P 21 21 21'
#
loop_
_entity.id
_entity.type
_entity.pdbx_description
1 polymer 'DNA replication ATP-dependent helicase/nuclease DNA2'
2 polymer "DNA (5'-D(*TP*TP*TP*TP*TP*TP*TP*TP*TP*TP*TP*TP*TP*TP*TP*TP*T)-3')"
3 non-polymer 'IRON/SULFUR CLUSTER'
4 non-polymer "ADENOSINE-5'-DIPHOSPHATE"
#
loop_
_entity_poly.entity_id
_entity_poly.type
_entity_poly.pdbx_seq_one_letter_code
_entity_poly.pdbx_strand_id
1 'polypeptide(L)'
;MEPLDELDLLLLEEDGGAEAVPRVELLRKKADALFPETVLSRGVDNRYLVLAVETSQNERGAEEKRLHVTASQDREHEVL
CILRNGWSSVPVEPGDIVHLEGDCTSEPWIIDDDFGYFILYPDMMISGTSVASSIRCLRRAVLSETFRGSDPATRQMLIG
TILHEVFQKAISESFAPERLQELALQTLREVRHLKEMYRLNLSQDEILCEVEEYLPSFSKWAEDFMRKGPSSEFPQMQLS
LPSDGSNRSSPCNIEVVKSLDIEESIWSPRFGLKGKIAVTVGVKIHRDCKMKYKVMPLELKTGKESNSIEHRSQVVLYTL
LSQERREDPEAGWLLYLKTGQMYPVPANHLDKRELLKLRNWLAASLLHRVSRAAPGEEARLSALPQIIEEEKTCKYCSQI
GNCALYSRAVEEQGDDASIPEAMLSKIQEETRHLQLAHLKYFSLWCLMLTLESQSKDNRKTHQSIWLTPASELEESGNCV
GNLVRTEPVSRVCDGQYLHNFQRKNGPMPATNLMAGDRIILSGEERKLFALSKGYVKKMNKAAVTCLLDRNLSTLPATTV
FRLDREERHGDISTPLGNLSKLMESTDPSKRLRELIIDFREPQFIAYLSSVLPHDAKDTVANILKGLNKPQRQAMKRVLL
SKDYTLIVGMPGTGKTTTICALVRILSACGFSVLLTSYTHSAVDNILLKLAKFKVGFLRLGQSHKVHPDIQKFTEEEICR
SRSIASLAHLEELYNSHPIVATTCMGINHPIFSRKTFDFCIVDEASQISQPVCLGPLFFSRRFVLVGDHQQLPPLVVNRE
ARALGMSESLFKRLERNESAVVQLTVQYRMNRKIMSLSNKLTYAGKLECGSDRVANAVLALPNLKDARLSLQLYADYSDS
PWLAGVLEPDNPVCFLNTDKVPAPEQVENGGVSNVTEARLIVFLTSTFIKAGCSPSDIGVIAPYRQQLRIISDLLARSSV
GMVEVNTVDKYQGRDKSLILVSFVRSNEDGTLGELLKDWRRLNVALTRAKHKLILLGSVSSLKRFPPLGTLFDHLNAEQL
ILDLPSREHESLSHIL
;
A,B
2 'polydeoxyribonucleotide' (DT)(DT)(DT)(DT)(DT)(DT)(DT)(DT)(DT)(DT)(DT)(DT)(DT)(DT)(DT)(DT)(DT) E,H
#
loop_
_chem_comp.id
_chem_comp.type
_chem_comp.name
_chem_comp.formula
ADP non-polymer ADENOSINE-5'-DIPHOSPHATE 'C10 H15 N5 O10 P2'
DT DNA linking THYMIDINE-5'-MONOPHOSPHATE 'C10 H15 N2 O8 P'
SF4 non-polymer 'IRON/SULFUR CLUSTER' 'Fe4 S4'
#
# COMPACT_ATOMS: atom_id res chain seq x y z
N MET A 1 47.79 -50.15 3.96
CA MET A 1 49.28 -50.21 3.88
C MET A 1 49.85 -50.83 5.14
N GLU A 2 49.93 -52.16 5.18
CA GLU A 2 50.51 -52.83 6.33
C GLU A 2 51.97 -53.21 6.10
N PRO A 3 52.27 -54.48 5.72
CA PRO A 3 53.68 -54.92 5.74
C PRO A 3 54.71 -53.85 5.38
N LEU A 4 55.90 -54.01 5.94
CA LEU A 4 57.08 -53.31 5.48
C LEU A 4 56.95 -53.06 3.96
N ASP A 5 56.65 -54.15 3.24
CA ASP A 5 56.50 -54.19 1.78
C ASP A 5 55.56 -53.16 1.13
N GLU A 6 54.35 -52.99 1.68
CA GLU A 6 53.40 -51.99 1.18
C GLU A 6 54.06 -50.64 1.03
N LEU A 7 54.82 -50.27 2.05
CA LEU A 7 55.51 -48.99 2.11
C LEU A 7 56.52 -48.86 1.01
N ASP A 8 57.42 -49.84 0.95
CA ASP A 8 58.42 -49.90 -0.10
C ASP A 8 57.82 -49.60 -1.46
N LEU A 9 56.76 -50.31 -1.81
CA LEU A 9 56.18 -50.20 -3.13
C LEU A 9 55.34 -48.95 -3.30
N LEU A 10 54.81 -48.43 -2.19
CA LEU A 10 53.95 -47.26 -2.31
C LEU A 10 54.72 -45.98 -2.57
N LEU A 11 56.05 -46.06 -2.46
CA LEU A 11 56.92 -44.99 -2.90
C LEU A 11 56.78 -44.83 -4.41
N LEU A 12 56.39 -43.62 -4.82
CA LEU A 12 56.27 -43.24 -6.24
C LEU A 12 57.57 -42.56 -6.69
N GLU A 13 57.53 -42.00 -7.91
CA GLU A 13 58.64 -41.24 -8.52
C GLU A 13 59.93 -42.04 -8.60
N ALA A 20 55.07 -38.23 -12.58
CA ALA A 20 55.06 -36.81 -12.92
C ALA A 20 54.06 -36.47 -14.03
N VAL A 21 53.80 -37.43 -14.92
CA VAL A 21 52.97 -37.22 -16.13
C VAL A 21 51.45 -37.42 -15.92
N PRO A 22 51.04 -38.57 -15.32
CA PRO A 22 49.59 -38.81 -15.15
C PRO A 22 48.96 -37.79 -14.18
N ARG A 23 49.79 -37.27 -13.29
CA ARG A 23 49.40 -36.21 -12.36
C ARG A 23 49.22 -34.89 -13.09
N VAL A 24 50.20 -34.54 -13.93
CA VAL A 24 50.09 -33.38 -14.82
C VAL A 24 48.79 -33.47 -15.64
N GLU A 25 48.47 -34.67 -16.11
CA GLU A 25 47.28 -34.92 -16.92
C GLU A 25 45.98 -34.70 -16.14
N LEU A 26 45.97 -35.10 -14.87
CA LEU A 26 44.78 -34.96 -13.99
C LEU A 26 44.53 -33.49 -13.65
N LEU A 27 45.61 -32.71 -13.62
CA LEU A 27 45.55 -31.26 -13.44
C LEU A 27 44.89 -30.59 -14.66
N ARG A 28 45.29 -31.00 -15.86
CA ARG A 28 44.65 -30.57 -17.10
C ARG A 28 43.16 -30.92 -17.14
N LYS A 29 42.82 -32.08 -16.56
CA LYS A 29 41.44 -32.47 -16.39
C LYS A 29 40.75 -31.56 -15.39
N LYS A 30 41.44 -31.28 -14.28
CA LYS A 30 40.91 -30.46 -13.18
C LYS A 30 40.57 -29.02 -13.60
N ALA A 31 41.50 -28.41 -14.33
CA ALA A 31 41.39 -27.02 -14.82
C ALA A 31 40.27 -26.86 -15.85
N ASP A 32 39.98 -27.94 -16.58
CA ASP A 32 38.92 -27.97 -17.59
C ASP A 32 37.53 -28.29 -17.03
N ALA A 33 37.48 -28.79 -15.79
CA ALA A 33 36.23 -28.88 -15.06
C ALA A 33 35.78 -27.47 -14.69
N LEU A 34 36.74 -26.65 -14.23
CA LEU A 34 36.52 -25.23 -13.91
C LEU A 34 36.57 -24.29 -15.13
N PHE A 35 37.66 -24.33 -15.89
CA PHE A 35 37.76 -23.53 -17.10
C PHE A 35 37.97 -24.41 -18.32
N PRO A 36 36.87 -24.83 -18.96
CA PRO A 36 36.95 -25.70 -20.14
C PRO A 36 37.54 -24.99 -21.35
N GLU A 37 38.56 -25.61 -21.94
CA GLU A 37 39.17 -25.14 -23.18
C GLU A 37 39.90 -23.81 -23.07
N THR A 38 40.62 -23.62 -21.97
CA THR A 38 41.54 -22.49 -21.85
C THR A 38 42.76 -22.78 -22.73
N VAL A 39 42.91 -22.00 -23.81
CA VAL A 39 43.92 -22.22 -24.86
C VAL A 39 45.38 -22.28 -24.38
N LEU A 40 45.70 -21.59 -23.28
CA LEU A 40 47.09 -21.42 -22.81
C LEU A 40 47.87 -20.56 -23.80
N SER A 41 48.69 -19.64 -23.28
CA SER A 41 49.39 -18.69 -24.15
C SER A 41 50.58 -17.93 -23.56
N ARG A 42 51.17 -17.14 -24.46
CA ARG A 42 52.26 -16.23 -24.18
C ARG A 42 51.75 -14.82 -24.51
N GLY A 43 52.60 -13.82 -24.32
CA GLY A 43 52.28 -12.45 -24.69
C GLY A 43 51.16 -11.80 -23.90
N VAL A 44 50.58 -10.75 -24.49
CA VAL A 44 49.55 -9.90 -23.87
C VAL A 44 48.54 -10.69 -23.03
N ASP A 45 47.84 -11.64 -23.66
CA ASP A 45 46.81 -12.41 -22.97
C ASP A 45 47.26 -13.84 -22.68
N ASN A 46 48.37 -13.93 -21.97
CA ASN A 46 48.89 -15.20 -21.51
C ASN A 46 47.92 -15.87 -20.54
N ARG A 47 47.92 -17.19 -20.57
CA ARG A 47 47.31 -18.02 -19.55
C ARG A 47 48.13 -19.29 -19.35
N TYR A 48 48.95 -19.27 -18.30
CA TYR A 48 49.80 -20.37 -17.93
C TYR A 48 49.04 -21.31 -17.02
N LEU A 49 49.40 -22.58 -17.03
CA LEU A 49 48.77 -23.56 -16.15
C LEU A 49 49.73 -23.94 -15.03
N VAL A 50 49.34 -23.65 -13.79
CA VAL A 50 50.16 -23.95 -12.64
C VAL A 50 50.38 -25.44 -12.54
N LEU A 51 51.60 -25.84 -12.19
CA LEU A 51 51.92 -27.25 -12.02
C LEU A 51 52.33 -27.58 -10.58
N ALA A 52 53.23 -26.80 -10.00
CA ALA A 52 53.68 -27.08 -8.63
C ALA A 52 53.70 -25.81 -7.79
N VAL A 53 53.45 -25.97 -6.49
CA VAL A 53 53.37 -24.82 -5.56
C VAL A 53 54.09 -25.13 -4.26
N GLU A 54 55.26 -24.55 -4.06
CA GLU A 54 55.96 -24.68 -2.78
C GLU A 54 56.39 -23.32 -2.25
N THR A 55 56.70 -23.26 -0.95
CA THR A 55 57.33 -22.08 -0.34
C THR A 55 58.77 -22.34 0.11
N SER A 56 59.57 -21.28 0.20
CA SER A 56 60.94 -21.37 0.71
C SER A 56 61.18 -20.25 1.75
N GLN A 57 62.44 -19.95 2.05
CA GLN A 57 62.78 -18.90 3.02
C GLN A 57 64.02 -18.10 2.63
N ASN A 58 63.84 -16.81 2.32
CA ASN A 58 64.96 -15.91 2.08
C ASN A 58 65.06 -14.88 3.21
N GLU A 59 66.19 -14.15 3.25
CA GLU A 59 66.53 -13.23 4.35
C GLU A 59 66.76 -14.04 5.62
N ARG A 60 65.67 -14.61 6.15
CA ARG A 60 65.62 -15.45 7.36
C ARG A 60 64.23 -15.21 7.95
N GLY A 61 63.32 -16.14 7.72
CA GLY A 61 61.94 -16.00 8.18
C GLY A 61 61.07 -15.22 7.23
N ALA A 62 61.55 -15.00 6.00
CA ALA A 62 60.77 -14.35 4.96
C ALA A 62 60.12 -15.38 4.01
N GLU A 63 58.86 -15.13 3.65
CA GLU A 63 58.05 -16.05 2.84
C GLU A 63 58.23 -15.84 1.33
N GLU A 64 58.53 -16.90 0.61
CA GLU A 64 58.57 -16.88 -0.86
C GLU A 64 57.70 -18.02 -1.37
N LYS A 65 57.04 -17.82 -2.50
CA LYS A 65 56.22 -18.87 -3.08
C LYS A 65 56.80 -19.29 -4.44
N ARG A 66 57.05 -20.58 -4.58
CA ARG A 66 57.73 -21.11 -5.75
C ARG A 66 56.75 -21.84 -6.66
N LEU A 67 56.45 -21.25 -7.82
CA LEU A 67 55.52 -21.87 -8.75
C LEU A 67 56.23 -22.38 -10.00
N HIS A 68 55.69 -23.45 -10.59
CA HIS A 68 56.18 -24.01 -11.85
C HIS A 68 55.03 -23.97 -12.85
N VAL A 69 55.20 -23.22 -13.94
CA VAL A 69 54.10 -23.00 -14.88
C VAL A 69 54.45 -23.33 -16.33
N THR A 70 53.43 -23.58 -17.14
CA THR A 70 53.62 -23.85 -18.57
C THR A 70 52.61 -23.07 -19.43
N ALA A 71 53.03 -22.71 -20.63
CA ALA A 71 52.16 -21.97 -21.56
C ALA A 71 51.61 -22.82 -22.70
N SER A 72 52.20 -23.99 -22.94
CA SER A 72 51.55 -24.97 -23.81
C SER A 72 51.61 -26.39 -23.28
N GLN A 73 50.78 -27.23 -23.88
CA GLN A 73 50.50 -28.61 -23.43
C GLN A 73 51.72 -29.53 -23.32
N ASP A 74 52.70 -29.34 -24.19
CA ASP A 74 53.99 -30.05 -24.10
C ASP A 74 54.68 -29.69 -22.80
N ARG A 75 54.62 -30.65 -21.89
CA ARG A 75 54.86 -30.42 -20.46
C ARG A 75 56.28 -30.01 -20.08
N GLU A 76 57.19 -29.98 -21.04
CA GLU A 76 58.59 -29.62 -20.77
C GLU A 76 58.89 -28.13 -20.82
N HIS A 77 57.96 -27.34 -21.37
CA HIS A 77 58.06 -25.88 -21.41
C HIS A 77 57.87 -25.20 -20.04
N GLU A 78 58.30 -25.91 -19.00
CA GLU A 78 58.15 -25.47 -17.61
C GLU A 78 58.94 -24.22 -17.24
N VAL A 79 58.22 -23.12 -17.11
CA VAL A 79 58.79 -21.84 -16.68
C VAL A 79 58.64 -21.69 -15.16
N LEU A 80 59.75 -21.47 -14.46
CA LEU A 80 59.72 -21.28 -13.00
C LEU A 80 59.26 -19.86 -12.65
N CYS A 81 58.68 -19.69 -11.46
CA CYS A 81 58.08 -18.41 -11.05
C CYS A 81 58.06 -18.24 -9.53
N ILE A 82 58.47 -17.05 -9.04
CA ILE A 82 58.48 -16.77 -7.58
C ILE A 82 57.65 -15.56 -7.13
N LEU A 83 56.70 -15.82 -6.25
CA LEU A 83 55.87 -14.79 -5.68
C LEU A 83 56.46 -14.31 -4.36
N ARG A 84 56.88 -13.04 -4.31
CA ARG A 84 57.54 -12.48 -3.13
C ARG A 84 56.67 -11.44 -2.44
N ASN A 85 57.01 -11.15 -1.18
CA ASN A 85 56.27 -10.22 -0.31
C ASN A 85 54.83 -10.65 -0.04
N GLY A 86 53.89 -9.90 -0.62
CA GLY A 86 52.47 -10.17 -0.46
C GLY A 86 52.01 -11.25 -1.42
N TRP A 87 52.56 -11.23 -2.64
CA TRP A 87 52.18 -12.20 -3.66
C TRP A 87 52.38 -13.63 -3.21
N SER A 88 53.35 -13.83 -2.31
CA SER A 88 53.67 -15.14 -1.77
C SER A 88 52.48 -15.84 -1.09
N SER A 89 51.56 -15.04 -0.53
CA SER A 89 50.42 -15.62 0.18
C SER A 89 49.15 -15.77 -0.68
N VAL A 90 49.20 -15.34 -1.95
CA VAL A 90 48.05 -15.55 -2.84
C VAL A 90 47.78 -17.04 -2.96
N PRO A 91 46.51 -17.45 -2.73
CA PRO A 91 46.22 -18.87 -2.60
C PRO A 91 46.12 -19.58 -3.94
N VAL A 92 47.27 -19.87 -4.55
CA VAL A 92 47.32 -20.72 -5.75
C VAL A 92 47.59 -22.16 -5.31
N GLU A 93 46.82 -23.07 -5.91
CA GLU A 93 47.08 -24.49 -5.82
C GLU A 93 47.40 -24.97 -7.23
N PRO A 94 48.02 -26.16 -7.34
CA PRO A 94 48.34 -26.71 -8.66
C PRO A 94 47.10 -26.85 -9.56
N GLY A 95 47.30 -26.83 -10.86
CA GLY A 95 46.19 -26.95 -11.79
C GLY A 95 45.35 -25.69 -12.03
N ASP A 96 45.64 -24.60 -11.30
CA ASP A 96 44.98 -23.30 -11.51
C ASP A 96 45.41 -22.64 -12.83
N ILE A 97 44.52 -21.87 -13.43
CA ILE A 97 44.86 -21.09 -14.62
C ILE A 97 45.18 -19.68 -14.18
N VAL A 98 46.39 -19.24 -14.47
CA VAL A 98 46.81 -17.87 -14.12
C VAL A 98 47.24 -17.09 -15.36
N HIS A 99 47.23 -15.75 -15.20
CA HIS A 99 47.71 -14.79 -16.21
C HIS A 99 48.60 -13.82 -15.47
N LEU A 100 49.84 -13.67 -15.94
CA LEU A 100 50.75 -12.70 -15.33
C LEU A 100 50.67 -11.42 -16.14
N GLU A 101 49.99 -10.44 -15.55
CA GLU A 101 49.69 -9.17 -16.18
C GLU A 101 50.68 -8.18 -15.65
N GLY A 102 51.39 -8.61 -14.62
CA GLY A 102 52.64 -8.00 -14.24
C GLY A 102 53.59 -8.20 -15.38
N ASP A 103 53.00 -8.42 -16.56
CA ASP A 103 53.68 -8.51 -17.85
C ASP A 103 54.37 -9.85 -17.99
N CYS A 104 55.56 -9.79 -18.58
CA CYS A 104 56.39 -10.94 -18.85
C CYS A 104 55.66 -11.91 -19.76
N THR A 105 55.88 -13.20 -19.52
CA THR A 105 55.71 -14.24 -20.52
C THR A 105 57.08 -14.47 -21.15
N SER A 106 57.65 -13.39 -21.71
CA SER A 106 59.03 -13.42 -22.24
C SER A 106 59.92 -14.05 -21.20
N GLU A 107 59.77 -13.59 -19.95
CA GLU A 107 60.34 -14.24 -18.78
C GLU A 107 59.60 -13.83 -17.52
N PRO A 108 58.63 -14.67 -17.09
CA PRO A 108 57.97 -14.52 -15.79
C PRO A 108 58.92 -14.20 -14.60
N TRP A 109 59.63 -15.21 -14.11
CA TRP A 109 60.49 -15.16 -12.92
C TRP A 109 59.88 -14.53 -11.66
N ILE A 110 60.33 -13.33 -11.28
CA ILE A 110 60.01 -12.76 -9.97
C ILE A 110 59.04 -11.59 -10.02
N ILE A 111 57.85 -11.79 -9.45
CA ILE A 111 56.96 -10.67 -9.15
C ILE A 111 56.81 -10.53 -7.63
N ASP A 112 56.90 -9.28 -7.18
CA ASP A 112 57.01 -8.92 -5.77
C ASP A 112 56.44 -7.53 -5.57
N ASP A 113 56.59 -7.03 -4.34
CA ASP A 113 56.11 -5.71 -3.97
C ASP A 113 56.26 -4.62 -5.04
N ASP A 114 57.37 -4.65 -5.77
CA ASP A 114 57.72 -3.51 -6.61
C ASP A 114 57.43 -3.67 -8.10
N PHE A 115 57.47 -4.91 -8.60
CA PHE A 115 57.16 -5.16 -10.01
C PHE A 115 56.14 -6.28 -10.16
N GLY A 116 55.30 -6.17 -11.18
CA GLY A 116 54.45 -7.27 -11.65
C GLY A 116 53.16 -7.52 -10.89
N TYR A 117 52.14 -7.94 -11.64
CA TYR A 117 50.84 -8.35 -11.09
C TYR A 117 50.59 -9.83 -11.39
N PHE A 118 49.98 -10.50 -10.42
CA PHE A 118 49.58 -11.90 -10.56
C PHE A 118 48.05 -12.09 -10.62
N ILE A 119 47.54 -12.61 -11.73
CA ILE A 119 46.08 -12.73 -11.93
C ILE A 119 45.55 -14.17 -11.85
N LEU A 120 45.09 -14.55 -10.67
CA LEU A 120 44.51 -15.88 -10.41
C LEU A 120 43.13 -16.04 -11.07
N TYR A 121 42.96 -17.07 -11.90
CA TYR A 121 41.73 -17.24 -12.71
C TYR A 121 41.29 -15.96 -13.40
N PRO A 122 42.04 -15.58 -14.42
CA PRO A 122 41.82 -14.39 -15.23
C PRO A 122 40.49 -14.37 -15.97
N ASP A 123 40.04 -15.51 -16.47
CA ASP A 123 38.80 -15.53 -17.25
C ASP A 123 37.56 -15.21 -16.44
N MET A 124 37.75 -15.11 -15.13
CA MET A 124 36.66 -14.89 -14.23
C MET A 124 36.72 -13.46 -13.78
N MET A 125 35.92 -12.63 -14.45
CA MET A 125 35.97 -11.17 -14.28
C MET A 125 35.07 -10.66 -13.16
N ILE A 126 35.71 -10.19 -12.09
CA ILE A 126 35.05 -9.72 -10.90
C ILE A 126 34.80 -8.23 -10.99
N SER A 127 33.67 -7.78 -10.46
CA SER A 127 33.30 -6.37 -10.58
C SER A 127 34.02 -5.51 -9.56
N GLY A 128 34.51 -4.37 -10.01
CA GLY A 128 35.26 -3.46 -9.15
C GLY A 128 34.55 -3.16 -7.85
N THR A 129 33.23 -2.97 -7.91
CA THR A 129 32.53 -2.71 -6.68
C THR A 129 32.71 -3.83 -5.67
N SER A 130 32.68 -5.08 -6.15
CA SER A 130 32.87 -6.20 -5.24
C SER A 130 34.24 -6.16 -4.60
N VAL A 131 35.25 -5.86 -5.41
CA VAL A 131 36.63 -5.77 -4.94
C VAL A 131 36.79 -4.66 -3.94
N ALA A 132 36.09 -3.55 -4.19
CA ALA A 132 36.04 -2.44 -3.26
C ALA A 132 35.37 -2.90 -1.95
N SER A 133 34.26 -3.61 -2.06
CA SER A 133 33.57 -4.09 -0.88
C SER A 133 34.50 -4.93 -0.04
N SER A 134 35.25 -5.81 -0.69
CA SER A 134 36.08 -6.78 0.04
C SER A 134 37.16 -6.18 0.94
N ILE A 135 37.57 -4.94 0.67
CA ILE A 135 38.57 -4.28 1.51
C ILE A 135 38.13 -4.40 2.95
N ARG A 136 36.90 -3.97 3.22
CA ARG A 136 36.35 -4.05 4.57
C ARG A 136 36.03 -5.49 4.97
N CYS A 137 35.37 -6.23 4.08
CA CYS A 137 35.00 -7.60 4.42
C CYS A 137 34.86 -8.49 3.20
N LEU A 138 35.81 -9.41 3.06
CA LEU A 138 35.81 -10.37 1.98
C LEU A 138 34.51 -11.15 1.99
N ARG A 139 34.19 -11.77 3.13
CA ARG A 139 32.94 -12.52 3.32
C ARG A 139 31.71 -11.72 2.84
N ARG A 140 31.60 -10.48 3.28
CA ARG A 140 30.53 -9.56 2.87
C ARG A 140 30.44 -9.42 1.35
N ALA A 141 31.61 -9.31 0.70
CA ALA A 141 31.68 -9.15 -0.74
C ALA A 141 31.21 -10.41 -1.46
N VAL A 142 31.55 -11.57 -0.89
CA VAL A 142 31.25 -12.88 -1.50
C VAL A 142 29.76 -13.19 -1.40
N LEU A 143 29.18 -12.83 -0.26
CA LEU A 143 27.77 -13.03 0.01
C LEU A 143 26.97 -12.08 -0.82
N SER A 144 27.51 -10.91 -1.07
CA SER A 144 26.87 -10.00 -1.99
C SER A 144 26.83 -10.60 -3.37
N GLU A 145 27.97 -11.09 -3.82
CA GLU A 145 28.07 -11.59 -5.17
C GLU A 145 27.11 -12.75 -5.44
N THR A 146 26.75 -13.50 -4.39
CA THR A 146 25.92 -14.71 -4.56
C THR A 146 24.44 -14.60 -4.13
N PHE A 147 24.14 -13.85 -3.07
CA PHE A 147 22.76 -13.60 -2.67
C PHE A 147 22.41 -12.17 -3.02
N ARG A 148 22.33 -11.91 -4.32
CA ARG A 148 22.28 -10.54 -4.90
C ARG A 148 21.09 -9.61 -4.54
N GLY A 149 19.93 -10.16 -4.20
CA GLY A 149 18.77 -9.35 -3.86
C GLY A 149 18.80 -8.69 -2.48
N SER A 150 19.71 -9.15 -1.62
CA SER A 150 19.71 -8.77 -0.19
C SER A 150 20.42 -7.45 0.12
N ASP A 151 20.73 -6.70 -0.93
CA ASP A 151 21.05 -5.29 -0.85
C ASP A 151 19.87 -4.57 -1.50
N PRO A 152 18.71 -4.48 -0.81
CA PRO A 152 17.56 -3.79 -1.44
C PRO A 152 17.80 -2.29 -1.74
N ALA A 153 17.29 -1.86 -2.88
CA ALA A 153 17.32 -0.47 -3.30
C ALA A 153 16.84 0.37 -2.14
N THR A 154 17.62 1.40 -1.82
CA THR A 154 17.21 2.39 -0.85
C THR A 154 16.87 3.73 -1.50
N ARG A 155 16.31 4.65 -0.70
CA ARG A 155 16.07 6.03 -1.13
C ARG A 155 17.31 6.76 -1.67
N GLN A 156 18.46 6.61 -1.02
CA GLN A 156 19.69 7.28 -1.49
C GLN A 156 20.12 6.70 -2.82
N MET A 157 20.04 5.38 -2.92
CA MET A 157 20.42 4.71 -4.13
C MET A 157 19.60 5.22 -5.33
N LEU A 158 18.31 5.47 -5.13
CA LEU A 158 17.46 6.01 -6.17
C LEU A 158 17.87 7.43 -6.57
N ILE A 159 17.94 8.28 -5.55
CA ILE A 159 18.44 9.61 -5.73
C ILE A 159 19.71 9.51 -6.55
N GLY A 160 20.69 8.76 -6.04
CA GLY A 160 21.98 8.58 -6.71
C GLY A 160 21.93 8.23 -8.18
N THR A 161 21.07 7.28 -8.53
CA THR A 161 20.91 6.90 -9.92
C THR A 161 20.32 8.07 -10.68
N ILE A 162 19.23 8.63 -10.15
CA ILE A 162 18.61 9.78 -10.77
C ILE A 162 19.62 10.90 -11.08
N LEU A 163 20.39 11.29 -10.08
CA LEU A 163 21.43 12.28 -10.26
C LEU A 163 22.52 11.92 -11.27
N HIS A 164 22.99 10.67 -11.27
CA HIS A 164 24.01 10.20 -12.21
C HIS A 164 23.56 10.41 -13.64
N GLU A 165 22.29 10.13 -13.84
CA GLU A 165 21.71 10.11 -15.14
C GLU A 165 21.57 11.56 -15.62
N VAL A 166 21.12 12.44 -14.74
CA VAL A 166 20.97 13.84 -15.08
C VAL A 166 22.32 14.40 -15.47
N PHE A 167 23.32 14.14 -14.64
CA PHE A 167 24.67 14.66 -14.84
C PHE A 167 25.29 14.25 -16.15
N GLN A 168 25.11 13.01 -16.55
CA GLN A 168 25.55 12.59 -17.87
C GLN A 168 24.73 13.29 -18.96
N LYS A 169 23.43 13.41 -18.78
CA LYS A 169 22.65 14.16 -19.73
C LYS A 169 23.19 15.59 -19.82
N ALA A 170 23.58 16.16 -18.69
CA ALA A 170 24.03 17.53 -18.67
C ALA A 170 25.32 17.69 -19.44
N ILE A 171 26.31 16.89 -19.09
CA ILE A 171 27.66 17.04 -19.63
C ILE A 171 27.72 16.84 -21.15
N SER A 172 26.71 16.19 -21.74
CA SER A 172 26.60 16.14 -23.20
C SER A 172 26.15 17.49 -23.66
N GLU A 173 25.17 18.04 -22.95
CA GLU A 173 24.50 19.32 -23.27
C GLU A 173 25.07 20.47 -22.45
N SER A 174 24.19 21.16 -21.73
CA SER A 174 24.55 22.36 -21.00
C SER A 174 24.32 22.22 -19.51
N PHE A 175 25.14 22.86 -18.69
CA PHE A 175 24.84 23.00 -17.26
C PHE A 175 24.01 24.27 -16.90
N ALA A 176 23.38 24.91 -17.90
CA ALA A 176 22.52 26.07 -17.65
C ALA A 176 21.40 25.67 -16.70
N PRO A 177 21.24 26.37 -15.56
CA PRO A 177 20.22 26.03 -14.57
C PRO A 177 18.87 25.58 -15.14
N GLU A 178 18.31 26.31 -16.11
CA GLU A 178 17.01 25.99 -16.71
C GLU A 178 17.06 24.69 -17.45
N ARG A 179 18.23 24.34 -17.97
CA ARG A 179 18.39 23.10 -18.70
C ARG A 179 18.54 21.96 -17.72
N LEU A 180 19.24 22.21 -16.61
CA LEU A 180 19.39 21.25 -15.53
C LEU A 180 18.04 20.95 -14.92
N GLN A 181 17.25 21.99 -14.68
CA GLN A 181 15.91 21.83 -14.19
C GLN A 181 15.12 20.97 -15.14
N GLU A 182 15.12 21.34 -16.41
CA GLU A 182 14.42 20.58 -17.45
C GLU A 182 14.82 19.09 -17.45
N LEU A 183 16.10 18.84 -17.25
CA LEU A 183 16.62 17.50 -17.21
C LEU A 183 16.06 16.74 -16.02
N ALA A 184 16.39 17.19 -14.81
CA ALA A 184 15.88 16.53 -13.62
C ALA A 184 14.35 16.37 -13.70
N LEU A 185 13.66 17.35 -14.24
CA LEU A 185 12.23 17.29 -14.31
C LEU A 185 11.78 16.16 -15.22
N GLN A 186 12.56 15.91 -16.27
CA GLN A 186 12.23 14.87 -17.26
C GLN A 186 12.62 13.50 -16.78
N THR A 187 13.80 13.38 -16.16
CA THR A 187 14.26 12.07 -15.80
C THR A 187 13.47 11.54 -14.61
N LEU A 188 12.88 12.45 -13.83
CA LEU A 188 12.04 12.05 -12.68
C LEU A 188 10.80 11.33 -13.11
N ARG A 189 10.43 11.43 -14.39
CA ARG A 189 9.19 10.85 -14.89
C ARG A 189 9.37 9.55 -15.62
N GLU A 190 10.61 9.14 -15.83
CA GLU A 190 10.91 7.88 -16.51
C GLU A 190 10.44 6.65 -15.76
N VAL A 191 9.72 5.78 -16.45
CA VAL A 191 9.07 4.62 -15.83
C VAL A 191 9.99 3.82 -14.92
N ARG A 192 11.26 3.75 -15.25
CA ARG A 192 12.23 3.05 -14.42
C ARG A 192 12.25 3.55 -13.01
N HIS A 193 12.27 4.87 -12.89
CA HIS A 193 12.32 5.53 -11.61
C HIS A 193 10.95 5.54 -10.96
N LEU A 194 9.91 5.79 -11.76
CA LEU A 194 8.57 5.69 -11.25
C LEU A 194 8.45 4.37 -10.51
N LYS A 195 8.91 3.30 -11.15
CA LYS A 195 8.83 1.97 -10.56
C LYS A 195 9.50 1.88 -9.22
N GLU A 196 10.70 2.45 -9.08
CA GLU A 196 11.39 2.40 -7.78
C GLU A 196 10.73 3.31 -6.73
N MET A 197 10.15 4.43 -7.18
CA MET A 197 9.42 5.28 -6.26
C MET A 197 8.25 4.45 -5.78
N TYR A 198 7.63 3.72 -6.71
CA TYR A 198 6.54 2.83 -6.34
C TYR A 198 6.95 1.77 -5.32
N ARG A 199 8.07 1.11 -5.60
CA ARG A 199 8.60 0.05 -4.74
C ARG A 199 8.79 0.51 -3.31
N LEU A 200 9.32 1.73 -3.13
CA LEU A 200 9.59 2.26 -1.79
C LEU A 200 8.49 3.19 -1.30
N ASN A 201 7.31 3.11 -1.92
CA ASN A 201 6.15 3.93 -1.56
C ASN A 201 6.50 5.39 -1.25
N LEU A 202 7.17 6.04 -2.21
CA LEU A 202 7.63 7.41 -2.06
C LEU A 202 6.77 8.35 -2.86
N SER A 203 7.03 9.65 -2.70
CA SER A 203 6.33 10.73 -3.42
C SER A 203 7.23 11.25 -4.54
N GLN A 204 6.69 11.35 -5.75
CA GLN A 204 7.47 11.81 -6.88
C GLN A 204 8.06 13.19 -6.62
N ASP A 205 7.21 14.12 -6.18
CA ASP A 205 7.60 15.49 -5.92
C ASP A 205 8.63 15.60 -4.80
N GLU A 206 8.57 14.69 -3.84
CA GLU A 206 9.54 14.71 -2.75
C GLU A 206 10.93 14.35 -3.25
N ILE A 207 10.98 13.48 -4.23
CA ILE A 207 12.25 13.08 -4.83
C ILE A 207 12.76 14.19 -5.74
N LEU A 208 11.88 14.74 -6.56
CA LEU A 208 12.22 15.90 -7.39
C LEU A 208 12.96 16.89 -6.57
N CYS A 209 12.42 17.21 -5.40
CA CYS A 209 12.92 18.31 -4.54
C CYS A 209 14.29 17.99 -3.99
N GLU A 210 14.39 16.85 -3.33
CA GLU A 210 15.64 16.30 -2.86
C GLU A 210 16.73 16.34 -3.96
N VAL A 211 16.34 16.08 -5.20
CA VAL A 211 17.26 16.03 -6.33
C VAL A 211 17.62 17.44 -6.74
N GLU A 212 16.62 18.32 -6.70
CA GLU A 212 16.77 19.68 -7.18
C GLU A 212 17.81 20.38 -6.37
N GLU A 213 17.92 20.04 -5.10
CA GLU A 213 18.86 20.81 -4.31
C GLU A 213 20.31 20.56 -4.68
N TYR A 214 20.57 19.45 -5.34
CA TYR A 214 21.92 19.15 -5.83
C TYR A 214 22.34 20.06 -7.01
N LEU A 215 21.39 20.42 -7.87
CA LEU A 215 21.68 21.03 -9.17
C LEU A 215 22.71 22.17 -9.12
N PRO A 216 22.48 23.19 -8.29
CA PRO A 216 23.46 24.24 -8.14
C PRO A 216 24.90 23.74 -8.14
N SER A 217 25.16 22.67 -7.40
CA SER A 217 26.50 22.09 -7.34
C SER A 217 26.98 21.57 -8.69
N PHE A 218 26.05 21.14 -9.54
CA PHE A 218 26.39 20.74 -10.92
C PHE A 218 26.97 21.93 -11.65
N SER A 219 26.31 23.08 -11.52
CA SER A 219 26.73 24.33 -12.15
C SER A 219 27.99 24.87 -11.54
N LYS A 220 28.12 24.74 -10.22
CA LYS A 220 29.36 25.11 -9.55
C LYS A 220 30.54 24.40 -10.19
N TRP A 221 30.41 23.08 -10.34
CA TRP A 221 31.44 22.22 -10.96
C TRP A 221 31.75 22.59 -12.40
N ALA A 222 30.71 22.77 -13.20
CA ALA A 222 30.89 23.09 -14.59
C ALA A 222 31.56 24.44 -14.74
N GLU A 223 31.16 25.41 -13.92
CA GLU A 223 31.82 26.69 -13.97
C GLU A 223 33.28 26.58 -13.56
N ASP A 224 33.59 25.70 -12.62
CA ASP A 224 34.99 25.51 -12.24
C ASP A 224 35.90 24.85 -13.28
N PHE A 225 35.40 23.83 -13.98
CA PHE A 225 36.27 22.95 -14.77
C PHE A 225 36.01 22.95 -16.25
N MET A 226 34.91 23.52 -16.68
CA MET A 226 34.53 23.40 -18.08
C MET A 226 34.25 24.77 -18.70
N ARG A 227 34.90 25.81 -18.18
CA ARG A 227 34.52 27.19 -18.42
C ARG A 227 34.96 27.78 -19.75
N LYS A 228 36.07 27.32 -20.31
CA LYS A 228 36.62 27.92 -21.56
C LYS A 228 36.97 29.43 -21.36
N GLY A 229 38.25 29.64 -21.03
CA GLY A 229 38.83 30.94 -20.73
C GLY A 229 40.29 30.66 -20.39
N PRO A 230 40.99 31.67 -19.85
CA PRO A 230 42.38 31.57 -19.35
C PRO A 230 42.73 30.31 -18.57
N SER A 231 43.86 29.70 -18.93
CA SER A 231 44.25 28.45 -18.32
C SER A 231 44.82 28.67 -16.93
N SER A 232 45.18 29.91 -16.62
CA SER A 232 45.52 30.31 -15.26
C SER A 232 44.35 30.03 -14.34
N GLU A 233 43.15 30.21 -14.88
CA GLU A 233 41.95 30.43 -14.07
C GLU A 233 41.07 29.19 -13.89
N PHE A 234 41.63 28.01 -14.18
CA PHE A 234 41.01 26.71 -13.88
C PHE A 234 41.49 26.21 -12.50
N PRO A 235 40.83 25.18 -11.91
CA PRO A 235 41.26 24.83 -10.56
C PRO A 235 42.60 24.20 -10.62
N GLN A 236 43.30 24.28 -9.50
CA GLN A 236 44.72 24.12 -9.50
C GLN A 236 45.12 23.14 -8.42
N MET A 237 45.71 22.04 -8.84
CA MET A 237 46.05 20.96 -7.92
C MET A 237 47.32 20.23 -8.34
N GLN A 238 47.98 19.59 -7.36
CA GLN A 238 49.13 18.76 -7.66
C GLN A 238 48.66 17.41 -8.20
N LEU A 239 49.39 16.89 -9.16
CA LEU A 239 48.96 15.69 -9.83
C LEU A 239 50.17 14.94 -10.34
N SER A 240 50.72 14.08 -9.49
CA SER A 240 51.94 13.35 -9.82
C SER A 240 51.66 12.11 -10.64
N LEU A 241 51.91 12.19 -11.94
CA LEU A 241 51.74 11.01 -12.78
C LEU A 241 53.00 10.16 -12.72
N PRO A 242 53.02 9.02 -13.46
CA PRO A 242 54.34 8.43 -13.76
C PRO A 242 55.17 9.39 -14.60
N SER A 243 54.57 9.90 -15.69
CA SER A 243 55.23 10.83 -16.63
C SER A 243 56.31 11.72 -16.01
N ASP A 244 57.52 11.67 -16.59
CA ASP A 244 58.73 12.35 -16.07
C ASP A 244 58.58 13.86 -15.82
N GLY A 245 59.60 14.45 -15.21
CA GLY A 245 59.67 15.90 -14.94
C GLY A 245 60.66 16.29 -13.86
N ARG A 248 55.87 13.60 -9.63
CA ARG A 248 55.48 14.73 -10.48
C ARG A 248 54.78 15.90 -9.73
N SER A 249 55.59 16.73 -9.06
CA SER A 249 55.06 17.79 -8.20
C SER A 249 54.89 19.14 -8.92
N SER A 250 54.82 20.23 -8.13
CA SER A 250 54.38 21.57 -8.56
C SER A 250 52.97 21.56 -9.19
N PRO A 251 52.05 22.40 -8.64
CA PRO A 251 50.63 22.40 -9.05
C PRO A 251 50.43 22.55 -10.57
N CYS A 252 49.21 22.35 -11.05
CA CYS A 252 48.86 22.60 -12.45
C CYS A 252 47.35 22.83 -12.58
N ASN A 253 46.87 23.14 -13.77
CA ASN A 253 45.48 23.59 -13.90
C ASN A 253 44.63 22.62 -14.68
N ILE A 254 43.45 22.31 -14.14
CA ILE A 254 42.63 21.23 -14.70
C ILE A 254 41.42 21.74 -15.47
N GLU A 255 41.26 21.33 -16.71
CA GLU A 255 40.11 21.76 -17.55
C GLU A 255 39.41 20.62 -18.26
N VAL A 256 38.21 20.29 -17.79
CA VAL A 256 37.39 19.27 -18.44
C VAL A 256 36.94 19.85 -19.79
N VAL A 257 37.22 19.13 -20.86
CA VAL A 257 36.98 19.69 -22.17
C VAL A 257 35.63 19.24 -22.63
N LYS A 258 35.50 17.94 -22.81
CA LYS A 258 34.22 17.35 -23.10
C LYS A 258 34.13 15.98 -22.45
N SER A 259 32.91 15.48 -22.34
CA SER A 259 32.68 14.10 -22.01
C SER A 259 32.81 13.36 -23.33
N LEU A 260 33.60 12.30 -23.30
CA LEU A 260 33.82 11.48 -24.47
C LEU A 260 32.90 10.31 -24.41
N ASP A 261 32.69 9.77 -23.20
CA ASP A 261 31.86 8.58 -23.03
C ASP A 261 31.13 8.44 -21.69
N ILE A 262 29.87 7.99 -21.74
CA ILE A 262 29.11 7.70 -20.52
C ILE A 262 28.72 6.22 -20.41
N GLU A 263 28.81 5.67 -19.21
CA GLU A 263 28.45 4.27 -18.95
C GLU A 263 29.24 3.32 -19.83
N GLU A 264 30.55 3.51 -19.85
CA GLU A 264 31.41 2.66 -20.64
C GLU A 264 31.55 1.31 -19.96
N SER A 265 30.87 0.33 -20.53
CA SER A 265 30.92 -1.03 -20.05
C SER A 265 32.22 -1.71 -20.48
N ILE A 266 32.96 -2.29 -19.55
CA ILE A 266 34.27 -2.89 -19.91
C ILE A 266 34.58 -4.25 -19.24
N TRP A 267 35.10 -5.19 -20.01
CA TRP A 267 35.56 -6.47 -19.48
C TRP A 267 37.06 -6.58 -19.67
N SER A 268 37.75 -6.99 -18.62
CA SER A 268 39.18 -7.13 -18.69
C SER A 268 39.62 -8.56 -18.47
N PRO A 269 39.88 -9.28 -19.57
CA PRO A 269 40.53 -10.58 -19.53
C PRO A 269 41.92 -10.41 -18.96
N ARG A 270 42.35 -9.17 -18.81
CA ARG A 270 43.71 -8.95 -18.42
C ARG A 270 43.88 -8.97 -16.91
N PHE A 271 42.91 -8.40 -16.19
CA PHE A 271 42.99 -8.35 -14.74
C PHE A 271 41.86 -9.14 -14.13
N GLY A 272 40.96 -9.63 -14.96
CA GLY A 272 39.81 -10.38 -14.45
C GLY A 272 39.01 -9.41 -13.64
N LEU A 273 38.57 -8.36 -14.30
CA LEU A 273 37.77 -7.32 -13.70
C LEU A 273 36.76 -6.91 -14.72
N LYS A 274 35.59 -6.52 -14.24
CA LYS A 274 34.62 -5.90 -15.10
C LYS A 274 34.20 -4.64 -14.37
N GLY A 275 33.65 -3.69 -15.12
CA GLY A 275 33.25 -2.40 -14.56
C GLY A 275 32.51 -1.53 -15.54
N LYS A 276 31.85 -0.52 -15.00
CA LYS A 276 31.14 0.44 -15.79
C LYS A 276 31.61 1.87 -15.42
N ILE A 277 32.34 2.52 -16.33
CA ILE A 277 32.80 3.87 -16.08
C ILE A 277 31.69 4.88 -16.32
N ALA A 278 31.24 5.49 -15.24
CA ALA A 278 30.21 6.51 -15.26
C ALA A 278 30.44 7.49 -16.42
N VAL A 279 31.58 8.17 -16.40
CA VAL A 279 31.93 9.12 -17.46
C VAL A 279 33.42 9.10 -17.77
N THR A 280 33.71 9.09 -19.06
CA THR A 280 35.04 9.28 -19.56
C THR A 280 35.13 10.70 -20.12
N VAL A 281 36.14 11.44 -19.69
CA VAL A 281 36.25 12.84 -20.05
C VAL A 281 37.57 13.16 -20.75
N GLY A 282 37.55 14.15 -21.66
CA GLY A 282 38.78 14.70 -22.22
C GLY A 282 39.29 15.80 -21.31
N VAL A 283 40.52 15.66 -20.84
CA VAL A 283 41.08 16.58 -19.85
C VAL A 283 42.35 17.26 -20.37
N LYS A 284 42.55 18.51 -20.00
CA LYS A 284 43.73 19.26 -20.39
C LYS A 284 44.45 19.67 -19.15
N ILE A 285 45.66 19.18 -18.99
CA ILE A 285 46.47 19.56 -17.88
C ILE A 285 47.37 20.73 -18.32
N HIS A 286 47.00 21.93 -17.91
CA HIS A 286 47.79 23.13 -18.18
C HIS A 286 48.87 23.23 -17.14
N ARG A 287 50.07 23.47 -17.63
CA ARG A 287 51.33 23.31 -16.89
C ARG A 287 52.21 24.48 -17.37
N ASP A 288 52.39 25.48 -16.52
CA ASP A 288 53.00 26.76 -16.96
C ASP A 288 52.29 27.20 -18.24
N CYS A 289 53.04 27.35 -19.33
CA CYS A 289 52.41 27.71 -20.58
C CYS A 289 52.10 26.49 -21.47
N LYS A 290 52.61 25.32 -21.08
CA LYS A 290 52.41 24.08 -21.84
C LYS A 290 51.09 23.43 -21.43
N MET A 291 50.63 22.48 -22.24
CA MET A 291 49.39 21.77 -21.98
C MET A 291 49.56 20.31 -22.37
N LYS A 292 48.92 19.41 -21.62
CA LYS A 292 48.92 17.99 -21.97
C LYS A 292 47.47 17.47 -21.96
N TYR A 293 47.02 16.88 -23.07
CA TYR A 293 45.64 16.35 -23.13
C TYR A 293 45.50 14.85 -22.88
N LYS A 294 44.77 14.49 -21.84
CA LYS A 294 44.63 13.09 -21.44
C LYS A 294 43.16 12.73 -21.35
N VAL A 295 42.81 11.55 -21.83
CA VAL A 295 41.46 11.06 -21.68
C VAL A 295 41.44 10.23 -20.42
N MET A 296 40.65 10.69 -19.46
CA MET A 296 40.63 10.09 -18.12
C MET A 296 39.24 9.65 -17.68
N PRO A 297 39.16 8.68 -16.75
CA PRO A 297 37.86 8.23 -16.30
C PRO A 297 37.39 9.02 -15.07
N LEU A 298 36.10 9.41 -15.08
CA LEU A 298 35.51 10.10 -13.93
C LEU A 298 34.39 9.31 -13.25
N GLU A 299 34.51 9.14 -11.94
CA GLU A 299 33.53 8.43 -11.12
C GLU A 299 32.67 9.43 -10.34
N LEU A 300 31.35 9.28 -10.45
CA LEU A 300 30.40 10.14 -9.77
C LEU A 300 29.86 9.47 -8.52
N LYS A 301 29.68 10.26 -7.46
CA LYS A 301 29.20 9.76 -6.18
C LYS A 301 28.22 10.75 -5.55
N THR A 302 27.06 10.27 -5.13
CA THR A 302 26.04 11.18 -4.65
C THR A 302 26.05 11.19 -3.14
N GLY A 303 26.89 10.36 -2.55
CA GLY A 303 27.00 10.31 -1.11
C GLY A 303 27.50 11.53 -0.34
N LYS A 304 28.06 11.26 0.83
CA LYS A 304 28.77 12.24 1.60
C LYS A 304 30.15 12.25 1.06
N GLU A 305 30.73 13.45 1.04
CA GLU A 305 32.08 13.68 0.52
C GLU A 305 33.09 13.02 1.44
N SER A 306 33.29 11.72 1.26
CA SER A 306 34.09 10.96 2.19
C SER A 306 35.50 10.82 1.70
N ASN A 307 35.69 10.83 0.38
CA ASN A 307 36.98 10.48 -0.22
C ASN A 307 37.52 9.16 0.33
N SER A 308 36.59 8.29 0.74
CA SER A 308 36.90 7.02 1.35
C SER A 308 37.77 6.14 0.45
N ILE A 309 38.56 5.27 1.05
CA ILE A 309 39.37 4.30 0.30
C ILE A 309 38.52 3.57 -0.75
N GLU A 310 37.38 2.99 -0.33
CA GLU A 310 36.45 2.33 -1.25
C GLU A 310 36.36 3.14 -2.52
N HIS A 311 36.06 4.42 -2.33
CA HIS A 311 35.77 5.30 -3.43
C HIS A 311 36.94 5.48 -4.34
N ARG A 312 38.09 5.75 -3.74
CA ARG A 312 39.31 5.95 -4.48
C ARG A 312 39.70 4.65 -5.24
N SER A 313 39.65 3.53 -4.53
CA SER A 313 39.99 2.21 -5.08
C SER A 313 39.17 1.92 -6.31
N GLN A 314 37.92 2.37 -6.28
CA GLN A 314 37.04 2.22 -7.43
C GLN A 314 37.59 2.93 -8.65
N VAL A 315 38.18 4.09 -8.45
CA VAL A 315 38.83 4.86 -9.51
C VAL A 315 40.08 4.17 -10.04
N VAL A 316 40.96 3.76 -9.11
CA VAL A 316 42.15 2.98 -9.43
C VAL A 316 41.81 1.79 -10.35
N LEU A 317 40.68 1.14 -10.05
CA LEU A 317 40.26 -0.02 -10.83
C LEU A 317 39.78 0.43 -12.19
N TYR A 318 39.27 1.64 -12.23
CA TYR A 318 38.75 2.18 -13.47
C TYR A 318 39.86 2.46 -14.42
N THR A 319 41.03 2.76 -13.87
CA THR A 319 42.20 3.08 -14.69
C THR A 319 42.63 1.82 -15.44
N LEU A 320 42.50 0.67 -14.76
CA LEU A 320 42.83 -0.63 -15.35
C LEU A 320 41.82 -0.97 -16.41
N LEU A 321 40.55 -1.04 -16.06
CA LEU A 321 39.52 -1.25 -17.08
C LEU A 321 39.81 -0.49 -18.37
N SER A 322 40.31 0.74 -18.21
CA SER A 322 40.57 1.66 -19.32
C SER A 322 41.64 1.17 -20.31
N GLN A 323 42.70 0.58 -19.76
CA GLN A 323 43.80 0.09 -20.58
C GLN A 323 43.31 -0.83 -21.69
N GLU A 324 42.32 -1.66 -21.35
CA GLU A 324 41.62 -2.55 -22.30
C GLU A 324 40.98 -1.79 -23.48
N ARG A 325 41.15 -0.48 -23.54
CA ARG A 325 40.45 0.32 -24.53
C ARG A 325 41.34 1.39 -25.14
N ARG A 326 42.28 1.87 -24.33
CA ARG A 326 43.09 3.02 -24.68
C ARG A 326 44.31 3.01 -23.82
N GLU A 327 45.12 4.05 -23.95
CA GLU A 327 46.32 4.23 -23.15
C GLU A 327 45.99 4.15 -21.67
N ASP A 328 46.97 3.72 -20.87
CA ASP A 328 46.81 3.75 -19.43
C ASP A 328 46.66 5.21 -18.98
N PRO A 329 45.48 5.58 -18.45
CA PRO A 329 45.33 6.99 -18.13
C PRO A 329 46.07 7.41 -16.87
N GLU A 330 46.71 6.47 -16.18
CA GLU A 330 47.60 6.78 -15.05
C GLU A 330 46.91 7.30 -13.78
N ALA A 331 45.81 8.04 -13.95
CA ALA A 331 44.99 8.52 -12.83
C ALA A 331 43.55 8.84 -13.25
N GLY A 332 42.70 9.14 -12.27
CA GLY A 332 41.29 9.44 -12.54
C GLY A 332 40.63 10.34 -11.51
N TRP A 333 39.36 10.62 -11.75
CA TRP A 333 38.63 11.64 -10.99
C TRP A 333 37.41 11.14 -10.23
N LEU A 334 37.31 11.57 -8.97
CA LEU A 334 36.16 11.28 -8.11
C LEU A 334 35.32 12.52 -7.88
N LEU A 335 34.04 12.48 -8.27
CA LEU A 335 33.25 13.71 -8.25
C LEU A 335 32.51 14.07 -6.94
N TYR A 336 31.50 13.37 -6.47
CA TYR A 336 30.77 13.88 -5.28
C TYR A 336 29.86 15.04 -5.64
N LEU A 337 28.83 14.72 -6.41
CA LEU A 337 27.88 15.72 -6.92
C LEU A 337 27.17 16.55 -5.83
N LYS A 338 27.17 16.04 -4.61
CA LYS A 338 26.54 16.75 -3.50
C LYS A 338 27.10 18.15 -3.41
N THR A 339 28.43 18.22 -3.39
CA THR A 339 29.13 19.46 -3.13
C THR A 339 29.85 20.01 -4.34
N GLY A 340 29.85 19.26 -5.45
CA GLY A 340 30.51 19.67 -6.69
C GLY A 340 32.02 19.48 -6.71
N GLN A 341 32.57 18.84 -5.66
CA GLN A 341 34.02 18.72 -5.37
C GLN A 341 34.76 17.54 -6.00
N MET A 342 35.59 17.79 -7.01
CA MET A 342 36.34 16.74 -7.73
C MET A 342 37.73 16.51 -7.17
N TYR A 343 38.04 15.26 -6.86
CA TYR A 343 39.32 14.88 -6.31
C TYR A 343 40.14 14.11 -7.33
N PRO A 344 41.48 14.30 -7.31
CA PRO A 344 42.31 13.45 -8.15
C PRO A 344 42.65 12.12 -7.44
N VAL A 345 42.50 11.02 -8.15
CA VAL A 345 42.95 9.75 -7.61
C VAL A 345 43.97 9.18 -8.57
N PRO A 346 45.23 9.09 -8.11
CA PRO A 346 46.32 8.53 -8.87
C PRO A 346 46.40 7.01 -8.68
N ALA A 347 46.56 6.31 -9.79
CA ALA A 347 46.73 4.87 -9.77
C ALA A 347 48.19 4.51 -9.43
N ASN A 348 48.53 4.59 -8.15
CA ASN A 348 49.86 4.19 -7.71
C ASN A 348 50.01 2.68 -7.89
N HIS A 349 51.23 2.24 -8.13
CA HIS A 349 51.47 0.81 -8.26
C HIS A 349 51.06 0.10 -6.97
N LEU A 350 51.46 0.66 -5.81
CA LEU A 350 51.09 0.07 -4.52
C LEU A 350 49.59 -0.21 -4.41
N ASP A 351 48.79 0.74 -4.90
CA ASP A 351 47.36 0.62 -4.88
C ASP A 351 46.90 -0.43 -5.88
N LYS A 352 47.32 -0.30 -7.14
CA LYS A 352 46.98 -1.28 -8.17
C LYS A 352 47.31 -2.71 -7.76
N ARG A 353 48.48 -2.87 -7.15
CA ARG A 353 48.92 -4.15 -6.66
C ARG A 353 48.06 -4.61 -5.48
N GLU A 354 48.01 -3.80 -4.43
CA GLU A 354 47.24 -4.13 -3.23
C GLU A 354 45.83 -4.60 -3.53
N LEU A 355 45.21 -3.97 -4.54
CA LEU A 355 43.86 -4.25 -5.00
C LEU A 355 43.73 -5.52 -5.82
N LEU A 356 44.61 -5.73 -6.79
CA LEU A 356 44.62 -6.97 -7.55
C LEU A 356 44.97 -8.18 -6.67
N LYS A 357 45.79 -7.94 -5.66
CA LYS A 357 46.05 -8.92 -4.60
C LYS A 357 44.76 -9.35 -3.93
N LEU A 358 43.99 -8.38 -3.43
CA LEU A 358 42.69 -8.62 -2.82
C LEU A 358 41.69 -9.25 -3.78
N ARG A 359 41.77 -8.85 -5.05
CA ARG A 359 40.86 -9.32 -6.08
C ARG A 359 41.11 -10.77 -6.42
N ASN A 360 42.30 -11.27 -6.05
CA ASN A 360 42.62 -12.69 -6.15
C ASN A 360 41.88 -13.50 -5.11
N TRP A 361 41.99 -13.10 -3.84
CA TRP A 361 41.26 -13.74 -2.78
C TRP A 361 39.75 -13.80 -3.06
N LEU A 362 39.23 -12.80 -3.76
CA LEU A 362 37.82 -12.81 -4.09
C LEU A 362 37.53 -13.80 -5.19
N ALA A 363 38.34 -13.78 -6.24
CA ALA A 363 38.19 -14.72 -7.33
C ALA A 363 38.31 -16.15 -6.83
N ALA A 364 39.21 -16.35 -5.87
CA ALA A 364 39.37 -17.64 -5.25
C ALA A 364 38.05 -17.98 -4.52
N SER A 365 37.69 -17.18 -3.51
CA SER A 365 36.51 -17.46 -2.69
C SER A 365 35.25 -17.83 -3.48
N LEU A 366 35.09 -17.22 -4.65
CA LEU A 366 33.88 -17.43 -5.44
C LEU A 366 33.95 -18.71 -6.26
N LEU A 367 35.16 -19.19 -6.47
CA LEU A 367 35.37 -20.37 -7.28
C LEU A 367 35.52 -21.62 -6.43
N HIS A 368 35.93 -21.47 -5.19
CA HIS A 368 36.13 -22.63 -4.39
C HIS A 368 34.97 -22.77 -3.40
N ARG A 369 33.85 -23.28 -3.89
CA ARG A 369 32.60 -23.27 -3.14
C ARG A 369 32.23 -24.61 -2.49
N VAL A 370 32.57 -25.70 -3.17
CA VAL A 370 32.24 -27.05 -2.70
C VAL A 370 33.48 -27.95 -2.45
N SER A 371 33.51 -28.59 -1.28
CA SER A 371 34.69 -29.29 -0.81
C SER A 371 34.54 -30.82 -0.74
N ARG A 372 35.45 -31.52 -1.43
CA ARG A 372 35.60 -32.98 -1.31
C ARG A 372 35.67 -33.51 0.12
N ALA A 373 36.79 -33.24 0.81
CA ALA A 373 37.12 -33.78 2.12
C ALA A 373 37.89 -35.11 2.00
N ALA A 374 37.77 -35.76 0.85
CA ALA A 374 38.51 -36.98 0.52
C ALA A 374 38.34 -37.18 -0.97
N PRO A 375 39.41 -36.89 -1.75
CA PRO A 375 39.37 -36.75 -3.24
C PRO A 375 38.46 -37.74 -4.03
N GLY A 376 37.16 -37.44 -4.08
CA GLY A 376 36.18 -38.32 -4.73
C GLY A 376 35.07 -38.82 -3.81
N GLU A 377 35.03 -38.29 -2.58
CA GLU A 377 33.96 -38.59 -1.63
C GLU A 377 32.95 -37.44 -1.67
N GLU A 378 31.71 -37.73 -1.25
CA GLU A 378 30.59 -36.79 -1.28
C GLU A 378 30.87 -35.33 -0.87
N ALA A 379 30.17 -34.42 -1.55
CA ALA A 379 30.37 -32.97 -1.48
C ALA A 379 30.00 -32.28 -0.17
N ARG A 380 30.64 -31.13 0.06
CA ARG A 380 30.41 -30.25 1.21
C ARG A 380 30.32 -28.84 0.68
N LEU A 381 29.60 -27.97 1.38
CA LEU A 381 29.69 -26.56 1.06
C LEU A 381 30.86 -25.94 1.81
N SER A 382 31.87 -25.48 1.07
CA SER A 382 33.05 -24.82 1.66
C SER A 382 32.63 -23.60 2.46
N ALA A 383 33.22 -23.42 3.65
CA ALA A 383 33.00 -22.21 4.43
C ALA A 383 33.44 -20.98 3.64
N LEU A 384 32.94 -19.83 4.06
CA LEU A 384 33.31 -18.59 3.42
C LEU A 384 34.47 -17.97 4.18
N PRO A 385 35.11 -16.93 3.61
CA PRO A 385 35.98 -16.11 4.42
C PRO A 385 35.35 -15.91 5.79
N GLN A 386 36.16 -15.92 6.83
CA GLN A 386 35.60 -15.87 8.16
C GLN A 386 34.94 -14.53 8.48
N ILE A 387 34.16 -14.53 9.56
CA ILE A 387 33.50 -13.33 10.10
C ILE A 387 34.52 -12.37 10.74
N ILE A 388 34.55 -11.13 10.25
CA ILE A 388 35.50 -10.11 10.72
C ILE A 388 35.34 -9.79 12.20
N GLU A 389 36.42 -9.31 12.81
CA GLU A 389 36.41 -8.88 14.20
C GLU A 389 36.16 -7.36 14.36
N GLU A 390 35.92 -6.67 13.25
CA GLU A 390 35.65 -5.22 13.26
C GLU A 390 34.15 -4.91 13.40
N GLU A 391 33.64 -4.97 14.62
CA GLU A 391 32.20 -4.84 14.91
C GLU A 391 31.56 -3.56 14.37
N LYS A 392 32.38 -2.56 14.09
CA LYS A 392 31.91 -1.28 13.55
C LYS A 392 31.25 -1.49 12.18
N THR A 393 31.92 -2.26 11.32
CA THR A 393 31.43 -2.61 9.98
C THR A 393 30.17 -3.48 10.03
N CYS A 394 30.26 -4.61 10.75
CA CYS A 394 29.13 -5.53 10.91
C CYS A 394 27.83 -4.82 11.23
N LYS A 395 27.86 -3.99 12.28
CA LYS A 395 26.69 -3.29 12.84
C LYS A 395 25.56 -2.96 11.86
N TYR A 396 25.90 -2.36 10.71
CA TYR A 396 24.93 -2.14 9.64
C TYR A 396 25.43 -2.79 8.36
N CYS A 397 25.04 -4.05 8.13
CA CYS A 397 25.58 -4.83 7.02
C CYS A 397 24.63 -5.21 5.87
N SER A 398 23.36 -5.44 6.14
CA SER A 398 22.40 -5.88 5.10
C SER A 398 22.60 -7.35 4.73
N GLN A 399 23.88 -7.73 4.61
CA GLN A 399 24.26 -9.10 4.34
C GLN A 399 24.35 -9.90 5.63
N ILE A 400 24.31 -9.20 6.76
CA ILE A 400 24.28 -9.82 8.10
C ILE A 400 23.30 -11.00 8.21
N GLY A 401 22.04 -10.78 7.84
CA GLY A 401 21.04 -11.84 7.74
C GLY A 401 21.64 -13.13 7.18
N ASN A 402 22.13 -13.10 5.94
CA ASN A 402 22.71 -14.29 5.31
C ASN A 402 24.00 -14.74 5.98
N CYS A 403 24.83 -13.79 6.40
CA CYS A 403 26.05 -14.13 7.10
C CYS A 403 25.78 -14.99 8.35
N ALA A 404 24.94 -14.46 9.24
CA ALA A 404 24.44 -15.23 10.37
C ALA A 404 23.83 -16.57 9.93
N LEU A 405 23.06 -16.54 8.85
CA LEU A 405 22.35 -17.72 8.34
C LEU A 405 23.29 -18.77 7.77
N TYR A 406 24.17 -18.35 6.86
CA TYR A 406 25.13 -19.27 6.24
C TYR A 406 26.06 -19.88 7.30
N SER A 407 26.44 -19.04 8.26
CA SER A 407 27.16 -19.47 9.44
C SER A 407 26.48 -20.65 10.15
N ARG A 408 25.30 -20.42 10.72
CA ARG A 408 24.57 -21.48 11.43
C ARG A 408 24.40 -22.76 10.63
N ALA A 409 23.94 -22.63 9.38
CA ALA A 409 23.68 -23.79 8.55
C ALA A 409 24.90 -24.35 7.79
N VAL A 410 26.08 -23.71 7.90
CA VAL A 410 27.37 -24.38 7.57
C VAL A 410 28.55 -23.92 8.45
N GLU A 411 28.83 -24.65 9.53
CA GLU A 411 29.79 -24.17 10.53
C GLU A 411 30.54 -25.22 11.36
N GLU A 412 31.36 -24.73 12.28
CA GLU A 412 32.06 -25.57 13.25
C GLU A 412 32.45 -24.74 14.48
N ASP A 415 33.78 -28.49 18.30
CA ASP A 415 34.53 -28.15 19.50
C ASP A 415 34.96 -26.68 19.52
N ASP A 416 35.15 -26.11 18.34
CA ASP A 416 35.80 -24.82 18.18
C ASP A 416 34.81 -23.64 18.10
N ALA A 417 34.65 -23.08 16.90
CA ALA A 417 34.11 -21.73 16.68
C ALA A 417 35.24 -20.70 16.75
N SER A 418 35.57 -20.25 17.96
CA SER A 418 36.50 -19.11 18.22
C SER A 418 36.38 -17.98 17.18
N ILE A 419 35.21 -17.36 17.23
CA ILE A 419 34.77 -16.32 16.31
C ILE A 419 34.15 -15.27 17.23
N PRO A 420 34.51 -13.98 17.04
CA PRO A 420 34.17 -12.91 17.99
C PRO A 420 32.85 -13.09 18.74
N GLU A 421 32.96 -13.38 20.04
CA GLU A 421 31.81 -13.58 20.93
C GLU A 421 30.77 -12.46 20.89
N ALA A 422 31.20 -11.30 20.40
CA ALA A 422 30.28 -10.19 20.16
C ALA A 422 29.28 -10.59 19.09
N MET A 423 29.78 -11.24 18.04
CA MET A 423 28.97 -11.66 16.90
C MET A 423 28.16 -12.93 17.21
N LEU A 424 28.82 -13.94 17.77
CA LEU A 424 28.18 -15.21 18.16
C LEU A 424 26.74 -15.05 18.65
N SER A 425 26.53 -14.03 19.46
CA SER A 425 25.22 -13.72 20.02
C SER A 425 24.26 -13.20 18.95
N LYS A 426 24.68 -12.20 18.17
CA LYS A 426 23.85 -11.65 17.07
C LYS A 426 23.45 -12.72 16.05
N ILE A 427 24.36 -13.64 15.77
CA ILE A 427 24.07 -14.80 14.94
C ILE A 427 22.85 -15.52 15.47
N GLN A 428 22.85 -15.85 16.76
CA GLN A 428 21.71 -16.51 17.40
C GLN A 428 20.44 -15.67 17.39
N GLU A 429 20.55 -14.39 17.75
CA GLU A 429 19.44 -13.46 17.68
C GLU A 429 18.82 -13.53 16.29
N GLU A 430 19.67 -13.65 15.28
CA GLU A 430 19.23 -13.65 13.88
C GLU A 430 18.56 -14.93 13.43
N THR A 431 18.97 -16.06 14.01
CA THR A 431 18.61 -17.35 13.50
C THR A 431 17.85 -18.21 14.51
N ARG A 432 17.39 -17.64 15.62
CA ARG A 432 16.72 -18.45 16.64
C ARG A 432 15.32 -18.84 16.19
N HIS A 433 14.75 -18.08 15.25
CA HIS A 433 13.40 -18.35 14.75
C HIS A 433 13.36 -19.68 14.00
N LEU A 434 14.54 -20.14 13.60
CA LEU A 434 14.68 -21.28 12.71
C LEU A 434 14.78 -22.57 13.49
N GLN A 435 14.40 -23.68 12.87
CA GLN A 435 14.66 -24.97 13.46
C GLN A 435 15.68 -25.77 12.70
N LEU A 436 16.07 -26.89 13.29
CA LEU A 436 17.13 -27.70 12.78
C LEU A 436 16.81 -28.19 11.36
N ALA A 437 15.55 -28.54 11.10
CA ALA A 437 15.18 -28.96 9.76
C ALA A 437 15.25 -27.84 8.75
N HIS A 438 14.88 -26.62 9.17
CA HIS A 438 14.90 -25.46 8.30
C HIS A 438 16.32 -25.18 7.87
N LEU A 439 17.23 -25.28 8.83
CA LEU A 439 18.65 -25.06 8.58
C LEU A 439 19.22 -26.12 7.66
N LYS A 440 18.87 -27.37 7.92
CA LYS A 440 19.35 -28.47 7.09
C LYS A 440 18.86 -28.29 5.68
N TYR A 441 17.55 -28.04 5.50
CA TYR A 441 16.93 -27.75 4.20
C TYR A 441 17.64 -26.64 3.44
N PHE A 442 17.86 -25.51 4.11
CA PHE A 442 18.59 -24.40 3.51
C PHE A 442 19.96 -24.85 3.05
N SER A 443 20.75 -25.38 3.97
CA SER A 443 22.08 -25.84 3.64
C SER A 443 22.09 -26.75 2.40
N LEU A 444 21.21 -27.74 2.37
CA LEU A 444 21.20 -28.69 1.27
C LEU A 444 20.83 -28.09 -0.08
N TRP A 445 19.81 -27.23 -0.10
CA TRP A 445 19.48 -26.60 -1.37
C TRP A 445 20.58 -25.68 -1.90
N CYS A 446 21.32 -25.04 -1.01
CA CYS A 446 22.49 -24.30 -1.45
C CYS A 446 23.57 -25.20 -2.08
N LEU A 447 23.78 -26.36 -1.46
CA LEU A 447 24.75 -27.30 -1.98
C LEU A 447 24.32 -27.71 -3.38
N MET A 448 23.10 -28.24 -3.49
CA MET A 448 22.61 -28.69 -4.79
C MET A 448 22.75 -27.57 -5.82
N LEU A 449 22.21 -26.42 -5.49
CA LEU A 449 22.25 -25.30 -6.38
C LEU A 449 23.67 -24.95 -6.77
N THR A 450 24.57 -24.90 -5.80
CA THR A 450 25.94 -24.59 -6.14
C THR A 450 26.49 -25.54 -7.17
N LEU A 451 26.28 -26.84 -6.94
CA LEU A 451 26.90 -27.88 -7.74
C LEU A 451 26.42 -27.79 -9.18
N GLU A 452 25.10 -27.64 -9.33
CA GLU A 452 24.46 -27.38 -10.59
C GLU A 452 25.09 -26.15 -11.24
N SER A 453 25.11 -25.04 -10.53
CA SER A 453 25.72 -23.82 -11.04
C SER A 453 27.14 -24.01 -11.54
N GLN A 454 27.96 -24.71 -10.78
CA GLN A 454 29.35 -24.89 -11.14
C GLN A 454 29.60 -25.92 -12.23
N SER A 455 28.56 -26.60 -12.71
CA SER A 455 28.73 -27.67 -13.71
C SER A 455 29.35 -27.15 -14.98
N LYS A 456 30.19 -28.00 -15.59
CA LYS A 456 31.08 -27.68 -16.75
C LYS A 456 30.38 -26.98 -17.92
N ASP A 457 29.10 -27.31 -18.12
CA ASP A 457 28.23 -26.68 -19.12
C ASP A 457 28.14 -25.15 -18.94
N ASN A 458 27.99 -24.72 -17.69
CA ASN A 458 27.83 -23.32 -17.33
C ASN A 458 29.12 -22.70 -16.78
N ARG A 459 30.24 -23.12 -17.36
CA ARG A 459 31.59 -22.72 -16.93
C ARG A 459 32.54 -22.35 -18.08
N LYS A 460 32.01 -22.33 -19.31
CA LYS A 460 32.78 -21.94 -20.50
C LYS A 460 33.05 -20.43 -20.52
N THR A 461 34.25 -20.06 -20.96
CA THR A 461 34.79 -18.67 -20.88
C THR A 461 34.72 -17.89 -22.19
N HIS A 462 35.19 -16.64 -22.13
CA HIS A 462 35.09 -15.70 -23.24
C HIS A 462 36.27 -15.75 -24.20
N GLN A 463 37.10 -16.78 -24.10
CA GLN A 463 38.31 -16.88 -24.93
C GLN A 463 38.02 -16.87 -26.43
N SER A 464 36.93 -17.53 -26.80
CA SER A 464 36.49 -17.58 -28.19
C SER A 464 36.30 -16.18 -28.75
N ILE A 465 35.81 -15.29 -27.89
CA ILE A 465 35.44 -13.94 -28.28
C ILE A 465 36.65 -13.08 -28.54
N TRP A 466 37.63 -13.14 -27.65
CA TRP A 466 38.76 -12.25 -27.73
C TRP A 466 40.06 -12.87 -28.21
N LEU A 467 40.07 -14.17 -28.50
CA LEU A 467 41.31 -14.82 -28.94
C LEU A 467 41.32 -15.45 -30.34
N THR A 468 40.28 -16.20 -30.70
CA THR A 468 40.17 -16.66 -32.07
C THR A 468 39.42 -15.61 -32.84
N PRO A 469 39.88 -15.29 -34.06
CA PRO A 469 39.17 -14.37 -34.96
C PRO A 469 37.86 -14.95 -35.51
N ALA A 470 37.04 -14.06 -36.07
CA ALA A 470 35.63 -14.33 -36.35
C ALA A 470 35.31 -15.50 -37.31
N SER A 471 36.18 -15.74 -38.29
CA SER A 471 35.92 -16.74 -39.35
C SER A 471 35.72 -18.16 -38.83
N GLU A 472 36.72 -18.66 -38.09
CA GLU A 472 36.72 -20.04 -37.57
C GLU A 472 35.45 -20.39 -36.76
N LEU A 473 34.97 -19.43 -35.96
CA LEU A 473 33.81 -19.65 -35.10
C LEU A 473 32.45 -19.50 -35.80
N GLU A 474 32.42 -18.79 -36.93
CA GLU A 474 31.13 -18.55 -37.62
C GLU A 474 30.58 -19.79 -38.34
N GLU A 475 31.43 -20.82 -38.44
CA GLU A 475 31.06 -22.08 -39.09
C GLU A 475 30.26 -23.00 -38.16
N SER A 476 29.94 -22.49 -36.97
CA SER A 476 29.12 -23.22 -35.99
C SER A 476 28.56 -22.22 -34.97
N GLY A 477 27.90 -22.75 -33.93
CA GLY A 477 27.33 -21.96 -32.81
C GLY A 477 26.92 -20.54 -33.17
N ASN A 478 27.51 -19.57 -32.48
CA ASN A 478 27.45 -18.21 -32.99
C ASN A 478 28.70 -17.36 -32.84
N CYS A 479 29.34 -17.11 -33.98
CA CYS A 479 30.20 -15.95 -34.16
C CYS A 479 30.02 -15.40 -35.57
N VAL A 480 28.78 -15.08 -35.89
CA VAL A 480 28.51 -14.28 -37.07
C VAL A 480 29.27 -12.98 -36.87
N GLY A 481 29.83 -12.48 -37.95
CA GLY A 481 30.27 -11.10 -37.92
C GLY A 481 31.66 -10.82 -38.41
N ASN A 482 31.68 -10.03 -39.46
CA ASN A 482 32.73 -9.08 -39.68
C ASN A 482 31.93 -8.02 -40.44
N LEU A 483 31.32 -7.12 -39.66
CA LEU A 483 30.13 -6.36 -40.09
C LEU A 483 30.25 -4.83 -40.01
N VAL A 484 29.17 -4.14 -40.38
CA VAL A 484 29.13 -2.67 -40.42
C VAL A 484 27.71 -2.12 -40.16
N ARG A 485 27.65 -0.91 -39.61
CA ARG A 485 26.43 -0.12 -39.56
C ARG A 485 26.64 1.25 -40.22
N THR A 486 25.54 1.87 -40.67
CA THR A 486 25.53 3.28 -41.09
C THR A 486 24.21 3.87 -40.63
N GLU A 487 23.22 2.99 -40.50
CA GLU A 487 21.84 3.35 -40.17
C GLU A 487 21.75 4.08 -38.85
N PRO A 488 21.14 5.28 -38.84
CA PRO A 488 20.99 6.05 -37.60
C PRO A 488 20.42 5.20 -36.47
N VAL A 489 21.04 5.30 -35.29
CA VAL A 489 20.58 4.59 -34.09
C VAL A 489 19.24 5.17 -33.62
N SER A 490 18.21 4.34 -33.54
CA SER A 490 16.93 4.76 -32.98
C SER A 490 16.85 4.41 -31.49
N ARG A 491 16.13 5.25 -30.75
CA ARG A 491 16.25 5.33 -29.29
C ARG A 491 15.37 4.45 -28.40
N VAL A 492 14.16 4.12 -28.84
CA VAL A 492 13.23 3.23 -28.09
C VAL A 492 12.92 3.63 -26.63
N CYS A 493 13.93 3.65 -25.76
CA CYS A 493 13.79 3.99 -24.34
C CYS A 493 15.09 3.67 -23.56
N ASP A 494 15.63 4.68 -22.85
CA ASP A 494 16.84 4.53 -22.04
C ASP A 494 17.98 3.79 -22.77
N GLY A 495 18.40 2.66 -22.20
CA GLY A 495 19.54 1.91 -22.71
C GLY A 495 19.19 0.89 -23.77
N GLN A 496 18.01 0.99 -24.36
CA GLN A 496 17.68 0.14 -25.49
C GLN A 496 17.73 0.95 -26.76
N TYR A 497 18.86 0.87 -27.48
CA TYR A 497 19.02 1.55 -28.76
C TYR A 497 18.98 0.56 -29.92
N LEU A 498 18.25 0.91 -30.98
CA LEU A 498 18.21 0.06 -32.19
C LEU A 498 19.39 0.26 -33.12
N HIS A 499 20.04 -0.85 -33.46
CA HIS A 499 21.20 -0.86 -34.32
C HIS A 499 20.99 -1.78 -35.51
N ASN A 500 21.68 -1.48 -36.60
CA ASN A 500 21.55 -2.19 -37.86
C ASN A 500 22.91 -2.65 -38.40
N PHE A 501 22.99 -3.90 -38.82
CA PHE A 501 24.27 -4.52 -39.24
C PHE A 501 24.17 -5.30 -40.56
N GLN A 502 25.27 -5.29 -41.31
CA GLN A 502 25.47 -6.13 -42.51
C GLN A 502 26.95 -6.26 -42.80
N ARG A 503 27.34 -7.26 -43.59
CA ARG A 503 28.74 -7.44 -43.93
C ARG A 503 29.17 -6.55 -45.09
N LYS A 504 30.45 -6.18 -45.10
CA LYS A 504 31.02 -5.35 -46.15
C LYS A 504 31.09 -6.10 -47.46
N ASN A 505 30.40 -5.58 -48.48
CA ASN A 505 30.52 -6.07 -49.86
C ASN A 505 29.40 -7.03 -50.31
N GLY A 506 29.59 -8.33 -50.12
CA GLY A 506 28.78 -9.33 -50.81
C GLY A 506 27.89 -10.22 -49.97
N PRO A 507 28.11 -11.56 -50.06
CA PRO A 507 27.18 -12.54 -49.51
C PRO A 507 27.23 -12.56 -47.99
N MET A 508 26.62 -13.57 -47.37
CA MET A 508 27.08 -14.10 -46.07
C MET A 508 26.06 -14.68 -45.09
N PRO A 509 26.50 -15.72 -44.36
CA PRO A 509 25.61 -16.79 -43.99
C PRO A 509 24.84 -16.51 -42.73
N ALA A 510 24.12 -17.54 -42.31
CA ALA A 510 23.43 -17.55 -41.05
C ALA A 510 23.40 -19.00 -40.63
N THR A 511 23.40 -19.25 -39.34
CA THR A 511 23.03 -20.56 -38.82
C THR A 511 22.36 -20.34 -37.47
N ASN A 512 23.14 -20.49 -36.41
CA ASN A 512 22.61 -20.49 -35.06
C ASN A 512 22.50 -19.06 -34.58
N LEU A 513 21.51 -18.36 -35.13
CA LEU A 513 21.30 -16.95 -34.92
C LEU A 513 19.81 -16.70 -34.99
N MET A 514 19.06 -17.54 -34.28
CA MET A 514 17.61 -17.42 -34.26
C MET A 514 17.24 -16.10 -33.59
N ALA A 515 16.76 -15.16 -34.40
CA ALA A 515 16.42 -13.81 -33.95
C ALA A 515 15.59 -13.79 -32.67
N GLY A 516 16.14 -13.17 -31.63
CA GLY A 516 15.54 -13.20 -30.29
C GLY A 516 16.50 -13.73 -29.25
N ASP A 517 17.69 -14.14 -29.69
CA ASP A 517 18.75 -14.69 -28.83
C ASP A 517 19.42 -13.65 -27.92
N ARG A 518 20.30 -14.13 -27.04
CA ARG A 518 21.18 -13.25 -26.27
C ARG A 518 22.52 -13.11 -26.95
N ILE A 519 22.85 -11.88 -27.30
CA ILE A 519 24.07 -11.65 -28.08
C ILE A 519 24.94 -10.54 -27.53
N ILE A 520 26.25 -10.76 -27.65
CA ILE A 520 27.23 -9.80 -27.20
C ILE A 520 27.96 -9.17 -28.40
N LEU A 521 27.80 -7.86 -28.56
CA LEU A 521 28.43 -7.16 -29.66
C LEU A 521 29.84 -6.69 -29.31
N SER A 522 30.82 -7.27 -30.00
CA SER A 522 32.20 -6.82 -29.82
C SER A 522 32.71 -6.21 -31.11
N GLY A 523 34.02 -6.14 -31.23
CA GLY A 523 34.64 -5.43 -32.35
C GLY A 523 35.64 -6.26 -33.10
N GLU A 524 36.11 -5.68 -34.20
CA GLU A 524 37.16 -6.27 -34.99
C GLU A 524 38.36 -6.59 -34.09
N GLU A 525 38.98 -5.54 -33.56
CA GLU A 525 40.22 -5.72 -32.85
C GLU A 525 39.91 -5.98 -31.39
N ARG A 526 40.95 -6.39 -30.65
CA ARG A 526 40.82 -6.80 -29.26
C ARG A 526 40.53 -5.63 -28.31
N LYS A 527 40.85 -4.41 -28.75
CA LYS A 527 40.66 -3.20 -27.98
C LYS A 527 39.20 -2.78 -27.93
N LEU A 528 38.38 -3.34 -28.82
CA LEU A 528 36.93 -3.08 -28.80
C LEU A 528 36.10 -4.33 -28.48
N PHE A 529 36.53 -5.04 -27.44
CA PHE A 529 35.87 -6.25 -26.97
C PHE A 529 34.92 -5.90 -25.82
N ALA A 530 33.76 -6.57 -25.80
CA ALA A 530 32.64 -6.25 -24.91
C ALA A 530 31.73 -5.21 -25.57
N LEU A 531 32.02 -3.94 -25.37
CA LEU A 531 31.19 -2.88 -25.94
C LEU A 531 29.80 -2.94 -25.33
N SER A 532 28.87 -3.53 -26.07
CA SER A 532 27.50 -3.69 -25.60
C SER A 532 26.94 -5.10 -25.73
N LYS A 533 26.17 -5.51 -24.72
CA LYS A 533 25.39 -6.74 -24.79
C LYS A 533 23.95 -6.38 -25.15
N GLY A 534 23.18 -7.37 -25.61
CA GLY A 534 21.79 -7.16 -25.98
C GLY A 534 21.18 -8.37 -26.64
N TYR A 535 20.05 -8.18 -27.32
CA TYR A 535 19.40 -9.29 -28.03
C TYR A 535 19.05 -8.96 -29.47
N VAL A 536 18.47 -9.92 -30.19
CA VAL A 536 18.14 -9.76 -31.61
C VAL A 536 16.65 -9.44 -31.87
N LYS A 537 16.40 -8.50 -32.77
CA LYS A 537 15.06 -8.26 -33.30
C LYS A 537 14.77 -9.27 -34.42
N LYS A 538 15.15 -8.92 -35.66
CA LYS A 538 14.91 -9.76 -36.85
C LYS A 538 16.13 -9.80 -37.78
N MET A 539 16.15 -10.80 -38.67
CA MET A 539 17.35 -11.06 -39.48
C MET A 539 17.11 -11.63 -40.91
N ASN A 540 17.38 -10.80 -41.92
CA ASN A 540 17.48 -11.23 -43.32
C ASN A 540 18.91 -11.66 -43.57
N LYS A 541 19.13 -12.67 -44.42
CA LYS A 541 20.49 -13.20 -44.62
C LYS A 541 21.47 -12.25 -45.34
N ALA A 542 21.06 -11.00 -45.54
CA ALA A 542 21.95 -9.96 -46.02
C ALA A 542 22.18 -8.88 -44.96
N ALA A 543 21.10 -8.54 -44.23
CA ALA A 543 21.16 -7.57 -43.12
C ALA A 543 20.78 -8.22 -41.77
N VAL A 544 21.07 -7.55 -40.66
CA VAL A 544 20.72 -8.06 -39.31
C VAL A 544 20.51 -6.96 -38.25
N THR A 545 19.34 -6.94 -37.63
CA THR A 545 18.99 -5.90 -36.66
C THR A 545 18.88 -6.43 -35.23
N CYS A 546 19.64 -5.84 -34.31
CA CYS A 546 19.69 -6.27 -32.91
C CYS A 546 19.77 -5.10 -31.92
N LEU A 547 19.05 -5.23 -30.80
CA LEU A 547 18.92 -4.17 -29.77
C LEU A 547 19.90 -4.25 -28.61
N LEU A 548 20.49 -3.09 -28.29
CA LEU A 548 21.61 -3.00 -27.35
C LEU A 548 21.43 -1.84 -26.38
N ASP A 549 22.24 -1.83 -25.34
CA ASP A 549 22.14 -0.79 -24.34
C ASP A 549 22.94 0.46 -24.67
N ARG A 550 23.98 0.32 -25.46
CA ARG A 550 24.81 1.46 -25.76
C ARG A 550 24.52 2.05 -27.13
N ASN A 551 24.60 3.37 -27.22
CA ASN A 551 24.55 4.05 -28.49
C ASN A 551 25.96 4.10 -29.04
N LEU A 552 26.15 3.52 -30.21
CA LEU A 552 27.47 3.23 -30.70
C LEU A 552 27.86 4.05 -31.90
N SER A 553 27.92 5.37 -31.73
CA SER A 553 28.23 6.22 -32.88
C SER A 553 29.70 6.62 -32.96
N THR A 554 30.43 6.47 -31.86
CA THR A 554 31.80 7.00 -31.71
C THR A 554 32.75 6.86 -32.90
N LEU A 555 32.86 5.67 -33.50
CA LEU A 555 33.68 5.50 -34.71
C LEU A 555 32.93 4.73 -35.81
N PRO A 556 32.31 5.47 -36.76
CA PRO A 556 31.48 4.78 -37.75
C PRO A 556 32.31 4.17 -38.87
N ALA A 557 31.62 3.41 -39.73
CA ALA A 557 32.15 2.91 -41.00
C ALA A 557 33.52 2.21 -40.97
N THR A 558 34.50 2.79 -40.25
CA THR A 558 35.84 2.20 -40.14
C THR A 558 35.76 0.78 -39.59
N THR A 559 34.68 0.53 -38.84
CA THR A 559 34.64 -0.53 -37.84
C THR A 559 33.98 -1.84 -38.30
N VAL A 560 34.39 -2.92 -37.64
CA VAL A 560 33.95 -4.28 -37.93
C VAL A 560 33.63 -4.94 -36.59
N PHE A 561 32.58 -5.77 -36.56
CA PHE A 561 31.96 -6.21 -35.31
C PHE A 561 31.61 -7.69 -35.24
N ARG A 562 32.27 -8.44 -34.35
CA ARG A 562 31.89 -9.84 -34.13
C ARG A 562 30.77 -9.98 -33.09
N LEU A 563 29.78 -10.81 -33.41
CA LEU A 563 28.65 -11.06 -32.53
C LEU A 563 28.71 -12.48 -32.00
N ASP A 564 28.43 -12.65 -30.72
CA ASP A 564 28.51 -13.96 -30.07
C ASP A 564 27.27 -14.13 -29.14
N ARG A 565 27.17 -15.26 -28.44
CA ARG A 565 25.97 -15.57 -27.64
C ARG A 565 26.11 -15.31 -26.14
N GLU A 566 26.02 -16.35 -25.30
CA GLU A 566 26.14 -16.29 -23.82
C GLU A 566 26.03 -17.66 -23.09
N GLU A 567 25.21 -17.70 -22.01
CA GLU A 567 24.81 -18.92 -21.23
C GLU A 567 24.64 -18.73 -19.70
N ARG A 568 23.89 -19.63 -19.07
CA ARG A 568 23.48 -19.50 -17.66
C ARG A 568 24.53 -19.95 -16.66
N HIS A 569 24.05 -20.11 -15.42
CA HIS A 569 24.75 -20.57 -14.20
C HIS A 569 24.37 -19.62 -13.05
N GLY A 570 24.60 -18.32 -13.29
CA GLY A 570 24.27 -17.26 -12.34
C GLY A 570 22.79 -17.23 -12.05
N ASP A 571 22.08 -18.12 -12.75
CA ASP A 571 20.68 -18.39 -12.49
C ASP A 571 20.49 -18.49 -10.98
N ILE A 572 21.42 -19.19 -10.32
CA ILE A 572 21.24 -19.57 -8.92
C ILE A 572 20.92 -18.41 -7.99
N SER A 573 21.10 -17.19 -8.49
CA SER A 573 20.81 -16.00 -7.70
C SER A 573 19.33 -15.86 -7.30
N THR A 574 18.40 -16.03 -8.24
CA THR A 574 16.97 -16.02 -7.87
C THR A 574 16.56 -17.14 -6.91
N PRO A 575 17.01 -18.38 -7.17
CA PRO A 575 16.77 -19.45 -6.21
C PRO A 575 17.37 -19.14 -4.84
N LEU A 576 18.64 -18.76 -4.81
CA LEU A 576 19.26 -18.42 -3.56
C LEU A 576 18.50 -17.30 -2.87
N GLY A 577 17.99 -16.35 -3.65
CA GLY A 577 17.11 -15.31 -3.12
C GLY A 577 15.95 -15.94 -2.40
N ASN A 578 15.15 -16.71 -3.13
CA ASN A 578 14.00 -17.40 -2.60
C ASN A 578 14.35 -18.21 -1.35
N LEU A 579 15.43 -18.97 -1.41
CA LEU A 579 15.85 -19.76 -0.27
C LEU A 579 16.03 -18.91 0.97
N SER A 580 16.93 -17.93 0.84
CA SER A 580 17.17 -16.91 1.83
C SER A 580 15.89 -16.21 2.37
N LYS A 581 14.95 -15.91 1.48
CA LYS A 581 13.67 -15.34 1.89
C LYS A 581 12.90 -16.31 2.76
N LEU A 582 12.90 -17.58 2.37
CA LEU A 582 12.21 -18.61 3.10
C LEU A 582 12.72 -18.64 4.53
N MET A 583 14.00 -18.34 4.68
CA MET A 583 14.63 -18.33 5.98
C MET A 583 14.28 -17.09 6.80
N GLU A 584 13.97 -15.97 6.18
CA GLU A 584 13.60 -14.77 6.95
C GLU A 584 12.58 -15.11 8.01
N SER A 585 12.56 -14.32 9.08
CA SER A 585 11.62 -14.53 10.16
C SER A 585 10.41 -13.65 9.93
N THR A 586 9.63 -13.95 8.91
CA THR A 586 8.38 -13.25 8.76
C THR A 586 7.25 -14.27 8.91
N ASP A 587 6.01 -13.81 9.10
CA ASP A 587 4.85 -14.73 9.20
C ASP A 587 4.55 -15.54 7.93
N PRO A 588 4.59 -14.91 6.72
CA PRO A 588 4.60 -15.73 5.50
C PRO A 588 5.71 -16.78 5.44
N SER A 589 6.95 -16.39 5.71
CA SER A 589 8.06 -17.32 5.67
C SER A 589 7.91 -18.45 6.69
N LYS A 590 7.26 -18.19 7.82
CA LYS A 590 7.02 -19.27 8.76
C LYS A 590 6.04 -20.31 8.16
N ARG A 591 4.96 -19.78 7.58
CA ARG A 591 3.92 -20.57 7.01
C ARG A 591 4.51 -21.50 5.97
N LEU A 592 5.28 -20.96 5.03
CA LEU A 592 5.88 -21.77 3.99
C LEU A 592 6.89 -22.79 4.50
N ARG A 593 7.69 -22.42 5.51
CA ARG A 593 8.58 -23.37 6.15
C ARG A 593 7.82 -24.59 6.65
N GLU A 594 6.67 -24.34 7.25
CA GLU A 594 5.99 -25.41 7.89
C GLU A 594 5.36 -26.29 6.87
N LEU A 595 4.83 -25.69 5.80
CA LEU A 595 4.12 -26.44 4.77
C LEU A 595 5.10 -27.20 3.91
N ILE A 596 6.21 -26.57 3.56
CA ILE A 596 7.23 -27.17 2.71
C ILE A 596 8.35 -27.90 3.44
N ILE A 597 9.00 -27.31 4.41
CA ILE A 597 10.07 -28.05 5.07
C ILE A 597 9.47 -29.07 6.06
N ASP A 598 8.53 -28.64 6.90
CA ASP A 598 8.07 -29.47 8.00
C ASP A 598 6.89 -30.33 7.59
N PHE A 599 6.61 -30.35 6.30
CA PHE A 599 5.49 -31.11 5.72
C PHE A 599 4.18 -31.01 6.46
N ARG A 600 3.82 -29.83 6.95
CA ARG A 600 2.55 -29.68 7.65
C ARG A 600 1.36 -30.02 6.79
N GLU A 601 0.43 -30.78 7.35
CA GLU A 601 -0.71 -31.27 6.59
C GLU A 601 -1.55 -30.07 6.10
N PRO A 602 -1.83 -30.00 4.79
CA PRO A 602 -2.69 -28.91 4.37
C PRO A 602 -4.13 -29.17 4.82
N GLN A 603 -4.83 -28.11 5.23
CA GLN A 603 -6.23 -28.20 5.62
C GLN A 603 -7.23 -27.85 4.52
N PHE A 604 -8.39 -28.50 4.59
CA PHE A 604 -9.55 -28.17 3.76
C PHE A 604 -10.80 -28.05 4.63
N ILE A 605 -11.80 -27.32 4.17
CA ILE A 605 -13.02 -27.28 4.95
C ILE A 605 -14.13 -28.04 4.24
N ALA A 606 -15.17 -28.39 5.00
CA ALA A 606 -16.41 -28.97 4.48
C ALA A 606 -17.15 -27.90 3.76
N TYR A 607 -17.67 -28.21 2.58
CA TYR A 607 -18.54 -27.29 1.86
C TYR A 607 -19.74 -26.79 2.69
N LEU A 608 -20.09 -25.52 2.56
CA LEU A 608 -21.29 -24.96 3.18
C LEU A 608 -21.85 -23.93 2.23
N SER A 609 -23.11 -23.54 2.43
CA SER A 609 -23.77 -22.63 1.46
C SER A 609 -22.96 -21.41 1.13
N SER A 610 -22.40 -20.78 2.17
CA SER A 610 -21.73 -19.51 1.98
C SER A 610 -20.20 -19.58 2.01
N VAL A 611 -19.63 -20.67 1.53
CA VAL A 611 -18.20 -20.68 1.17
C VAL A 611 -17.92 -19.68 0.01
N LEU A 612 -18.96 -19.26 -0.70
CA LEU A 612 -18.80 -18.23 -1.73
C LEU A 612 -19.73 -17.10 -1.45
N PRO A 613 -19.29 -15.87 -1.71
CA PRO A 613 -20.16 -14.73 -1.68
C PRO A 613 -21.40 -15.03 -2.47
N HIS A 614 -22.55 -14.87 -1.83
CA HIS A 614 -23.84 -15.14 -2.43
C HIS A 614 -23.94 -14.74 -3.91
N ASP A 615 -23.58 -13.50 -4.23
CA ASP A 615 -23.66 -13.00 -5.60
C ASP A 615 -22.84 -13.78 -6.60
N ALA A 616 -21.71 -14.31 -6.15
CA ALA A 616 -20.82 -15.05 -7.04
C ALA A 616 -21.45 -16.35 -7.57
N LYS A 617 -22.42 -16.88 -6.79
CA LYS A 617 -22.89 -18.26 -6.92
C LYS A 617 -23.44 -18.63 -8.26
N ASP A 618 -24.25 -17.74 -8.84
CA ASP A 618 -24.81 -18.03 -10.18
C ASP A 618 -23.74 -18.15 -11.26
N THR A 619 -22.84 -17.18 -11.28
CA THR A 619 -21.75 -17.17 -12.24
C THR A 619 -20.90 -18.42 -12.08
N VAL A 620 -20.52 -18.72 -10.85
CA VAL A 620 -19.73 -19.93 -10.61
C VAL A 620 -20.43 -21.15 -11.27
N ALA A 621 -21.69 -21.36 -10.91
CA ALA A 621 -22.43 -22.51 -11.36
C ALA A 621 -22.40 -22.61 -12.87
N ASN A 622 -22.63 -21.50 -13.54
CA ASN A 622 -22.51 -21.49 -14.99
C ASN A 622 -21.15 -21.95 -15.46
N ILE A 623 -20.08 -21.49 -14.82
CA ILE A 623 -18.72 -21.90 -15.18
C ILE A 623 -18.52 -23.39 -14.92
N LEU A 624 -18.92 -23.83 -13.73
CA LEU A 624 -18.83 -25.24 -13.35
C LEU A 624 -19.45 -26.16 -14.42
N LYS A 625 -20.71 -25.85 -14.79
CA LYS A 625 -21.48 -26.67 -15.72
C LYS A 625 -20.71 -27.05 -16.98
N GLY A 626 -19.85 -26.15 -17.48
CA GLY A 626 -19.05 -26.43 -18.67
C GLY A 626 -17.87 -27.37 -18.48
N LEU A 627 -17.73 -27.99 -17.31
CA LEU A 627 -16.54 -28.76 -17.00
C LEU A 627 -16.85 -30.21 -16.64
N ASN A 628 -15.95 -31.13 -16.97
CA ASN A 628 -16.06 -32.53 -16.50
C ASN A 628 -15.88 -32.68 -15.00
N LYS A 629 -16.31 -33.82 -14.47
CA LYS A 629 -16.26 -34.06 -13.03
C LYS A 629 -14.88 -33.78 -12.40
N PRO A 630 -13.81 -34.47 -12.86
CA PRO A 630 -12.50 -34.22 -12.23
C PRO A 630 -12.23 -32.72 -12.15
N GLN A 631 -12.45 -32.02 -13.27
CA GLN A 631 -12.34 -30.59 -13.32
C GLN A 631 -13.17 -29.88 -12.27
N ARG A 632 -14.44 -30.22 -12.18
CA ARG A 632 -15.26 -29.55 -11.20
C ARG A 632 -14.74 -29.86 -9.82
N GLN A 633 -14.32 -31.09 -9.61
CA GLN A 633 -13.79 -31.50 -8.34
C GLN A 633 -12.49 -30.76 -7.96
N ALA A 634 -11.78 -30.26 -8.96
CA ALA A 634 -10.55 -29.52 -8.74
C ALA A 634 -10.81 -28.10 -8.21
N MET A 635 -11.76 -27.38 -8.83
CA MET A 635 -12.21 -26.06 -8.35
C MET A 635 -12.78 -26.17 -6.94
N LYS A 636 -13.49 -27.27 -6.66
CA LYS A 636 -14.03 -27.45 -5.33
C LYS A 636 -12.88 -27.51 -4.32
N ARG A 637 -11.80 -28.22 -4.67
CA ARG A 637 -10.70 -28.40 -3.74
C ARG A 637 -10.07 -27.06 -3.45
N VAL A 638 -9.81 -26.30 -4.51
CA VAL A 638 -9.23 -24.99 -4.35
C VAL A 638 -10.10 -24.11 -3.46
N LEU A 639 -11.41 -24.13 -3.69
CA LEU A 639 -12.34 -23.31 -2.93
C LEU A 639 -12.47 -23.75 -1.50
N LEU A 640 -12.26 -25.02 -1.23
CA LEU A 640 -12.32 -25.54 0.14
C LEU A 640 -10.96 -25.51 0.90
N SER A 641 -9.92 -25.07 0.21
CA SER A 641 -8.56 -25.11 0.72
C SER A 641 -8.36 -23.99 1.71
N LYS A 642 -7.33 -24.14 2.53
CA LYS A 642 -6.94 -23.15 3.53
C LYS A 642 -5.46 -22.90 3.33
N ASP A 643 -4.82 -23.89 2.72
CA ASP A 643 -3.38 -23.90 2.49
C ASP A 643 -3.04 -23.98 1.01
N TYR A 644 -3.02 -25.19 0.45
CA TYR A 644 -2.69 -25.36 -0.97
C TYR A 644 -3.49 -26.47 -1.67
N THR A 645 -3.37 -26.53 -2.98
CA THR A 645 -4.03 -27.53 -3.75
C THR A 645 -3.08 -27.92 -4.87
N LEU A 646 -3.02 -29.23 -5.11
CA LEU A 646 -2.27 -29.83 -6.22
C LEU A 646 -3.19 -30.41 -7.30
N ILE A 647 -3.26 -29.76 -8.45
CA ILE A 647 -4.05 -30.31 -9.53
C ILE A 647 -3.12 -31.08 -10.44
N VAL A 648 -3.37 -32.37 -10.57
CA VAL A 648 -2.58 -33.25 -11.46
C VAL A 648 -3.19 -33.22 -12.89
N GLY A 649 -2.51 -32.53 -13.81
CA GLY A 649 -3.03 -32.43 -15.17
C GLY A 649 -2.41 -33.47 -16.09
N MET A 650 -2.96 -34.68 -16.05
CA MET A 650 -2.49 -35.75 -16.94
C MET A 650 -2.73 -35.39 -18.42
N PRO A 651 -1.95 -35.98 -19.34
CA PRO A 651 -1.84 -35.49 -20.72
C PRO A 651 -3.17 -35.29 -21.41
N GLY A 652 -3.29 -34.24 -22.21
CA GLY A 652 -4.56 -33.90 -22.87
C GLY A 652 -5.81 -33.76 -22.01
N THR A 653 -5.68 -33.62 -20.69
CA THR A 653 -6.88 -33.42 -19.85
C THR A 653 -7.37 -31.96 -19.71
N GLY A 654 -6.78 -31.04 -20.48
CA GLY A 654 -7.28 -29.68 -20.55
C GLY A 654 -6.88 -28.74 -19.42
N LYS A 655 -5.58 -28.68 -19.11
CA LYS A 655 -5.14 -27.86 -17.99
C LYS A 655 -5.29 -26.36 -18.26
N THR A 656 -4.98 -25.92 -19.48
CA THR A 656 -5.18 -24.51 -19.83
C THR A 656 -6.64 -24.11 -19.67
N THR A 657 -7.53 -24.91 -20.25
CA THR A 657 -8.96 -24.76 -20.05
C THR A 657 -9.28 -24.73 -18.57
N THR A 658 -8.61 -25.60 -17.80
CA THR A 658 -8.92 -25.73 -16.37
C THR A 658 -8.45 -24.56 -15.53
N ILE A 659 -7.26 -24.07 -15.82
CA ILE A 659 -6.71 -22.98 -15.04
C ILE A 659 -7.54 -21.73 -15.29
N CYS A 660 -7.77 -21.45 -16.58
CA CYS A 660 -8.66 -20.37 -16.98
C CYS A 660 -10.01 -20.41 -16.22
N ALA A 661 -10.64 -21.59 -16.16
CA ALA A 661 -11.89 -21.77 -15.41
C ALA A 661 -11.72 -21.44 -13.92
N LEU A 662 -10.64 -21.95 -13.32
CA LEU A 662 -10.36 -21.66 -11.94
C LEU A 662 -10.25 -20.15 -11.76
N VAL A 663 -9.43 -19.53 -12.60
CA VAL A 663 -9.18 -18.11 -12.48
C VAL A 663 -10.50 -17.38 -12.55
N ARG A 664 -11.31 -17.71 -13.54
CA ARG A 664 -12.66 -17.16 -13.69
C ARG A 664 -13.54 -17.36 -12.47
N ILE A 665 -13.43 -18.50 -11.80
CA ILE A 665 -14.21 -18.70 -10.58
C ILE A 665 -13.70 -17.79 -9.47
N LEU A 666 -12.38 -17.80 -9.27
CA LEU A 666 -11.71 -17.08 -8.19
C LEU A 666 -11.96 -15.59 -8.32
N SER A 667 -11.90 -15.12 -9.57
CA SER A 667 -12.22 -13.74 -9.87
C SER A 667 -13.67 -13.41 -9.51
N ALA A 668 -14.61 -14.26 -9.90
CA ALA A 668 -16.02 -14.12 -9.49
C ALA A 668 -16.19 -13.93 -8.00
N CYS A 669 -15.31 -14.52 -7.20
CA CYS A 669 -15.43 -14.53 -5.74
C CYS A 669 -14.67 -13.40 -5.08
N GLY A 670 -14.18 -12.48 -5.91
CA GLY A 670 -13.50 -11.29 -5.42
C GLY A 670 -12.17 -11.61 -4.78
N PHE A 671 -11.51 -12.63 -5.29
CA PHE A 671 -10.15 -12.93 -4.87
C PHE A 671 -9.20 -12.26 -5.83
N SER A 672 -8.07 -11.80 -5.31
CA SER A 672 -6.95 -11.38 -6.15
C SER A 672 -6.12 -12.62 -6.42
N VAL A 673 -5.49 -12.72 -7.57
CA VAL A 673 -4.75 -13.91 -7.91
C VAL A 673 -3.50 -13.59 -8.73
N LEU A 674 -2.38 -14.14 -8.27
CA LEU A 674 -1.14 -14.03 -8.99
C LEU A 674 -1.04 -15.30 -9.80
N LEU A 675 -0.94 -15.14 -11.11
CA LEU A 675 -0.93 -16.25 -12.04
C LEU A 675 0.43 -16.42 -12.65
N THR A 676 1.04 -17.57 -12.41
CA THR A 676 2.39 -17.82 -12.89
C THR A 676 2.55 -19.18 -13.53
N SER A 677 3.69 -19.34 -14.19
CA SER A 677 4.12 -20.59 -14.82
C SER A 677 5.59 -20.43 -15.10
N TYR A 678 6.22 -21.45 -15.67
CA TYR A 678 7.62 -21.36 -16.00
C TYR A 678 7.92 -20.59 -17.28
N THR A 679 7.20 -20.93 -18.34
CA THR A 679 7.44 -20.31 -19.64
C THR A 679 6.42 -19.25 -19.99
N HIS A 680 6.84 -18.23 -20.75
CA HIS A 680 5.91 -17.21 -21.23
C HIS A 680 4.66 -17.80 -21.93
N SER A 681 4.89 -18.72 -22.86
CA SER A 681 3.80 -19.29 -23.64
C SER A 681 2.79 -20.01 -22.73
N ALA A 682 3.31 -20.71 -21.73
CA ALA A 682 2.46 -21.36 -20.77
C ALA A 682 1.52 -20.32 -20.16
N VAL A 683 2.07 -19.23 -19.66
CA VAL A 683 1.24 -18.23 -19.02
C VAL A 683 0.35 -17.58 -20.07
N ASP A 684 0.93 -17.27 -21.24
CA ASP A 684 0.15 -16.63 -22.31
C ASP A 684 -1.03 -17.46 -22.80
N ASN A 685 -0.86 -18.78 -22.92
CA ASN A 685 -1.96 -19.63 -23.39
C ASN A 685 -3.19 -19.49 -22.52
N ILE A 686 -2.98 -19.39 -21.21
CA ILE A 686 -4.08 -19.29 -20.27
C ILE A 686 -4.71 -17.91 -20.42
N LEU A 687 -3.86 -16.92 -20.72
CA LEU A 687 -4.31 -15.53 -20.77
C LEU A 687 -5.21 -15.34 -21.97
N LEU A 688 -4.82 -15.95 -23.08
CA LEU A 688 -5.57 -15.90 -24.33
C LEU A 688 -7.01 -16.32 -24.11
N LYS A 689 -7.19 -17.50 -23.51
CA LYS A 689 -8.50 -17.97 -23.07
C LYS A 689 -9.23 -16.88 -22.26
N LEU A 690 -8.52 -16.25 -21.33
CA LEU A 690 -9.13 -15.30 -20.42
C LEU A 690 -9.52 -14.01 -21.10
N ALA A 691 -8.75 -13.65 -22.12
CA ALA A 691 -9.12 -12.57 -23.01
C ALA A 691 -10.47 -12.91 -23.66
N LYS A 692 -10.57 -14.08 -24.28
CA LYS A 692 -11.84 -14.55 -24.87
C LYS A 692 -13.03 -14.38 -23.92
N PHE A 693 -12.84 -14.61 -22.63
CA PHE A 693 -13.94 -14.51 -21.69
C PHE A 693 -14.13 -13.12 -21.14
N LYS A 694 -13.44 -12.16 -21.77
CA LYS A 694 -13.45 -10.77 -21.33
C LYS A 694 -13.13 -10.67 -19.84
N VAL A 695 -12.07 -11.35 -19.40
CA VAL A 695 -11.57 -11.25 -18.02
C VAL A 695 -10.30 -10.41 -18.04
N GLY A 696 -10.28 -9.35 -17.25
CA GLY A 696 -9.14 -8.43 -17.23
C GLY A 696 -8.02 -8.85 -16.31
N PHE A 697 -6.82 -8.46 -16.68
CA PHE A 697 -5.62 -8.86 -15.99
C PHE A 697 -4.46 -8.01 -16.46
N LEU A 698 -3.43 -7.86 -15.66
CA LEU A 698 -2.27 -7.13 -16.12
C LEU A 698 -1.17 -8.13 -16.33
N ARG A 699 -0.47 -8.04 -17.47
CA ARG A 699 0.64 -8.93 -17.74
C ARG A 699 1.95 -8.21 -17.59
N LEU A 700 2.71 -8.60 -16.57
CA LEU A 700 4.06 -8.11 -16.40
C LEU A 700 5.04 -8.82 -17.34
N GLY A 701 6.29 -8.38 -17.36
CA GLY A 701 7.29 -9.03 -18.21
C GLY A 701 7.56 -8.22 -19.47
N GLN A 702 8.68 -8.55 -20.12
CA GLN A 702 9.11 -7.85 -21.35
C GLN A 702 8.23 -8.20 -22.52
N SER A 703 7.57 -7.17 -23.06
CA SER A 703 6.53 -7.35 -24.10
C SER A 703 7.01 -8.12 -25.33
N HIS A 704 8.32 -8.11 -25.60
CA HIS A 704 8.85 -8.83 -26.74
C HIS A 704 8.86 -10.34 -26.55
N LYS A 705 8.86 -10.80 -25.31
CA LYS A 705 8.78 -12.24 -25.03
C LYS A 705 7.33 -12.69 -24.91
N VAL A 706 6.44 -11.72 -24.85
CA VAL A 706 5.02 -11.98 -24.68
C VAL A 706 4.38 -12.35 -26.02
N HIS A 707 3.46 -13.30 -26.01
CA HIS A 707 2.66 -13.63 -27.18
C HIS A 707 1.96 -12.39 -27.73
N PRO A 708 1.92 -12.24 -29.07
CA PRO A 708 1.39 -11.06 -29.77
C PRO A 708 -0.01 -10.60 -29.37
N ASP A 709 -0.96 -11.51 -29.33
CA ASP A 709 -2.33 -11.14 -28.99
C ASP A 709 -2.46 -10.68 -27.55
N ILE A 710 -1.45 -11.00 -26.76
CA ILE A 710 -1.43 -10.67 -25.33
C ILE A 710 -0.75 -9.33 -25.06
N GLN A 711 0.18 -8.94 -25.92
CA GLN A 711 0.96 -7.73 -25.76
C GLN A 711 0.16 -6.44 -25.52
N LYS A 712 -1.13 -6.45 -25.81
CA LYS A 712 -1.93 -5.26 -25.50
C LYS A 712 -2.12 -5.13 -24.01
N PHE A 713 -2.01 -6.23 -23.28
CA PHE A 713 -2.23 -6.21 -21.84
C PHE A 713 -0.96 -6.00 -20.99
N THR A 714 0.19 -5.93 -21.63
CA THR A 714 1.48 -5.75 -20.97
C THR A 714 1.66 -4.41 -20.32
N GLU A 715 2.32 -4.39 -19.16
CA GLU A 715 2.63 -3.14 -18.44
C GLU A 715 3.44 -2.22 -19.32
N GLU A 716 4.40 -2.79 -20.01
CA GLU A 716 5.24 -2.04 -20.91
C GLU A 716 4.44 -1.38 -22.02
N GLU A 717 3.48 -2.12 -22.56
CA GLU A 717 2.70 -1.64 -23.68
C GLU A 717 1.67 -0.61 -23.27
N ILE A 718 0.92 -0.88 -22.21
CA ILE A 718 -0.04 0.06 -21.67
C ILE A 718 0.61 1.41 -21.35
N CYS A 719 1.86 1.36 -20.89
CA CYS A 719 2.59 2.55 -20.52
C CYS A 719 2.86 3.42 -21.73
N ARG A 720 3.54 2.85 -22.74
CA ARG A 720 3.85 3.61 -23.95
C ARG A 720 2.57 4.12 -24.57
N SER A 721 1.63 3.21 -24.78
CA SER A 721 0.30 3.57 -25.25
C SER A 721 -0.26 4.76 -24.47
N ARG A 722 -0.78 4.53 -23.27
CA ARG A 722 -1.49 5.57 -22.53
C ARG A 722 -0.59 6.67 -21.98
N SER A 723 0.65 6.72 -22.45
CA SER A 723 1.67 7.72 -22.00
C SER A 723 1.62 7.92 -20.47
N ILE A 724 2.18 6.97 -19.74
CA ILE A 724 2.17 7.03 -18.30
C ILE A 724 3.47 7.66 -17.84
N ALA A 725 3.39 8.88 -17.35
CA ALA A 725 4.58 9.52 -16.83
C ALA A 725 4.37 10.16 -15.46
N SER A 726 3.80 9.39 -14.53
CA SER A 726 3.58 9.84 -13.16
C SER A 726 3.42 8.65 -12.25
N LEU A 727 3.92 8.79 -11.02
CA LEU A 727 3.76 7.76 -10.00
C LEU A 727 2.30 7.40 -9.74
N ALA A 728 1.40 8.37 -9.87
CA ALA A 728 0.01 8.08 -9.65
C ALA A 728 -0.60 7.26 -10.79
N HIS A 729 -0.24 7.56 -12.04
CA HIS A 729 -0.81 6.84 -13.18
C HIS A 729 -0.19 5.45 -13.37
N LEU A 730 1.05 5.29 -12.95
CA LEU A 730 1.66 3.97 -12.92
C LEU A 730 1.00 3.15 -11.84
N GLU A 731 0.93 3.72 -10.65
CA GLU A 731 0.31 3.05 -9.55
C GLU A 731 -1.13 2.72 -9.84
N GLU A 732 -1.79 3.56 -10.62
CA GLU A 732 -3.18 3.31 -10.96
C GLU A 732 -3.22 2.06 -11.83
N LEU A 733 -2.22 1.93 -12.70
CA LEU A 733 -2.14 0.75 -13.53
C LEU A 733 -1.99 -0.48 -12.67
N TYR A 734 -1.10 -0.42 -11.69
CA TYR A 734 -0.83 -1.58 -10.86
C TYR A 734 -2.04 -2.04 -10.05
N ASN A 735 -2.92 -1.11 -9.69
CA ASN A 735 -4.11 -1.48 -8.92
C ASN A 735 -5.32 -1.64 -9.81
N SER A 736 -5.10 -1.40 -11.10
CA SER A 736 -6.13 -1.59 -12.11
C SER A 736 -6.67 -3.02 -12.09
N HIS A 737 -5.80 -4.02 -11.98
CA HIS A 737 -6.29 -5.40 -12.03
C HIS A 737 -5.95 -6.31 -10.86
N PRO A 738 -6.96 -7.04 -10.33
CA PRO A 738 -6.74 -7.95 -9.20
C PRO A 738 -6.09 -9.24 -9.68
N ILE A 739 -6.09 -9.45 -10.99
CA ILE A 739 -5.39 -10.58 -11.57
C ILE A 739 -4.09 -10.06 -12.17
N VAL A 740 -2.97 -10.70 -11.82
CA VAL A 740 -1.67 -10.29 -12.36
C VAL A 740 -0.94 -11.51 -12.87
N ALA A 741 -0.43 -11.45 -14.09
CA ALA A 741 0.23 -12.60 -14.69
C ALA A 741 1.71 -12.36 -15.03
N THR A 742 2.57 -13.25 -14.54
CA THR A 742 4.01 -13.20 -14.81
C THR A 742 4.63 -14.60 -14.80
N THR A 743 5.93 -14.66 -15.07
CA THR A 743 6.67 -15.91 -15.00
C THR A 743 7.32 -15.97 -13.62
N CYS A 744 7.53 -17.20 -13.14
CA CYS A 744 8.17 -17.49 -11.85
C CYS A 744 9.45 -16.73 -11.55
N MET A 745 10.17 -16.42 -12.60
CA MET A 745 11.41 -15.74 -12.42
C MET A 745 11.17 -14.25 -12.29
N GLY A 746 10.00 -13.80 -12.72
CA GLY A 746 9.70 -12.40 -12.77
C GLY A 746 9.13 -11.87 -11.49
N ILE A 747 9.43 -12.55 -10.39
CA ILE A 747 9.02 -12.09 -9.06
C ILE A 747 9.84 -10.92 -8.55
N ASN A 748 10.67 -10.35 -9.40
CA ASN A 748 11.49 -9.30 -8.92
C ASN A 748 10.94 -7.97 -9.24
N HIS A 749 9.73 -7.98 -9.79
CA HIS A 749 9.03 -6.78 -10.12
C HIS A 749 8.72 -6.01 -8.87
N PRO A 750 8.76 -4.67 -8.96
CA PRO A 750 8.36 -3.79 -7.85
C PRO A 750 6.91 -4.01 -7.38
N ILE A 751 6.07 -4.57 -8.24
CA ILE A 751 4.70 -4.79 -7.80
C ILE A 751 4.64 -5.65 -6.53
N PHE A 752 5.57 -6.60 -6.43
CA PHE A 752 5.61 -7.54 -5.33
C PHE A 752 6.32 -6.97 -4.09
N SER A 753 6.73 -5.72 -4.15
CA SER A 753 7.21 -5.06 -2.93
C SER A 753 6.03 -4.44 -2.21
N ARG A 754 4.90 -4.35 -2.90
CA ARG A 754 3.76 -3.68 -2.34
C ARG A 754 2.44 -4.41 -2.43
N LYS A 755 2.30 -5.40 -3.30
CA LYS A 755 1.02 -6.13 -3.41
C LYS A 755 1.09 -7.53 -2.84
N THR A 756 -0.04 -8.03 -2.34
CA THR A 756 -0.14 -9.44 -1.98
C THR A 756 -1.41 -10.02 -2.59
N PHE A 757 -1.50 -11.34 -2.73
CA PHE A 757 -2.67 -11.92 -3.38
C PHE A 757 -3.43 -12.93 -2.52
N ASP A 758 -4.72 -13.08 -2.81
CA ASP A 758 -5.49 -14.16 -2.24
C ASP A 758 -4.96 -15.55 -2.67
N PHE A 759 -4.59 -15.68 -3.92
CA PHE A 759 -4.15 -16.94 -4.49
C PHE A 759 -2.97 -16.76 -5.42
N CYS A 760 -2.06 -17.72 -5.36
CA CYS A 760 -1.07 -17.85 -6.39
C CYS A 760 -1.33 -19.14 -7.15
N ILE A 761 -1.37 -19.06 -8.48
CA ILE A 761 -1.47 -20.25 -9.29
C ILE A 761 -0.16 -20.47 -10.04
N VAL A 762 0.40 -21.67 -9.96
CA VAL A 762 1.63 -21.98 -10.72
C VAL A 762 1.41 -23.11 -11.70
N ASP A 763 1.52 -22.79 -12.98
CA ASP A 763 1.38 -23.79 -13.99
C ASP A 763 2.72 -24.47 -14.24
N GLU A 764 2.67 -25.72 -14.70
CA GLU A 764 3.87 -26.52 -14.98
C GLU A 764 4.67 -26.64 -13.71
N ALA A 765 3.98 -26.85 -12.60
CA ALA A 765 4.60 -26.73 -11.28
C ALA A 765 5.60 -27.85 -11.06
N SER A 766 5.46 -28.90 -11.88
CA SER A 766 6.31 -30.05 -11.77
C SER A 766 7.54 -30.02 -12.67
N GLN A 767 7.64 -29.03 -13.54
CA GLN A 767 8.84 -28.90 -14.37
C GLN A 767 9.83 -27.90 -13.75
N ILE A 768 9.33 -27.02 -12.89
CA ILE A 768 10.12 -25.98 -12.31
C ILE A 768 10.93 -26.48 -11.12
N SER A 769 12.21 -26.12 -11.09
CA SER A 769 13.09 -26.42 -9.97
C SER A 769 12.55 -25.86 -8.66
N GLN A 770 12.60 -26.66 -7.62
CA GLN A 770 11.85 -26.36 -6.42
C GLN A 770 12.02 -24.95 -5.84
N PRO A 771 13.27 -24.46 -5.72
CA PRO A 771 13.45 -23.10 -5.17
C PRO A 771 12.92 -21.98 -6.06
N VAL A 772 12.82 -22.24 -7.35
CA VAL A 772 12.27 -21.24 -8.28
C VAL A 772 10.75 -21.15 -8.14
N CYS A 773 10.11 -22.30 -8.11
CA CYS A 773 8.69 -22.38 -7.89
C CYS A 773 8.29 -21.67 -6.59
N LEU A 774 9.23 -21.63 -5.65
CA LEU A 774 8.99 -21.13 -4.31
C LEU A 774 8.62 -19.64 -4.33
N GLY A 775 9.21 -18.94 -5.30
CA GLY A 775 9.14 -17.47 -5.48
C GLY A 775 7.77 -16.82 -5.32
N PRO A 776 6.85 -17.04 -6.27
CA PRO A 776 5.51 -16.43 -6.27
C PRO A 776 4.69 -16.74 -5.03
N LEU A 777 5.15 -17.70 -4.25
CA LEU A 777 4.36 -18.21 -3.14
C LEU A 777 4.41 -17.27 -1.96
N PHE A 778 5.50 -16.51 -1.89
CA PHE A 778 5.70 -15.55 -0.81
C PHE A 778 4.68 -14.45 -0.83
N PHE A 779 3.94 -14.30 -1.94
CA PHE A 779 3.06 -13.14 -2.10
C PHE A 779 1.60 -13.53 -2.18
N SER A 780 1.24 -14.66 -1.59
CA SER A 780 -0.11 -15.13 -1.80
C SER A 780 -0.54 -15.90 -0.57
N ARG A 781 -1.83 -15.87 -0.24
CA ARG A 781 -2.26 -16.55 0.99
C ARG A 781 -2.40 -18.05 0.80
N ARG A 782 -3.03 -18.44 -0.31
CA ARG A 782 -3.20 -19.84 -0.68
C ARG A 782 -2.68 -20.04 -2.07
N PHE A 783 -2.29 -21.26 -2.37
CA PHE A 783 -1.76 -21.51 -3.68
C PHE A 783 -2.19 -22.81 -4.36
N VAL A 784 -1.89 -22.87 -5.65
CA VAL A 784 -2.26 -23.99 -6.48
C VAL A 784 -1.14 -24.30 -7.47
N LEU A 785 -0.57 -25.50 -7.32
CA LEU A 785 0.43 -26.01 -8.24
C LEU A 785 -0.25 -26.97 -9.21
N VAL A 786 -0.07 -26.73 -10.49
CA VAL A 786 -0.63 -27.62 -11.48
C VAL A 786 0.54 -28.33 -12.09
N GLY A 787 0.52 -29.66 -12.11
CA GLY A 787 1.60 -30.43 -12.74
C GLY A 787 1.30 -31.91 -12.97
N ASP A 788 2.33 -32.68 -13.31
CA ASP A 788 2.20 -34.13 -13.42
C ASP A 788 3.58 -34.77 -13.29
N HIS A 789 3.81 -35.56 -12.25
CA HIS A 789 5.18 -36.05 -11.99
C HIS A 789 5.58 -37.21 -12.88
N GLN A 790 4.65 -37.67 -13.70
CA GLN A 790 4.90 -38.75 -14.63
C GLN A 790 5.47 -38.18 -15.88
N GLN A 791 5.30 -36.88 -16.04
CA GLN A 791 5.92 -36.17 -17.16
C GLN A 791 7.28 -35.65 -16.67
N LEU A 792 7.94 -34.82 -17.46
CA LEU A 792 9.33 -34.49 -17.17
C LEU A 792 9.51 -33.67 -15.89
N PRO A 793 10.64 -33.90 -15.20
CA PRO A 793 11.00 -33.16 -13.99
C PRO A 793 11.82 -31.92 -14.35
N PRO A 794 12.13 -31.04 -13.38
CA PRO A 794 13.11 -30.01 -13.66
C PRO A 794 14.46 -30.62 -13.99
N LEU A 795 15.04 -30.14 -15.07
CA LEU A 795 16.29 -30.66 -15.59
C LEU A 795 17.49 -30.34 -14.72
N VAL A 796 18.12 -31.35 -14.17
CA VAL A 796 19.28 -31.17 -13.33
C VAL A 796 20.46 -31.82 -14.02
N VAL A 797 21.37 -31.00 -14.52
CA VAL A 797 22.51 -31.48 -15.34
C VAL A 797 23.52 -32.33 -14.55
N ASN A 798 23.86 -31.87 -13.35
CA ASN A 798 24.90 -32.47 -12.54
C ASN A 798 24.41 -33.74 -11.87
N ARG A 799 25.23 -34.77 -12.01
CA ARG A 799 25.05 -36.08 -11.41
C ARG A 799 24.82 -35.98 -9.91
N GLU A 800 25.82 -35.48 -9.22
CA GLU A 800 25.82 -35.55 -7.78
C GLU A 800 24.59 -34.85 -7.18
N ALA A 801 24.19 -33.73 -7.78
CA ALA A 801 23.06 -32.94 -7.28
C ALA A 801 21.79 -33.70 -7.50
N ARG A 802 21.58 -34.16 -8.74
CA ARG A 802 20.43 -34.97 -9.09
C ARG A 802 20.25 -36.10 -8.07
N ALA A 803 21.39 -36.63 -7.62
CA ALA A 803 21.41 -37.72 -6.67
C ALA A 803 21.09 -37.27 -5.26
N LEU A 804 21.17 -35.97 -5.00
CA LEU A 804 20.83 -35.45 -3.66
C LEU A 804 19.36 -35.08 -3.57
N GLY A 805 18.69 -35.13 -4.72
CA GLY A 805 17.26 -34.83 -4.82
C GLY A 805 16.89 -33.55 -5.55
N MET A 806 17.80 -32.97 -6.31
CA MET A 806 17.51 -31.66 -6.88
C MET A 806 16.40 -31.68 -7.92
N SER A 807 16.12 -32.84 -8.50
CA SER A 807 15.14 -32.94 -9.57
C SER A 807 13.75 -33.14 -9.01
N GLU A 808 13.62 -33.16 -7.69
CA GLU A 808 12.30 -33.24 -7.05
C GLU A 808 11.62 -31.90 -7.14
N SER A 809 10.57 -31.84 -7.92
CA SER A 809 9.85 -30.58 -8.01
C SER A 809 9.09 -30.33 -6.72
N LEU A 810 8.72 -29.08 -6.47
CA LEU A 810 7.92 -28.76 -5.31
C LEU A 810 6.58 -29.45 -5.40
N PHE A 811 6.07 -29.57 -6.62
CA PHE A 811 4.81 -30.23 -6.84
C PHE A 811 4.87 -31.67 -6.35
N LYS A 812 5.91 -32.39 -6.75
CA LYS A 812 6.09 -33.74 -6.26
C LYS A 812 6.30 -33.75 -4.76
N ARG A 813 7.26 -32.97 -4.26
CA ARG A 813 7.52 -32.98 -2.83
C ARG A 813 6.23 -32.95 -2.04
N LEU A 814 5.34 -32.02 -2.41
CA LEU A 814 4.13 -31.75 -1.63
C LEU A 814 3.04 -32.75 -1.89
N GLU A 815 3.29 -33.69 -2.80
CA GLU A 815 2.26 -34.60 -3.26
C GLU A 815 2.02 -35.78 -2.34
N ARG A 816 2.85 -35.94 -1.31
CA ARG A 816 2.56 -36.96 -0.31
C ARG A 816 1.32 -36.65 0.50
N ASN A 817 0.92 -35.40 0.60
CA ASN A 817 -0.38 -35.12 1.17
C ASN A 817 -1.45 -35.35 0.13
N GLU A 818 -2.11 -36.51 0.18
CA GLU A 818 -3.13 -36.79 -0.82
C GLU A 818 -4.37 -35.93 -0.65
N SER A 819 -4.69 -35.54 0.57
CA SER A 819 -5.90 -34.76 0.80
C SER A 819 -5.98 -33.56 -0.14
N ALA A 820 -4.81 -33.12 -0.61
CA ALA A 820 -4.65 -31.91 -1.43
C ALA A 820 -4.48 -32.14 -2.92
N VAL A 821 -4.49 -33.41 -3.31
CA VAL A 821 -4.27 -33.80 -4.69
C VAL A 821 -5.60 -34.05 -5.39
N VAL A 822 -5.83 -33.44 -6.54
CA VAL A 822 -7.00 -33.76 -7.35
C VAL A 822 -6.53 -34.03 -8.76
N GLN A 823 -6.95 -35.17 -9.31
CA GLN A 823 -6.48 -35.59 -10.65
C GLN A 823 -7.41 -35.24 -11.79
N LEU A 824 -6.79 -34.84 -12.89
CA LEU A 824 -7.52 -34.59 -14.08
C LEU A 824 -7.30 -35.83 -14.92
N THR A 825 -8.39 -36.49 -15.31
CA THR A 825 -8.32 -37.80 -15.98
C THR A 825 -9.03 -37.84 -17.32
N VAL A 826 -10.22 -37.25 -17.40
CA VAL A 826 -10.91 -37.10 -18.67
C VAL A 826 -10.05 -36.30 -19.62
N GLN A 827 -9.59 -36.97 -20.69
CA GLN A 827 -8.66 -36.41 -21.68
C GLN A 827 -9.21 -36.34 -23.12
N TYR A 828 -8.76 -35.34 -23.86
CA TYR A 828 -9.35 -34.99 -25.16
C TYR A 828 -8.31 -34.96 -26.26
N ARG A 829 -7.25 -35.72 -26.12
CA ARG A 829 -6.20 -35.73 -27.14
C ARG A 829 -6.08 -37.09 -27.84
N MET A 830 -5.91 -38.16 -27.08
CA MET A 830 -5.58 -39.44 -27.66
C MET A 830 -6.82 -40.28 -27.92
N ASN A 831 -6.80 -40.96 -29.08
CA ASN A 831 -7.84 -41.87 -29.48
C ASN A 831 -7.72 -43.19 -28.73
N ARG A 832 -8.86 -43.65 -28.23
CA ARG A 832 -8.99 -44.88 -27.45
C ARG A 832 -7.76 -45.82 -27.43
N LYS A 833 -7.19 -46.10 -28.60
CA LYS A 833 -6.05 -47.02 -28.73
C LYS A 833 -4.77 -46.44 -28.18
N ILE A 834 -4.43 -45.23 -28.60
CA ILE A 834 -3.23 -44.54 -28.14
C ILE A 834 -3.31 -44.28 -26.63
N MET A 835 -4.47 -43.83 -26.16
CA MET A 835 -4.70 -43.67 -24.73
C MET A 835 -4.33 -44.96 -24.01
N SER A 836 -4.89 -46.06 -24.51
CA SER A 836 -4.75 -47.38 -23.88
C SER A 836 -3.32 -47.72 -23.60
N LEU A 837 -2.47 -47.31 -24.53
CA LEU A 837 -1.05 -47.57 -24.40
C LEU A 837 -0.48 -47.00 -23.09
N SER A 838 -0.60 -45.68 -22.94
CA SER A 838 -0.06 -44.96 -21.80
C SER A 838 -0.85 -45.26 -20.51
N ASN A 839 -2.13 -45.57 -20.67
CA ASN A 839 -2.94 -46.06 -19.57
C ASN A 839 -2.42 -47.38 -18.98
N LYS A 840 -1.82 -48.24 -19.81
CA LYS A 840 -1.29 -49.53 -19.39
C LYS A 840 0.12 -49.39 -18.88
N LEU A 841 0.85 -48.46 -19.47
CA LEU A 841 2.24 -48.31 -19.16
C LEU A 841 2.50 -47.39 -17.97
N THR A 842 1.68 -46.37 -17.80
CA THR A 842 2.03 -45.27 -16.90
C THR A 842 0.89 -44.89 -15.99
N TYR A 843 -0.26 -44.53 -16.56
CA TYR A 843 -1.36 -43.94 -15.78
C TYR A 843 -2.32 -44.92 -15.06
N ALA A 844 -1.88 -46.16 -14.91
CA ALA A 844 -2.63 -47.25 -14.24
C ALA A 844 -4.13 -47.30 -14.53
N GLY A 845 -4.49 -47.09 -15.79
CA GLY A 845 -5.88 -47.24 -16.20
C GLY A 845 -6.77 -46.08 -15.85
N LYS A 846 -6.17 -44.96 -15.44
CA LYS A 846 -6.92 -43.81 -14.95
C LYS A 846 -7.46 -42.83 -16.00
N LEU A 847 -6.93 -42.89 -17.23
CA LEU A 847 -7.37 -41.95 -18.28
C LEU A 847 -8.65 -42.38 -18.97
N GLU A 848 -9.59 -41.45 -19.11
CA GLU A 848 -10.81 -41.66 -19.87
C GLU A 848 -10.87 -40.74 -21.10
N CYS A 849 -11.68 -41.11 -22.07
CA CYS A 849 -11.82 -40.30 -23.28
C CYS A 849 -12.86 -39.21 -23.10
N GLY A 850 -12.60 -38.07 -23.72
CA GLY A 850 -13.46 -36.90 -23.61
C GLY A 850 -14.85 -37.17 -24.15
N SER A 851 -14.87 -37.89 -25.26
CA SER A 851 -16.08 -38.17 -26.00
C SER A 851 -15.78 -39.35 -26.90
N ASP A 852 -16.80 -39.78 -27.67
CA ASP A 852 -16.58 -40.83 -28.65
C ASP A 852 -15.82 -40.26 -29.84
N ARG A 853 -16.03 -38.97 -30.10
CA ARG A 853 -15.28 -38.25 -31.13
C ARG A 853 -13.80 -38.53 -30.98
N VAL A 854 -13.26 -38.09 -29.85
CA VAL A 854 -11.84 -38.22 -29.50
C VAL A 854 -11.39 -39.68 -29.52
N ALA A 855 -12.24 -40.55 -28.95
CA ALA A 855 -11.95 -41.97 -28.84
C ALA A 855 -11.72 -42.63 -30.19
N ASN A 856 -12.61 -42.34 -31.15
CA ASN A 856 -12.68 -43.04 -32.42
C ASN A 856 -11.98 -42.33 -33.56
N ALA A 857 -11.46 -41.14 -33.29
CA ALA A 857 -10.75 -40.37 -34.31
C ALA A 857 -9.48 -41.09 -34.80
N VAL A 858 -9.29 -41.06 -36.11
CA VAL A 858 -8.17 -41.73 -36.77
C VAL A 858 -7.53 -40.78 -37.78
N LEU A 859 -6.28 -41.04 -38.17
CA LEU A 859 -5.51 -40.06 -38.93
C LEU A 859 -6.21 -39.65 -40.22
N ALA A 860 -6.34 -38.35 -40.47
CA ALA A 860 -6.96 -37.80 -41.69
C ALA A 860 -6.07 -37.91 -42.94
N LEU A 861 -6.42 -38.83 -43.83
CA LEU A 861 -5.65 -39.07 -45.06
C LEU A 861 -6.58 -39.18 -46.29
N PRO A 862 -7.08 -38.03 -46.77
CA PRO A 862 -8.13 -37.96 -47.79
C PRO A 862 -7.80 -38.65 -49.13
N ASN A 863 -6.52 -38.73 -49.50
CA ASN A 863 -6.15 -39.44 -50.71
C ASN A 863 -5.11 -40.52 -50.46
N LEU A 864 -5.56 -41.60 -49.82
CA LEU A 864 -4.77 -42.81 -49.62
C LEU A 864 -4.57 -43.55 -50.94
N LYS A 865 -5.60 -43.49 -51.78
CA LYS A 865 -5.69 -44.28 -53.00
C LYS A 865 -4.51 -44.11 -53.94
N ASP A 866 -4.38 -42.91 -54.51
CA ASP A 866 -3.31 -42.60 -55.47
C ASP A 866 -1.96 -42.48 -54.75
N ALA A 867 -2.01 -42.33 -53.43
CA ALA A 867 -0.82 -42.31 -52.61
C ALA A 867 -0.21 -43.71 -52.62
N ARG A 868 -1.07 -44.71 -52.42
CA ARG A 868 -0.62 -46.11 -52.35
C ARG A 868 0.00 -46.58 -53.68
N LEU A 869 -0.61 -46.18 -54.79
CA LEU A 869 -0.11 -46.48 -56.15
C LEU A 869 1.28 -45.86 -56.39
N SER A 870 1.38 -44.53 -56.23
CA SER A 870 2.59 -43.74 -56.51
C SER A 870 3.85 -44.29 -55.84
N LEU A 871 3.68 -44.93 -54.69
CA LEU A 871 4.80 -45.52 -53.97
C LEU A 871 5.19 -46.85 -54.58
N GLN A 872 4.18 -47.67 -54.88
CA GLN A 872 4.37 -48.97 -55.49
C GLN A 872 5.04 -48.89 -56.87
N LEU A 873 5.38 -47.67 -57.29
CA LEU A 873 6.08 -47.41 -58.55
C LEU A 873 7.60 -47.53 -58.38
N TYR A 874 7.99 -48.35 -57.42
CA TYR A 874 9.37 -48.74 -57.19
C TYR A 874 9.38 -49.92 -56.21
N ALA A 875 8.48 -49.87 -55.23
CA ALA A 875 8.32 -50.91 -54.20
C ALA A 875 7.18 -51.86 -54.55
N ASP A 876 6.95 -52.85 -53.68
CA ASP A 876 5.96 -53.88 -53.98
C ASP A 876 4.67 -53.79 -53.13
N TYR A 877 3.60 -54.33 -53.70
CA TYR A 877 2.29 -54.47 -53.07
C TYR A 877 2.31 -55.56 -52.00
N SER A 878 3.14 -56.58 -52.22
CA SER A 878 3.20 -57.77 -51.37
C SER A 878 3.97 -57.56 -50.07
N ASP A 879 4.89 -56.59 -50.07
CA ASP A 879 5.54 -56.19 -48.83
C ASP A 879 4.62 -55.29 -48.00
N SER A 880 3.35 -55.71 -47.91
CA SER A 880 2.32 -55.05 -47.13
C SER A 880 2.57 -55.08 -45.61
N PRO A 881 3.25 -56.14 -45.08
CA PRO A 881 3.50 -56.21 -43.63
C PRO A 881 3.53 -54.85 -42.94
N TRP A 882 4.58 -54.07 -43.20
CA TRP A 882 4.67 -52.77 -42.58
C TRP A 882 3.86 -51.71 -43.31
N LEU A 883 4.27 -51.33 -44.52
CA LEU A 883 3.61 -50.21 -45.21
C LEU A 883 2.09 -50.19 -45.10
N ALA A 884 1.45 -51.34 -45.28
CA ALA A 884 0.00 -51.43 -45.22
C ALA A 884 -0.49 -51.18 -43.80
N GLY A 885 0.18 -51.80 -42.82
CA GLY A 885 -0.11 -51.62 -41.39
C GLY A 885 0.22 -50.22 -40.89
N VAL A 886 1.32 -49.65 -41.38
CA VAL A 886 1.75 -48.28 -41.06
C VAL A 886 0.74 -47.23 -41.54
N LEU A 887 0.37 -47.30 -42.82
CA LEU A 887 -0.53 -46.29 -43.39
C LEU A 887 -1.93 -46.42 -42.84
N GLU A 888 -2.30 -47.65 -42.48
CA GLU A 888 -3.65 -47.94 -42.02
C GLU A 888 -4.09 -47.03 -40.87
N PRO A 889 -5.01 -46.09 -41.13
CA PRO A 889 -5.52 -45.20 -40.08
C PRO A 889 -6.06 -45.97 -38.87
N ASP A 890 -6.72 -47.12 -39.11
CA ASP A 890 -7.30 -47.93 -38.05
C ASP A 890 -6.28 -48.81 -37.32
N ASN A 891 -5.01 -48.57 -37.61
CA ASN A 891 -3.92 -49.10 -36.82
C ASN A 891 -3.12 -47.96 -36.12
N PRO A 892 -3.72 -47.32 -35.08
CA PRO A 892 -3.25 -46.03 -34.58
C PRO A 892 -1.88 -46.09 -33.93
N VAL A 893 -1.60 -47.16 -33.19
CA VAL A 893 -0.30 -47.43 -32.57
C VAL A 893 0.46 -48.41 -33.43
N CYS A 894 1.74 -48.13 -33.68
CA CYS A 894 2.57 -49.04 -34.45
C CYS A 894 4.08 -48.91 -34.19
N PHE A 895 4.71 -50.03 -33.83
CA PHE A 895 6.16 -50.07 -33.66
C PHE A 895 6.84 -50.80 -34.81
N LEU A 896 7.90 -50.17 -35.31
CA LEU A 896 8.65 -50.67 -36.44
C LEU A 896 10.03 -51.13 -36.00
N ASN A 897 10.27 -52.43 -36.13
CA ASN A 897 11.49 -53.05 -35.64
C ASN A 897 12.65 -52.99 -36.64
N THR A 898 13.67 -52.20 -36.32
CA THR A 898 14.82 -52.05 -37.21
C THR A 898 15.88 -53.10 -36.90
N ASP A 899 15.43 -54.29 -36.53
CA ASP A 899 16.36 -55.37 -36.17
C ASP A 899 16.89 -56.11 -37.39
N LYS A 900 15.99 -56.66 -38.21
CA LYS A 900 16.34 -57.50 -39.36
C LYS A 900 17.01 -56.74 -40.50
N VAL A 901 16.96 -55.40 -40.43
CA VAL A 901 17.70 -54.52 -41.32
C VAL A 901 18.66 -53.71 -40.46
N PRO A 902 19.98 -53.93 -40.61
CA PRO A 902 20.94 -53.24 -39.74
C PRO A 902 20.70 -51.72 -39.75
N ALA A 903 20.60 -51.14 -38.55
CA ALA A 903 20.36 -49.71 -38.38
C ALA A 903 21.28 -49.11 -37.31
N PRO A 904 22.62 -49.17 -37.51
CA PRO A 904 23.58 -48.76 -36.47
C PRO A 904 23.56 -47.27 -36.11
N GLU A 905 23.90 -46.99 -34.86
CA GLU A 905 23.96 -45.63 -34.34
C GLU A 905 25.31 -45.00 -34.62
N GLN A 906 25.38 -43.69 -34.51
CA GLN A 906 26.65 -42.99 -34.69
C GLN A 906 26.91 -42.07 -33.50
N VAL A 907 27.78 -42.55 -32.62
CA VAL A 907 28.16 -41.79 -31.43
C VAL A 907 29.21 -40.75 -31.82
N GLU A 908 28.92 -39.48 -31.54
CA GLU A 908 29.81 -38.41 -31.99
C GLU A 908 30.05 -37.28 -30.98
N ASN A 909 31.03 -37.53 -30.10
CA ASN A 909 31.46 -36.60 -29.05
C ASN A 909 30.37 -36.24 -28.03
N GLY A 910 29.63 -37.25 -27.55
CA GLY A 910 28.55 -37.03 -26.59
C GLY A 910 27.17 -37.49 -27.02
N GLY A 911 26.65 -36.86 -28.07
CA GLY A 911 25.32 -37.20 -28.60
C GLY A 911 25.39 -38.37 -29.56
N VAL A 912 24.25 -39.01 -29.80
CA VAL A 912 24.19 -40.17 -30.71
C VAL A 912 23.22 -39.92 -31.87
N SER A 913 23.48 -40.55 -33.00
CA SER A 913 22.60 -40.45 -34.16
C SER A 913 22.41 -41.79 -34.85
N ASN A 914 21.53 -41.79 -35.85
CA ASN A 914 21.21 -42.98 -36.60
C ASN A 914 20.65 -42.57 -37.94
N VAL A 915 21.52 -42.51 -38.96
CA VAL A 915 21.16 -42.03 -40.31
C VAL A 915 20.20 -42.99 -41.00
N THR A 916 20.45 -44.29 -40.86
CA THR A 916 19.53 -45.31 -41.33
C THR A 916 18.10 -45.01 -40.88
N GLU A 917 17.91 -44.87 -39.57
CA GLU A 917 16.61 -44.52 -38.99
C GLU A 917 16.11 -43.17 -39.45
N ALA A 918 17.05 -42.24 -39.64
CA ALA A 918 16.71 -40.87 -40.08
C ALA A 918 16.20 -40.94 -41.50
N ARG A 919 17.00 -41.56 -42.36
CA ARG A 919 16.65 -41.84 -43.74
C ARG A 919 15.25 -42.45 -43.77
N LEU A 920 15.07 -43.50 -42.97
CA LEU A 920 13.81 -44.21 -42.89
C LEU A 920 12.60 -43.33 -42.54
N ILE A 921 12.69 -42.53 -41.48
CA ILE A 921 11.53 -41.71 -41.08
C ILE A 921 11.22 -40.57 -42.04
N VAL A 922 12.26 -39.98 -42.65
CA VAL A 922 12.05 -38.90 -43.64
C VAL A 922 11.15 -39.38 -44.79
N PHE A 923 11.39 -40.60 -45.25
CA PHE A 923 10.52 -41.26 -46.20
C PHE A 923 9.07 -41.29 -45.68
N LEU A 924 8.87 -41.91 -44.52
CA LEU A 924 7.55 -42.03 -43.91
C LEU A 924 6.79 -40.70 -43.82
N THR A 925 7.55 -39.62 -43.69
CA THR A 925 6.97 -38.29 -43.57
C THR A 925 6.42 -37.86 -44.93
N SER A 926 7.26 -37.97 -45.95
CA SER A 926 6.91 -37.56 -47.31
C SER A 926 5.59 -38.21 -47.73
N THR A 927 5.53 -39.51 -47.53
CA THR A 927 4.35 -40.32 -47.80
C THR A 927 3.08 -39.73 -47.17
N PHE A 928 3.16 -39.41 -45.89
CA PHE A 928 1.98 -39.03 -45.12
C PHE A 928 1.41 -37.68 -45.54
N ILE A 929 2.29 -36.78 -45.97
CA ILE A 929 1.82 -35.53 -46.55
C ILE A 929 1.17 -35.83 -47.89
N LYS A 930 1.82 -36.69 -48.68
CA LYS A 930 1.31 -37.11 -49.99
C LYS A 930 -0.01 -37.90 -49.89
N ALA A 931 -0.30 -38.47 -48.72
CA ALA A 931 -1.55 -39.20 -48.51
C ALA A 931 -2.67 -38.26 -48.04
N GLY A 932 -2.31 -36.99 -47.89
CA GLY A 932 -3.27 -35.94 -47.56
C GLY A 932 -3.18 -35.35 -46.16
N CYS A 933 -2.12 -35.67 -45.43
CA CYS A 933 -1.93 -35.17 -44.07
C CYS A 933 -1.00 -33.96 -44.03
N SER A 934 -1.54 -32.79 -43.67
CA SER A 934 -0.78 -31.52 -43.67
C SER A 934 0.41 -31.56 -42.75
N PRO A 935 1.60 -31.15 -43.24
CA PRO A 935 2.87 -31.23 -42.51
C PRO A 935 2.79 -30.48 -41.17
N SER A 936 1.93 -29.47 -41.15
CA SER A 936 1.55 -28.76 -39.94
C SER A 936 1.19 -29.74 -38.82
N ASP A 937 0.49 -30.82 -39.18
CA ASP A 937 -0.03 -31.79 -38.23
C ASP A 937 0.93 -32.93 -37.96
N ILE A 938 2.21 -32.67 -38.17
CA ILE A 938 3.22 -33.72 -38.04
C ILE A 938 4.40 -33.33 -37.12
N GLY A 939 4.65 -34.20 -36.14
CA GLY A 939 5.76 -34.03 -35.22
C GLY A 939 6.69 -35.20 -35.27
N VAL A 940 7.98 -34.89 -35.41
CA VAL A 940 9.04 -35.89 -35.31
C VAL A 940 9.79 -35.72 -33.97
N ILE A 941 9.99 -36.85 -33.27
CA ILE A 941 10.71 -36.85 -31.99
C ILE A 941 11.89 -37.82 -32.01
N ALA A 942 12.94 -37.45 -31.29
CA ALA A 942 14.11 -38.29 -31.09
C ALA A 942 14.75 -37.98 -29.75
N PRO A 943 15.16 -39.02 -29.00
CA PRO A 943 15.83 -38.91 -27.73
C PRO A 943 17.06 -38.02 -27.76
N TYR A 944 17.82 -38.04 -28.86
CA TYR A 944 19.10 -37.34 -28.90
C TYR A 944 19.08 -36.08 -29.77
N ARG A 945 19.59 -34.98 -29.19
CA ARG A 945 19.64 -33.68 -29.84
C ARG A 945 20.33 -33.82 -31.20
N GLN A 946 21.47 -34.52 -31.20
CA GLN A 946 22.28 -34.76 -32.38
C GLN A 946 21.46 -35.39 -33.52
N GLN A 947 20.55 -36.30 -33.18
CA GLN A 947 19.74 -36.97 -34.19
C GLN A 947 18.75 -36.01 -34.84
N LEU A 948 18.41 -34.91 -34.16
CA LEU A 948 17.49 -33.93 -34.73
C LEU A 948 18.05 -33.26 -35.96
N ARG A 949 19.28 -32.76 -35.85
CA ARG A 949 20.06 -32.20 -36.96
C ARG A 949 19.87 -33.05 -38.20
N ILE A 950 20.39 -34.27 -38.11
CA ILE A 950 20.35 -35.27 -39.17
C ILE A 950 18.97 -35.40 -39.82
N ILE A 951 17.92 -35.53 -39.02
CA ILE A 951 16.57 -35.66 -39.55
C ILE A 951 16.13 -34.35 -40.20
N SER A 952 16.55 -33.22 -39.66
CA SER A 952 16.21 -31.93 -40.25
C SER A 952 16.84 -31.81 -41.62
N ASP A 953 18.13 -32.15 -41.71
CA ASP A 953 18.88 -32.12 -42.98
C ASP A 953 18.20 -32.88 -44.12
N LEU A 954 17.99 -34.18 -43.91
CA LEU A 954 17.36 -35.04 -44.89
C LEU A 954 15.94 -34.59 -45.23
N LEU A 955 15.40 -33.65 -44.46
CA LEU A 955 14.08 -33.09 -44.75
C LEU A 955 14.14 -31.93 -45.77
N ALA A 956 15.18 -31.12 -45.69
CA ALA A 956 15.41 -30.08 -46.69
C ALA A 956 15.92 -30.75 -47.97
N ARG A 957 16.63 -31.87 -47.80
CA ARG A 957 17.10 -32.72 -48.90
C ARG A 957 15.91 -33.22 -49.72
N SER A 958 14.89 -33.75 -49.04
CA SER A 958 13.68 -34.20 -49.73
C SER A 958 12.70 -33.06 -49.90
N SER A 959 13.18 -31.84 -49.69
CA SER A 959 12.39 -30.60 -49.79
C SER A 959 10.99 -30.64 -49.12
N VAL A 960 10.98 -31.08 -47.86
CA VAL A 960 9.80 -31.04 -47.00
C VAL A 960 10.28 -30.61 -45.60
N GLY A 961 9.96 -29.38 -45.20
CA GLY A 961 10.52 -28.83 -43.96
C GLY A 961 9.57 -28.21 -42.97
N MET A 962 8.28 -28.33 -43.19
CA MET A 962 7.27 -27.73 -42.30
C MET A 962 7.08 -28.57 -41.04
N VAL A 963 7.35 -29.87 -41.14
CA VAL A 963 7.24 -30.74 -39.98
C VAL A 963 8.35 -30.40 -39.01
N GLU A 964 8.00 -30.38 -37.73
CA GLU A 964 8.96 -30.00 -36.72
C GLU A 964 9.62 -31.20 -36.08
N VAL A 965 10.93 -31.28 -36.27
CA VAL A 965 11.76 -32.23 -35.57
C VAL A 965 12.11 -31.56 -34.25
N ASN A 966 12.03 -32.32 -33.16
CA ASN A 966 12.40 -31.81 -31.83
C ASN A 966 12.46 -32.89 -30.74
N THR A 967 13.20 -32.61 -29.67
CA THR A 967 13.25 -33.49 -28.49
C THR A 967 11.94 -33.47 -27.72
N VAL A 968 11.68 -34.54 -26.97
CA VAL A 968 10.47 -34.63 -26.11
C VAL A 968 10.25 -33.37 -25.28
N ASP A 969 11.33 -32.82 -24.76
CA ASP A 969 11.32 -31.68 -23.88
C ASP A 969 10.67 -30.51 -24.54
N LYS A 970 11.18 -30.13 -25.68
CA LYS A 970 10.59 -29.06 -26.45
C LYS A 970 9.18 -29.44 -26.93
N TYR A 971 8.66 -30.56 -26.43
CA TYR A 971 7.30 -31.00 -26.79
C TYR A 971 6.31 -31.01 -25.61
N GLN A 972 6.82 -30.96 -24.39
CA GLN A 972 5.99 -30.93 -23.19
C GLN A 972 4.72 -30.15 -23.45
N GLY A 973 3.59 -30.72 -23.08
CA GLY A 973 2.30 -30.02 -23.12
C GLY A 973 1.71 -29.74 -24.49
N ARG A 974 2.52 -29.85 -25.55
CA ARG A 974 2.01 -29.75 -26.94
C ARG A 974 1.70 -31.12 -27.54
N ASP A 975 0.95 -31.15 -28.63
CA ASP A 975 0.58 -32.39 -29.32
C ASP A 975 0.47 -32.24 -30.85
N LYS A 976 0.60 -33.35 -31.59
CA LYS A 976 0.35 -33.36 -33.04
C LYS A 976 -0.63 -34.49 -33.43
N SER A 977 -1.14 -34.45 -34.66
CA SER A 977 -2.06 -35.48 -35.17
C SER A 977 -1.33 -36.78 -35.48
N LEU A 978 -0.09 -36.64 -35.95
CA LEU A 978 0.81 -37.76 -36.18
C LEU A 978 2.18 -37.55 -35.55
N ILE A 979 2.61 -38.53 -34.76
CA ILE A 979 3.96 -38.47 -34.19
C ILE A 979 4.73 -39.65 -34.71
N LEU A 980 5.99 -39.37 -35.03
CA LEU A 980 6.95 -40.37 -35.46
C LEU A 980 8.19 -40.21 -34.58
N VAL A 981 8.65 -41.33 -34.01
CA VAL A 981 9.71 -41.34 -33.01
C VAL A 981 10.90 -42.16 -33.49
N SER A 982 12.02 -41.49 -33.70
CA SER A 982 13.28 -42.20 -33.92
C SER A 982 13.99 -42.41 -32.57
N PHE A 983 14.07 -43.64 -32.11
CA PHE A 983 14.70 -43.93 -30.83
C PHE A 983 16.22 -43.97 -30.96
N VAL A 984 16.70 -43.86 -32.20
CA VAL A 984 18.14 -43.70 -32.49
C VAL A 984 19.13 -44.65 -31.79
N ARG A 985 18.72 -45.35 -30.74
CA ARG A 985 19.62 -46.33 -30.16
C ARG A 985 19.56 -47.64 -30.90
N SER A 986 20.75 -48.12 -31.24
CA SER A 986 20.93 -49.36 -31.96
C SER A 986 22.42 -49.71 -31.90
N ASN A 987 22.82 -50.48 -30.90
CA ASN A 987 24.23 -50.86 -30.72
C ASN A 987 24.38 -52.36 -30.51
N GLU A 988 25.62 -52.85 -30.64
CA GLU A 988 25.97 -54.28 -30.54
C GLU A 988 25.39 -55.04 -29.32
N ASP A 989 26.04 -54.90 -28.17
CA ASP A 989 25.50 -55.32 -26.85
C ASP A 989 26.33 -54.65 -25.71
N GLY A 990 26.64 -53.37 -25.91
CA GLY A 990 27.33 -52.61 -24.89
C GLY A 990 26.54 -51.38 -24.52
N THR A 991 27.20 -50.24 -24.76
CA THR A 991 26.71 -48.91 -24.41
C THR A 991 25.19 -48.67 -24.51
N LEU A 992 24.68 -48.08 -23.43
CA LEU A 992 23.27 -48.02 -23.11
C LEU A 992 23.10 -46.76 -22.26
N GLY A 993 22.80 -45.65 -22.92
CA GLY A 993 22.83 -44.33 -22.26
C GLY A 993 21.84 -44.18 -21.13
N GLU A 994 22.02 -43.15 -20.30
CA GLU A 994 21.09 -42.86 -19.19
C GLU A 994 19.71 -42.44 -19.65
N LEU A 995 19.67 -41.85 -20.84
CA LEU A 995 18.51 -41.15 -21.30
C LEU A 995 17.29 -42.03 -21.46
N LEU A 996 17.44 -43.18 -22.11
CA LEU A 996 16.28 -44.04 -22.40
C LEU A 996 15.77 -44.80 -21.19
N LYS A 997 16.60 -44.87 -20.15
CA LYS A 997 16.21 -45.49 -18.88
C LYS A 997 15.09 -44.72 -18.20
N ASP A 998 14.95 -43.44 -18.55
CA ASP A 998 14.01 -42.55 -17.91
C ASP A 998 12.58 -42.79 -18.31
N TRP A 999 11.78 -43.28 -17.37
CA TRP A 999 10.40 -43.61 -17.63
C TRP A 999 9.58 -42.42 -18.13
N ARG A 1000 9.93 -41.22 -17.64
CA ARG A 1000 9.17 -40.00 -17.90
C ARG A 1000 9.29 -39.45 -19.32
N ARG A 1001 10.50 -39.50 -19.89
CA ARG A 1001 10.74 -39.06 -21.28
C ARG A 1001 9.96 -39.95 -22.20
N LEU A 1002 9.98 -41.26 -21.91
CA LEU A 1002 9.18 -42.18 -22.71
C LEU A 1002 7.71 -41.77 -22.69
N ASN A 1003 7.15 -41.67 -21.49
CA ASN A 1003 5.77 -41.28 -21.32
C ASN A 1003 5.32 -40.10 -22.15
N VAL A 1004 6.13 -39.05 -22.17
CA VAL A 1004 5.82 -37.84 -22.94
C VAL A 1004 5.71 -38.19 -24.42
N ALA A 1005 6.67 -38.96 -24.94
CA ALA A 1005 6.64 -39.41 -26.34
C ALA A 1005 5.34 -40.16 -26.71
N LEU A 1006 4.92 -41.10 -25.88
CA LEU A 1006 3.69 -41.84 -26.17
C LEU A 1006 2.38 -41.05 -25.96
N THR A 1007 2.50 -39.75 -25.72
CA THR A 1007 1.36 -38.93 -25.31
C THR A 1007 1.23 -37.63 -26.09
N ARG A 1008 2.14 -37.45 -27.06
CA ARG A 1008 2.11 -36.30 -27.96
C ARG A 1008 1.16 -36.46 -29.17
N ALA A 1009 0.71 -37.68 -29.45
CA ALA A 1009 -0.03 -37.92 -30.69
C ALA A 1009 -1.50 -38.02 -30.43
N LYS A 1010 -2.31 -37.43 -31.32
CA LYS A 1010 -3.78 -37.48 -31.20
C LYS A 1010 -4.40 -38.72 -31.86
N HIS A 1011 -3.95 -38.98 -33.10
CA HIS A 1011 -4.56 -39.95 -34.00
C HIS A 1011 -3.62 -41.09 -34.40
N LYS A 1012 -2.40 -40.78 -34.83
CA LYS A 1012 -1.45 -41.86 -35.16
C LYS A 1012 -0.02 -41.75 -34.56
N LEU A 1013 0.40 -42.86 -33.93
CA LEU A 1013 1.68 -42.91 -33.27
C LEU A 1013 2.53 -44.00 -33.86
N ILE A 1014 3.63 -43.60 -34.48
CA ILE A 1014 4.53 -44.54 -35.15
C ILE A 1014 5.89 -44.51 -34.43
N LEU A 1015 6.36 -45.70 -34.08
CA LEU A 1015 7.59 -45.82 -33.28
C LEU A 1015 8.68 -46.62 -34.02
N LEU A 1016 9.94 -46.22 -33.87
CA LEU A 1016 11.00 -46.76 -34.72
C LEU A 1016 12.33 -46.95 -34.02
N GLY A 1017 12.71 -48.21 -33.77
CA GLY A 1017 14.05 -48.52 -33.22
C GLY A 1017 14.39 -50.02 -33.19
N SER A 1018 15.63 -50.35 -32.80
CA SER A 1018 16.01 -51.75 -32.75
C SER A 1018 15.57 -52.43 -31.45
N VAL A 1019 14.39 -53.04 -31.47
CA VAL A 1019 13.91 -53.88 -30.36
C VAL A 1019 15.04 -54.52 -29.55
N SER A 1020 16.04 -55.06 -30.25
CA SER A 1020 17.15 -55.78 -29.64
C SER A 1020 17.81 -55.03 -28.48
N SER A 1021 18.35 -53.84 -28.75
CA SER A 1021 19.05 -53.09 -27.71
C SER A 1021 18.10 -52.21 -26.88
N LEU A 1022 16.95 -51.87 -27.45
CA LEU A 1022 15.95 -51.06 -26.78
C LEU A 1022 15.30 -51.78 -25.62
N LYS A 1023 15.16 -53.10 -25.72
CA LYS A 1023 14.47 -53.88 -24.69
C LYS A 1023 15.19 -53.86 -23.32
N ARG A 1024 16.46 -53.48 -23.32
CA ARG A 1024 17.23 -53.48 -22.09
C ARG A 1024 17.05 -52.19 -21.31
N PHE A 1025 16.12 -51.35 -21.76
CA PHE A 1025 15.69 -50.16 -21.04
C PHE A 1025 14.32 -50.43 -20.42
N PRO A 1026 14.25 -50.53 -19.08
CA PRO A 1026 13.02 -50.87 -18.40
C PRO A 1026 11.77 -50.20 -18.99
N PRO A 1027 11.78 -48.87 -19.20
CA PRO A 1027 10.54 -48.34 -19.76
C PRO A 1027 10.16 -49.01 -21.08
N LEU A 1028 11.16 -49.25 -21.94
CA LEU A 1028 10.96 -49.88 -23.28
C LEU A 1028 10.61 -51.34 -23.23
N GLY A 1029 11.31 -52.09 -22.37
CA GLY A 1029 10.95 -53.48 -22.06
C GLY A 1029 9.46 -53.63 -21.83
N THR A 1030 8.94 -52.91 -20.83
CA THR A 1030 7.52 -52.88 -20.51
C THR A 1030 6.66 -52.45 -21.70
N LEU A 1031 7.16 -51.51 -22.51
CA LEU A 1031 6.45 -51.12 -23.70
C LEU A 1031 6.32 -52.33 -24.60
N PHE A 1032 7.47 -52.91 -24.98
CA PHE A 1032 7.51 -54.08 -25.84
C PHE A 1032 6.58 -55.22 -25.40
N ASP A 1033 6.42 -55.42 -24.09
CA ASP A 1033 5.46 -56.39 -23.59
C ASP A 1033 4.04 -56.06 -24.01
N HIS A 1034 3.59 -54.85 -23.72
CA HIS A 1034 2.22 -54.48 -24.08
C HIS A 1034 2.05 -54.44 -25.58
N LEU A 1035 3.11 -54.12 -26.30
CA LEU A 1035 3.05 -54.06 -27.76
C LEU A 1035 3.01 -55.45 -28.39
N ASN A 1036 3.72 -56.40 -27.80
CA ASN A 1036 3.68 -57.78 -28.27
C ASN A 1036 2.31 -58.38 -28.03
N ALA A 1037 1.82 -58.29 -26.79
CA ALA A 1037 0.47 -58.77 -26.49
C ALA A 1037 -0.55 -58.41 -27.57
N GLU A 1038 -0.48 -57.21 -28.12
CA GLU A 1038 -1.44 -56.77 -29.16
C GLU A 1038 -0.93 -56.93 -30.59
N GLN A 1039 0.24 -57.54 -30.72
CA GLN A 1039 0.94 -57.71 -32.00
C GLN A 1039 0.99 -56.41 -32.80
N LEU A 1040 1.66 -55.41 -32.23
CA LEU A 1040 1.71 -54.10 -32.86
C LEU A 1040 3.13 -53.75 -33.29
N ILE A 1041 4.09 -54.54 -32.84
CA ILE A 1041 5.43 -54.48 -33.43
C ILE A 1041 5.38 -55.31 -34.71
N LEU A 1042 5.98 -54.76 -35.74
CA LEU A 1042 6.04 -55.42 -37.01
C LEU A 1042 7.48 -55.34 -37.42
N ASP A 1043 8.11 -56.52 -37.55
CA ASP A 1043 9.52 -56.61 -37.90
C ASP A 1043 9.77 -56.25 -39.38
N LEU A 1044 10.93 -55.67 -39.65
CA LEU A 1044 11.21 -55.19 -40.99
C LEU A 1044 12.04 -56.18 -41.82
N PRO A 1045 11.89 -56.10 -43.16
CA PRO A 1045 12.81 -56.79 -44.08
C PRO A 1045 14.25 -56.27 -43.97
N SER A 1046 15.19 -56.95 -44.62
CA SER A 1046 16.56 -56.45 -44.71
C SER A 1046 16.59 -55.23 -45.61
N ARG A 1047 17.71 -54.49 -45.57
CA ARG A 1047 17.89 -53.29 -46.40
C ARG A 1047 17.98 -53.62 -47.90
N GLU A 1048 17.99 -54.92 -48.20
CA GLU A 1048 18.08 -55.40 -49.57
C GLU A 1048 16.71 -55.54 -50.23
N HIS A 1049 15.71 -55.90 -49.43
CA HIS A 1049 14.34 -56.13 -49.91
C HIS A 1049 13.83 -54.99 -50.79
N GLU A 1050 12.83 -55.29 -51.62
CA GLU A 1050 12.34 -54.41 -52.69
C GLU A 1050 11.92 -53.01 -52.21
N SER A 1051 11.34 -52.94 -51.02
CA SER A 1051 10.75 -51.70 -50.49
C SER A 1051 11.74 -50.78 -49.78
N LEU A 1052 12.80 -51.37 -49.22
CA LEU A 1052 13.79 -50.64 -48.43
C LEU A 1052 15.00 -50.16 -49.24
N SER A 1053 15.46 -51.03 -50.16
CA SER A 1053 16.68 -50.82 -50.96
C SER A 1053 16.75 -49.46 -51.67
N HIS A 1054 15.59 -49.02 -52.16
CA HIS A 1054 15.47 -47.72 -52.81
C HIS A 1054 15.51 -46.53 -51.85
N ILE A 1055 15.48 -46.78 -50.55
CA ILE A 1055 15.63 -45.71 -49.56
C ILE A 1055 17.07 -45.63 -49.05
N LEU A 1056 17.83 -46.72 -49.21
CA LEU A 1056 19.26 -46.76 -48.83
C LEU A 1056 20.18 -46.88 -50.06
N MET C 1 -4.17 46.77 50.64
CA MET C 1 -4.53 46.81 52.07
C MET C 1 -3.36 47.34 52.89
N GLU C 2 -3.30 48.66 53.05
CA GLU C 2 -2.28 49.27 53.90
C GLU C 2 -2.84 49.63 55.28
N PRO C 3 -3.19 50.92 55.53
CA PRO C 3 -3.44 51.31 56.92
C PRO C 3 -4.07 50.24 57.81
N LEU C 4 -3.77 50.32 59.10
CA LEU C 4 -4.52 49.63 60.13
C LEU C 4 -5.99 49.49 59.68
N ASP C 5 -6.56 50.60 59.25
CA ASP C 5 -7.94 50.73 58.79
C ASP C 5 -8.39 49.75 57.69
N GLU C 6 -7.60 49.59 56.63
CA GLU C 6 -7.91 48.63 55.56
C GLU C 6 -8.26 47.26 56.11
N LEU C 7 -7.47 46.82 57.09
CA LEU C 7 -7.62 45.52 57.73
C LEU C 7 -8.93 45.41 58.46
N ASP C 8 -9.16 46.37 59.35
CA ASP C 8 -10.40 46.47 60.07
C ASP C 8 -11.62 46.26 59.19
N LEU C 9 -11.70 47.05 58.12
CA LEU C 9 -12.86 47.01 57.24
C LEU C 9 -12.90 45.77 56.37
N LEU C 10 -11.73 45.22 56.03
CA LEU C 10 -11.70 44.06 55.13
C LEU C 10 -12.16 42.76 55.80
N LEU C 11 -12.32 42.81 57.13
CA LEU C 11 -13.02 41.76 57.84
C LEU C 11 -14.46 41.69 57.34
N LEU C 12 -14.82 40.53 56.81
CA LEU C 12 -16.20 40.22 56.39
C LEU C 12 -16.97 39.53 57.54
N GLU C 13 -18.18 39.05 57.23
CA GLU C 13 -19.05 38.31 58.17
C GLU C 13 -19.36 39.07 59.47
N ALA C 20 -22.43 35.12 52.80
CA ALA C 20 -23.60 34.43 53.33
C ALA C 20 -24.67 34.18 52.27
N VAL C 21 -25.05 35.23 51.54
CA VAL C 21 -26.06 35.15 50.47
C VAL C 21 -25.49 35.44 49.06
N PRO C 22 -24.75 36.56 48.88
CA PRO C 22 -24.23 36.87 47.53
C PRO C 22 -23.21 35.82 47.06
N ARG C 23 -22.57 35.17 48.02
CA ARG C 23 -21.63 34.08 47.77
C ARG C 23 -22.38 32.83 47.31
N VAL C 24 -23.44 32.48 48.05
CA VAL C 24 -24.36 31.42 47.68
C VAL C 24 -24.87 31.62 46.24
N GLU C 25 -25.17 32.87 45.90
CA GLU C 25 -25.66 33.25 44.58
C GLU C 25 -24.62 33.06 43.46
N LEU C 26 -23.36 33.38 43.77
CA LEU C 26 -22.23 33.23 42.82
C LEU C 26 -21.92 31.76 42.55
N LEU C 27 -22.17 30.91 43.56
CA LEU C 27 -22.09 29.46 43.42
C LEU C 27 -23.14 28.93 42.45
N ARG C 28 -24.38 29.42 42.60
CA ARG C 28 -25.47 29.12 41.66
C ARG C 28 -25.17 29.58 40.24
N LYS C 29 -24.46 30.69 40.12
CA LYS C 29 -23.94 31.14 38.84
C LYS C 29 -22.86 30.19 38.33
N LYS C 30 -21.96 29.77 39.23
CA LYS C 30 -20.81 28.92 38.91
C LYS C 30 -21.20 27.52 38.40
N ALA C 31 -22.17 26.91 39.08
CA ALA C 31 -22.69 25.58 38.75
C ALA C 31 -23.42 25.57 37.41
N ASP C 32 -24.00 26.73 37.05
CA ASP C 32 -24.75 26.90 35.80
C ASP C 32 -23.88 27.26 34.59
N ALA C 33 -22.63 27.65 34.85
CA ALA C 33 -21.62 27.76 33.80
C ALA C 33 -21.26 26.34 33.34
N LEU C 34 -21.09 25.45 34.31
CA LEU C 34 -20.80 24.02 34.08
C LEU C 34 -22.06 23.18 33.81
N PHE C 35 -23.03 23.21 34.71
CA PHE C 35 -24.27 22.50 34.47
C PHE C 35 -25.46 23.44 34.47
N PRO C 36 -25.80 23.99 33.28
CA PRO C 36 -26.90 24.95 33.15
C PRO C 36 -28.27 24.31 33.39
N GLU C 37 -29.04 24.91 34.30
CA GLU C 37 -30.41 24.52 34.59
C GLU C 37 -30.55 23.15 35.23
N THR C 38 -29.66 22.83 36.15
CA THR C 38 -29.83 21.63 36.95
C THR C 38 -30.95 21.93 37.94
N VAL C 39 -32.07 21.20 37.80
CA VAL C 39 -33.32 21.43 38.55
C VAL C 39 -33.19 21.36 40.08
N LEU C 40 -32.24 20.58 40.59
CA LEU C 40 -32.11 20.29 42.03
C LEU C 40 -33.28 19.45 42.51
N SER C 41 -33.02 18.43 43.35
CA SER C 41 -34.11 17.52 43.76
C SER C 41 -33.87 16.66 45.01
N ARG C 42 -34.92 15.90 45.32
CA ARG C 42 -34.95 14.89 46.36
C ARG C 42 -35.24 13.55 45.68
N GLY C 43 -35.30 12.48 46.47
CA GLY C 43 -35.69 11.16 45.99
C GLY C 43 -34.70 10.50 45.06
N VAL C 44 -35.21 9.60 44.22
CA VAL C 44 -34.42 8.75 43.30
C VAL C 44 -33.32 9.50 42.56
N ASP C 45 -33.70 10.57 41.86
CA ASP C 45 -32.75 11.34 41.07
C ASP C 45 -32.49 12.71 41.69
N ASN C 46 -32.02 12.68 42.92
CA ASN C 46 -31.62 13.87 43.62
C ASN C 46 -30.42 14.52 42.95
N ARG C 47 -30.39 15.85 43.05
CA ARG C 47 -29.19 16.61 42.75
C ARG C 47 -29.08 17.81 43.68
N TYR C 48 -28.25 17.66 44.69
CA TYR C 48 -28.03 18.69 45.69
C TYR C 48 -26.91 19.60 45.26
N LEU C 49 -26.97 20.86 45.68
CA LEU C 49 -25.92 21.82 45.37
C LEU C 49 -25.00 22.03 46.59
N VAL C 50 -23.73 21.70 46.42
CA VAL C 50 -22.76 21.88 47.51
C VAL C 50 -22.66 23.36 47.86
N LEU C 51 -22.57 23.63 49.15
CA LEU C 51 -22.41 24.99 49.64
C LEU C 51 -21.11 25.18 50.36
N ALA C 52 -20.79 24.29 51.31
CA ALA C 52 -19.54 24.43 52.06
C ALA C 52 -18.80 23.11 52.21
N VAL C 53 -17.47 23.19 52.29
CA VAL C 53 -16.60 22.01 52.32
C VAL C 53 -15.47 22.20 53.34
N GLU C 54 -15.59 21.52 54.48
CA GLU C 54 -14.50 21.52 55.46
C GLU C 54 -14.17 20.10 55.91
N THR C 55 -12.99 19.93 56.49
CA THR C 55 -12.61 18.67 57.14
C THR C 55 -12.51 18.82 58.67
N SER C 56 -12.69 17.71 59.38
CA SER C 56 -12.50 17.65 60.84
C SER C 56 -11.60 16.45 61.22
N GLN C 57 -11.62 16.06 62.50
CA GLN C 57 -10.80 14.92 62.96
C GLN C 57 -11.52 14.09 64.02
N ASN C 58 -11.84 12.83 63.69
CA ASN C 58 -12.38 11.89 64.66
C ASN C 58 -11.38 10.78 64.94
N GLU C 59 -11.65 9.97 65.97
CA GLU C 59 -10.71 8.97 66.49
C GLU C 59 -9.47 9.68 67.06
N ARG C 60 -8.67 10.24 66.15
CA ARG C 60 -7.44 10.98 66.45
C ARG C 60 -6.54 10.79 65.22
N GLY C 61 -6.52 11.78 64.34
CA GLY C 61 -5.76 11.69 63.11
C GLY C 61 -6.54 11.06 61.96
N ALA C 62 -7.86 10.89 62.15
CA ALA C 62 -8.73 10.36 61.09
C ALA C 62 -9.43 11.49 60.32
N GLU C 63 -9.49 11.35 59.01
CA GLU C 63 -10.04 12.37 58.11
C GLU C 63 -11.56 12.25 57.94
N GLU C 64 -12.26 13.37 58.14
CA GLU C 64 -13.69 13.44 57.85
C GLU C 64 -13.93 14.66 56.97
N LYS C 65 -14.91 14.60 56.08
CA LYS C 65 -15.22 15.74 55.21
C LYS C 65 -16.63 16.20 55.49
N ARG C 66 -16.77 17.49 55.79
CA ARG C 66 -18.04 18.07 56.22
C ARG C 66 -18.65 18.93 55.11
N LEU C 67 -19.74 18.46 54.51
CA LEU C 67 -20.39 19.19 53.42
C LEU C 67 -21.75 19.73 53.83
N HIS C 68 -22.12 20.88 53.28
CA HIS C 68 -23.42 21.51 53.53
C HIS C 68 -24.15 21.63 52.20
N VAL C 69 -25.27 20.94 52.06
CA VAL C 69 -25.94 20.84 50.76
C VAL C 69 -27.39 21.24 50.79
N THR C 70 -27.92 21.64 49.64
CA THR C 70 -29.34 21.98 49.51
C THR C 70 -29.99 21.33 48.29
N ALA C 71 -31.28 21.04 48.40
CA ALA C 71 -32.03 20.42 47.31
C ALA C 71 -32.96 21.39 46.58
N SER C 72 -33.26 22.53 47.18
CA SER C 72 -33.92 23.62 46.44
C SER C 72 -33.34 24.99 46.71
N GLN C 73 -33.68 25.93 45.82
CA GLN C 73 -33.11 27.28 45.76
C GLN C 73 -33.20 28.10 47.04
N ASP C 74 -34.30 27.90 47.80
CA ASP C 74 -34.46 28.52 49.12
C ASP C 74 -33.37 28.04 50.05
N ARG C 75 -32.40 28.92 50.25
CA ARG C 75 -31.09 28.59 50.79
C ARG C 75 -31.08 28.07 52.24
N GLU C 76 -32.23 28.04 52.90
CA GLU C 76 -32.30 27.59 54.30
C GLU C 76 -32.52 26.09 54.47
N HIS C 77 -32.89 25.41 53.38
CA HIS C 77 -33.04 23.94 53.35
C HIS C 77 -31.70 23.20 53.42
N GLU C 78 -30.75 23.78 54.15
CA GLU C 78 -29.38 23.26 54.27
C GLU C 78 -29.29 21.94 55.04
N VAL C 79 -29.05 20.87 54.29
CA VAL C 79 -28.84 19.54 54.83
C VAL C 79 -27.34 19.29 55.02
N LEU C 80 -26.92 18.96 56.25
CA LEU C 80 -25.51 18.66 56.54
C LEU C 80 -25.16 17.23 56.08
N CYS C 81 -23.87 17.00 55.77
CA CYS C 81 -23.41 15.74 55.18
C CYS C 81 -21.94 15.45 55.51
N ILE C 82 -21.63 14.21 55.92
CA ILE C 82 -20.22 13.82 56.23
C ILE C 82 -19.67 12.64 55.42
N LEU C 83 -18.59 12.89 54.71
CA LEU C 83 -17.90 11.85 53.95
C LEU C 83 -16.79 11.25 54.79
N ARG C 84 -16.93 9.97 55.12
CA ARG C 84 -15.96 9.29 55.99
C ARG C 84 -15.14 8.26 55.22
N ASN C 85 -14.00 7.87 55.81
CA ASN C 85 -13.04 6.92 55.22
C ASN C 85 -12.43 7.42 53.91
N GLY C 86 -12.77 6.74 52.82
CA GLY C 86 -12.28 7.12 51.50
C GLY C 86 -13.04 8.30 50.93
N TRP C 87 -14.35 8.31 51.15
CA TRP C 87 -15.21 9.38 50.65
C TRP C 87 -14.75 10.77 51.06
N SER C 88 -14.10 10.84 52.21
CA SER C 88 -13.58 12.10 52.75
C SER C 88 -12.61 12.79 51.80
N SER C 89 -11.90 12.04 50.98
CA SER C 89 -10.91 12.62 50.07
C SER C 89 -11.43 12.90 48.66
N VAL C 90 -12.70 12.56 48.38
CA VAL C 90 -13.28 12.89 47.07
C VAL C 90 -13.27 14.40 46.91
N PRO C 91 -12.68 14.89 45.79
CA PRO C 91 -12.41 16.31 45.62
C PRO C 91 -13.67 17.13 45.26
N VAL C 92 -14.49 17.41 46.28
CA VAL C 92 -15.62 18.31 46.10
C VAL C 92 -15.20 19.68 46.56
N GLU C 93 -15.57 20.67 45.75
CA GLU C 93 -15.43 22.07 46.10
C GLU C 93 -16.85 22.62 46.15
N PRO C 94 -17.03 23.78 46.81
CA PRO C 94 -18.35 24.39 46.86
C PRO C 94 -18.92 24.68 45.47
N GLY C 95 -20.24 24.71 45.38
CA GLY C 95 -20.92 24.99 44.12
C GLY C 95 -21.03 23.82 43.17
N ASP C 96 -20.45 22.68 43.53
CA ASP C 96 -20.53 21.44 42.73
C ASP C 96 -21.93 20.83 42.80
N ILE C 97 -22.36 20.20 41.71
CA ILE C 97 -23.63 19.49 41.70
C ILE C 97 -23.36 18.02 42.03
N VAL C 98 -23.96 17.52 43.11
CA VAL C 98 -23.82 16.12 43.48
C VAL C 98 -25.17 15.40 43.54
N HIS C 99 -25.10 14.06 43.50
CA HIS C 99 -26.25 13.16 43.64
C HIS C 99 -25.81 12.09 44.59
N LEU C 100 -26.56 11.90 45.68
CA LEU C 100 -26.23 10.85 46.61
C LEU C 100 -27.06 9.64 46.24
N GLU C 101 -26.37 8.65 45.67
CA GLU C 101 -26.97 7.43 45.15
C GLU C 101 -26.75 6.34 46.16
N GLY C 102 -25.85 6.62 47.10
CA GLY C 102 -25.84 5.92 48.36
C GLY C 102 -27.16 6.17 49.06
N ASP C 103 -28.16 6.49 48.24
CA ASP C 103 -29.57 6.66 48.63
C ASP C 103 -29.79 7.96 49.37
N CYS C 104 -30.66 7.86 50.37
CA CYS C 104 -31.07 8.97 51.20
C CYS C 104 -31.72 10.05 50.37
N THR C 105 -31.44 11.31 50.71
CA THR C 105 -32.32 12.43 50.39
C THR C 105 -33.23 12.64 51.60
N SER C 106 -33.98 11.58 51.97
CA SER C 106 -34.81 11.56 53.19
C SER C 106 -33.97 12.07 54.35
N GLU C 107 -32.75 11.52 54.45
CA GLU C 107 -31.70 12.03 55.31
C GLU C 107 -30.31 11.59 54.84
N PRO C 108 -29.61 12.45 54.09
CA PRO C 108 -28.21 12.24 53.71
C PRO C 108 -27.29 11.77 54.87
N TRP C 109 -26.93 12.70 55.75
CA TRP C 109 -25.97 12.50 56.86
C TRP C 109 -24.64 11.82 56.51
N ILE C 110 -24.45 10.56 56.94
CA ILE C 110 -23.14 9.92 56.85
C ILE C 110 -23.05 8.82 55.81
N ILE C 111 -22.18 9.02 54.82
CA ILE C 111 -21.76 7.96 53.92
C ILE C 111 -20.25 7.72 54.07
N ASP C 112 -19.91 6.45 54.22
CA ASP C 112 -18.60 5.98 54.61
C ASP C 112 -18.35 4.60 54.01
N ASP C 113 -17.23 3.98 54.42
CA ASP C 113 -16.84 2.68 53.92
C ASP C 113 -17.98 1.69 53.74
N ASP C 114 -18.94 1.70 54.64
CA ASP C 114 -19.91 0.61 54.71
C ASP C 114 -21.27 0.90 54.06
N PHE C 115 -21.70 2.16 54.10
CA PHE C 115 -22.99 2.53 53.51
C PHE C 115 -22.81 3.71 52.57
N GLY C 116 -23.61 3.73 51.49
CA GLY C 116 -23.81 4.91 50.66
C GLY C 116 -22.76 5.18 49.59
N TYR C 117 -23.23 5.69 48.46
CA TYR C 117 -22.37 6.16 47.36
C TYR C 117 -22.52 7.66 47.15
N PHE C 118 -21.40 8.31 46.85
CA PHE C 118 -21.36 9.75 46.52
C PHE C 118 -21.07 10.04 45.03
N ILE C 119 -22.00 10.67 44.33
CA ILE C 119 -21.84 10.88 42.90
C ILE C 119 -21.54 12.35 42.50
N LEU C 120 -20.26 12.65 42.34
CA LEU C 120 -19.78 13.99 41.94
C LEU C 120 -20.13 14.27 40.46
N TYR C 121 -20.85 15.35 40.19
CA TYR C 121 -21.33 15.68 38.83
C TYR C 121 -22.00 14.48 38.15
N PRO C 122 -23.21 14.15 38.60
CA PRO C 122 -24.00 13.05 38.10
C PRO C 122 -24.34 13.15 36.64
N ASP C 123 -24.74 14.33 36.17
CA ASP C 123 -25.22 14.48 34.79
C ASP C 123 -24.16 14.15 33.76
N MET C 124 -22.93 14.00 34.23
CA MET C 124 -21.79 13.74 33.38
C MET C 124 -21.48 12.26 33.44
N MET C 125 -22.01 11.53 32.47
CA MET C 125 -21.91 10.08 32.44
C MET C 125 -20.65 9.56 31.75
N ILE C 126 -19.76 9.01 32.56
CA ILE C 126 -18.48 8.47 32.15
C ILE C 126 -18.58 6.98 31.78
N SER C 127 -17.85 6.57 30.75
CA SER C 127 -17.96 5.20 30.28
C SER C 127 -17.19 4.25 31.18
N GLY C 128 -17.80 3.09 31.43
CA GLY C 128 -17.21 2.07 32.27
C GLY C 128 -15.78 1.79 31.88
N THR C 129 -15.54 1.64 30.59
CA THR C 129 -14.19 1.34 30.14
C THR C 129 -13.21 2.37 30.63
N SER C 130 -13.60 3.65 30.64
CA SER C 130 -12.71 4.70 31.12
C SER C 130 -12.40 4.55 32.59
N VAL C 131 -13.43 4.23 33.35
CA VAL C 131 -13.30 4.01 34.78
C VAL C 131 -12.39 2.83 35.08
N ALA C 132 -12.57 1.78 34.27
CA ALA C 132 -11.70 0.62 34.32
C ALA C 132 -10.25 1.04 34.01
N SER C 133 -10.03 1.80 32.93
CA SER C 133 -8.69 2.24 32.59
C SER C 133 -8.04 2.94 33.77
N SER C 134 -8.81 3.82 34.40
CA SER C 134 -8.25 4.69 35.44
C SER C 134 -7.66 3.94 36.62
N ILE C 135 -8.08 2.69 36.84
CA ILE C 135 -7.55 1.91 37.96
C ILE C 135 -6.03 1.96 37.92
N ARG C 136 -5.48 1.61 36.77
CA ARG C 136 -4.04 1.66 36.58
C ARG C 136 -3.50 3.09 36.46
N CYS C 137 -4.20 3.94 35.71
CA CYS C 137 -3.72 5.30 35.49
C CYS C 137 -4.83 6.27 35.15
N LEU C 138 -5.08 7.19 36.08
CA LEU C 138 -6.12 8.17 35.91
C LEU C 138 -5.78 9.03 34.72
N ARG C 139 -4.55 9.54 34.71
CA ARG C 139 -4.02 10.35 33.62
C ARG C 139 -4.24 9.71 32.25
N ARG C 140 -3.87 8.43 32.12
CA ARG C 140 -4.06 7.62 30.91
C ARG C 140 -5.53 7.53 30.47
N ALA C 141 -6.43 7.41 31.44
CA ALA C 141 -7.86 7.38 31.16
C ALA C 141 -8.36 8.70 30.65
N VAL C 142 -7.81 9.80 31.20
CA VAL C 142 -8.26 11.15 30.86
C VAL C 142 -7.81 11.53 29.46
N LEU C 143 -6.56 11.19 29.17
CA LEU C 143 -5.98 11.39 27.86
C LEU C 143 -6.65 10.52 26.81
N SER C 144 -7.08 9.34 27.20
CA SER C 144 -7.89 8.55 26.28
C SER C 144 -9.19 9.27 26.00
N GLU C 145 -9.87 9.72 27.05
CA GLU C 145 -11.17 10.34 26.88
C GLU C 145 -11.14 11.55 25.92
N THR C 146 -10.00 12.25 25.86
CA THR C 146 -9.93 13.52 25.13
C THR C 146 -9.17 13.46 23.79
N PHE C 147 -8.10 12.66 23.70
CA PHE C 147 -7.38 12.45 22.43
C PHE C 147 -7.72 11.10 21.87
N ARG C 148 -8.99 10.92 21.52
CA ARG C 148 -9.62 9.61 21.25
C ARG C 148 -9.02 8.71 20.13
N GLY C 149 -8.39 9.31 19.12
CA GLY C 149 -7.84 8.55 17.99
C GLY C 149 -6.53 7.84 18.26
N SER C 150 -5.87 8.17 19.37
CA SER C 150 -4.51 7.69 19.65
C SER C 150 -4.46 6.30 20.29
N ASP C 151 -5.62 5.64 20.33
CA ASP C 151 -5.72 4.19 20.55
C ASP C 151 -6.11 3.58 19.20
N PRO C 152 -5.17 3.52 18.23
CA PRO C 152 -5.54 2.94 16.93
C PRO C 152 -5.95 1.46 16.98
N ALA C 153 -6.99 1.15 16.21
CA ALA C 153 -7.43 -0.21 15.98
C ALA C 153 -6.25 -1.10 15.69
N THR C 154 -6.16 -2.18 16.44
CA THR C 154 -5.18 -3.22 16.21
C THR C 154 -5.83 -4.48 15.60
N ARG C 155 -4.99 -5.42 15.19
CA ARG C 155 -5.43 -6.77 14.76
C ARG C 155 -6.24 -7.55 15.80
N GLN C 156 -5.87 -7.49 17.09
CA GLN C 156 -6.66 -8.18 18.12
C GLN C 156 -8.01 -7.55 18.29
N MET C 157 -8.03 -6.23 18.25
CA MET C 157 -9.26 -5.51 18.42
C MET C 157 -10.26 -5.89 17.34
N LEU C 158 -9.76 -6.08 16.12
CA LEU C 158 -10.60 -6.50 14.99
C LEU C 158 -11.17 -7.90 15.17
N ILE C 159 -10.26 -8.83 15.47
CA ILE C 159 -10.61 -10.18 15.85
C ILE C 159 -11.71 -10.12 16.91
N GLY C 160 -11.42 -9.42 18.00
CA GLY C 160 -12.35 -9.25 19.09
C GLY C 160 -13.72 -8.80 18.66
N THR C 161 -13.79 -7.78 17.84
CA THR C 161 -15.08 -7.31 17.40
C THR C 161 -15.78 -8.39 16.58
N ILE C 162 -15.07 -8.93 15.59
CA ILE C 162 -15.61 -9.97 14.76
C ILE C 162 -16.16 -11.14 15.57
N LEU C 163 -15.41 -11.63 16.54
CA LEU C 163 -15.86 -12.71 17.42
C LEU C 163 -17.08 -12.35 18.27
N HIS C 164 -17.09 -11.15 18.84
CA HIS C 164 -18.22 -10.66 19.65
C HIS C 164 -19.50 -10.76 18.88
N GLU C 165 -19.39 -10.36 17.62
CA GLU C 165 -20.51 -10.23 16.75
C GLU C 165 -21.04 -11.61 16.38
N VAL C 166 -20.14 -12.54 16.07
CA VAL C 166 -20.56 -13.90 15.78
C VAL C 166 -21.26 -14.50 16.98
N PHE C 167 -20.66 -14.34 18.16
CA PHE C 167 -21.20 -14.91 19.38
C PHE C 167 -22.61 -14.44 19.69
N GLN C 168 -22.89 -13.18 19.43
CA GLN C 168 -24.24 -12.68 19.64
C GLN C 168 -25.14 -13.25 18.59
N LYS C 169 -24.63 -13.33 17.36
CA LYS C 169 -25.37 -13.99 16.30
C LYS C 169 -25.71 -15.45 16.67
N ALA C 170 -24.75 -16.13 17.27
CA ALA C 170 -24.92 -17.51 17.65
C ALA C 170 -25.99 -17.66 18.72
N ILE C 171 -25.83 -16.95 19.83
CA ILE C 171 -26.68 -17.13 20.99
C ILE C 171 -28.15 -16.81 20.73
N SER C 172 -28.46 -16.05 19.67
CA SER C 172 -29.85 -15.92 19.22
C SER C 172 -30.29 -17.22 18.57
N GLU C 173 -29.42 -17.77 17.74
CA GLU C 173 -29.65 -18.99 16.95
C GLU C 173 -28.97 -20.21 17.61
N SER C 174 -28.13 -20.88 16.84
CA SER C 174 -27.56 -22.15 17.23
C SER C 174 -26.05 -22.10 17.33
N PHE C 175 -25.49 -22.85 18.27
CA PHE C 175 -24.05 -23.08 18.32
C PHE C 175 -23.60 -24.35 17.54
N ALA C 176 -24.47 -24.87 16.67
CA ALA C 176 -24.08 -25.98 15.78
C ALA C 176 -22.86 -25.56 14.97
N PRO C 177 -21.76 -26.32 15.05
CA PRO C 177 -20.54 -26.01 14.29
C PRO C 177 -20.75 -25.43 12.87
N GLU C 178 -21.57 -26.07 12.04
CA GLU C 178 -21.84 -25.62 10.66
C GLU C 178 -22.50 -24.27 10.64
N ARG C 179 -23.21 -23.93 11.69
CA ARG C 179 -23.88 -22.64 11.78
C ARG C 179 -22.91 -21.56 12.24
N LEU C 180 -22.01 -21.97 13.13
CA LEU C 180 -20.97 -21.11 13.61
C LEU C 180 -20.06 -20.78 12.48
N GLN C 181 -19.69 -21.79 11.70
CA GLN C 181 -18.90 -21.59 10.51
C GLN C 181 -19.59 -20.59 9.57
N GLU C 182 -20.84 -20.88 9.21
CA GLU C 182 -21.65 -20.00 8.36
C GLU C 182 -21.63 -18.54 8.85
N LEU C 183 -21.72 -18.38 10.17
CA LEU C 183 -21.77 -17.07 10.78
C LEU C 183 -20.47 -16.35 10.61
N ALA C 184 -19.41 -16.94 11.14
CA ALA C 184 -18.09 -16.36 10.95
C ALA C 184 -17.78 -16.08 9.47
N LEU C 185 -18.16 -17.00 8.59
CA LEU C 185 -17.93 -16.82 7.16
C LEU C 185 -18.66 -15.60 6.60
N GLN C 186 -19.86 -15.34 7.12
CA GLN C 186 -20.66 -14.21 6.67
C GLN C 186 -20.19 -12.90 7.26
N THR C 187 -19.91 -12.89 8.56
CA THR C 187 -19.54 -11.62 9.21
C THR C 187 -18.14 -11.13 8.77
N LEU C 188 -17.27 -12.06 8.40
CA LEU C 188 -15.97 -11.70 7.82
C LEU C 188 -16.07 -10.90 6.54
N ARG C 189 -17.25 -10.88 5.91
CA ARG C 189 -17.42 -10.22 4.61
C ARG C 189 -18.09 -8.86 4.71
N GLU C 190 -18.60 -8.52 5.88
CA GLU C 190 -19.24 -7.22 6.09
C GLU C 190 -18.28 -6.06 5.89
N VAL C 191 -18.71 -5.11 5.08
CA VAL C 191 -17.93 -3.93 4.72
C VAL C 191 -17.24 -3.23 5.89
N ARG C 192 -17.86 -3.24 7.06
CA ARG C 192 -17.25 -2.65 8.25
C ARG C 192 -15.89 -3.22 8.54
N HIS C 193 -15.83 -4.54 8.46
CA HIS C 193 -14.64 -5.28 8.80
C HIS C 193 -13.69 -5.25 7.62
N LEU C 194 -14.25 -5.39 6.42
CA LEU C 194 -13.43 -5.28 5.25
C LEU C 194 -12.61 -3.99 5.38
N LYS C 195 -13.30 -2.90 5.72
CA LYS C 195 -12.63 -1.61 5.92
C LYS C 195 -11.45 -1.69 6.88
N GLU C 196 -11.63 -2.36 8.02
CA GLU C 196 -10.55 -2.47 9.00
C GLU C 196 -9.43 -3.38 8.52
N MET C 197 -9.79 -4.47 7.85
CA MET C 197 -8.76 -5.30 7.26
C MET C 197 -7.98 -4.48 6.25
N TYR C 198 -8.68 -3.62 5.51
CA TYR C 198 -8.04 -2.67 4.61
C TYR C 198 -7.11 -1.72 5.31
N ARG C 199 -7.63 -1.10 6.39
CA ARG C 199 -6.87 -0.17 7.22
C ARG C 199 -5.57 -0.76 7.68
N LEU C 200 -5.59 -2.01 8.11
CA LEU C 200 -4.41 -2.68 8.64
C LEU C 200 -3.71 -3.52 7.59
N ASN C 201 -4.03 -3.34 6.33
CA ASN C 201 -3.41 -4.10 5.25
C ASN C 201 -3.27 -5.58 5.59
N LEU C 202 -4.38 -6.19 5.96
CA LEU C 202 -4.42 -7.59 6.32
C LEU C 202 -5.04 -8.43 5.22
N SER C 203 -5.00 -9.75 5.40
CA SER C 203 -5.59 -10.69 4.47
C SER C 203 -6.91 -11.21 5.04
N GLN C 204 -7.95 -11.25 4.22
CA GLN C 204 -9.27 -11.65 4.70
C GLN C 204 -9.23 -13.09 5.21
N ASP C 205 -8.63 -13.98 4.42
CA ASP C 205 -8.57 -15.38 4.76
C ASP C 205 -7.72 -15.65 6.00
N GLU C 206 -6.72 -14.83 6.23
CA GLU C 206 -5.92 -14.96 7.44
C GLU C 206 -6.75 -14.64 8.67
N ILE C 207 -7.65 -13.68 8.56
CA ILE C 207 -8.48 -13.31 9.70
C ILE C 207 -9.53 -14.38 9.90
N LEU C 208 -10.14 -14.84 8.82
CA LEU C 208 -11.10 -15.93 8.84
C LEU C 208 -10.55 -17.07 9.67
N CYS C 209 -9.31 -17.44 9.40
CA CYS C 209 -8.66 -18.60 10.04
C CYS C 209 -8.40 -18.41 11.54
N GLU C 210 -7.76 -17.30 11.87
CA GLU C 210 -7.58 -16.85 13.24
C GLU C 210 -8.89 -16.88 14.04
N VAL C 211 -9.98 -16.50 13.39
CA VAL C 211 -11.29 -16.42 13.99
C VAL C 211 -11.86 -17.82 14.17
N GLU C 212 -11.61 -18.63 13.15
CA GLU C 212 -12.19 -19.95 13.09
C GLU C 212 -11.70 -20.79 14.23
N GLU C 213 -10.46 -20.59 14.64
CA GLU C 213 -9.96 -21.46 15.68
C GLU C 213 -10.61 -21.26 17.04
N TYR C 214 -11.24 -20.10 17.23
CA TYR C 214 -12.01 -19.83 18.42
C TYR C 214 -13.33 -20.63 18.48
N LEU C 215 -13.96 -20.86 17.33
CA LEU C 215 -15.31 -21.44 17.28
C LEU C 215 -15.59 -22.67 18.18
N PRO C 216 -14.75 -23.72 18.13
CA PRO C 216 -14.92 -24.85 19.02
C PRO C 216 -15.28 -24.42 20.42
N SER C 217 -14.50 -23.50 20.99
CA SER C 217 -14.76 -22.95 22.33
C SER C 217 -16.16 -22.38 22.51
N PHE C 218 -16.72 -21.82 21.44
CA PHE C 218 -18.09 -21.35 21.45
C PHE C 218 -19.02 -22.50 21.76
N SER C 219 -18.78 -23.62 21.09
CA SER C 219 -19.58 -24.83 21.25
C SER C 219 -19.32 -25.51 22.57
N LYS C 220 -18.07 -25.47 23.03
CA LYS C 220 -17.72 -25.95 24.37
C LYS C 220 -18.58 -25.26 25.42
N TRP C 221 -18.64 -23.94 25.33
CA TRP C 221 -19.41 -23.11 26.25
C TRP C 221 -20.89 -23.44 26.17
N ALA C 222 -21.39 -23.50 24.96
CA ALA C 222 -22.81 -23.71 24.77
C ALA C 222 -23.22 -25.08 25.29
N GLU C 223 -22.39 -26.09 25.05
CA GLU C 223 -22.71 -27.40 25.59
C GLU C 223 -22.65 -27.38 27.10
N ASP C 224 -21.78 -26.56 27.67
CA ASP C 224 -21.69 -26.55 29.12
C ASP C 224 -22.88 -25.88 29.80
N PHE C 225 -23.34 -24.77 29.26
CA PHE C 225 -24.24 -23.89 29.98
C PHE C 225 -25.64 -23.79 29.41
N MET C 226 -25.83 -24.26 28.19
CA MET C 226 -27.08 -24.01 27.51
C MET C 226 -27.70 -25.31 27.03
N ARG C 227 -27.40 -26.40 27.73
CA ARG C 227 -27.63 -27.73 27.21
C ARG C 227 -29.07 -28.23 27.26
N LYS C 228 -29.85 -27.80 28.24
CA LYS C 228 -31.21 -28.35 28.46
C LYS C 228 -31.15 -29.88 28.74
N GLY C 229 -31.15 -30.20 30.04
CA GLY C 229 -31.03 -31.55 30.57
C GLY C 229 -31.07 -31.42 32.09
N PRO C 230 -30.76 -32.50 32.82
CA PRO C 230 -30.64 -32.52 34.29
C PRO C 230 -29.90 -31.33 34.88
N SER C 231 -30.47 -30.77 35.95
CA SER C 231 -29.92 -29.59 36.57
C SER C 231 -28.69 -29.93 37.38
N SER C 232 -28.54 -31.20 37.71
CA SER C 232 -27.34 -31.71 38.33
C SER C 232 -26.16 -31.38 37.45
N GLU C 233 -26.39 -31.48 36.14
CA GLU C 233 -25.34 -31.69 35.15
C GLU C 233 -24.84 -30.40 34.45
N PHE C 234 -25.22 -29.25 35.00
CA PHE C 234 -24.74 -27.95 34.57
C PHE C 234 -23.50 -27.57 35.38
N PRO C 235 -22.72 -26.56 34.93
CA PRO C 235 -21.48 -26.37 35.69
C PRO C 235 -21.78 -25.82 37.06
N GLN C 236 -20.86 -26.06 37.96
CA GLN C 236 -21.16 -25.94 39.34
C GLN C 236 -20.16 -25.02 40.01
N MET C 237 -20.66 -23.93 40.57
CA MET C 237 -19.80 -22.95 41.22
C MET C 237 -20.45 -22.26 42.40
N GLN C 238 -19.60 -21.72 43.29
CA GLN C 238 -20.11 -20.94 44.41
C GLN C 238 -20.44 -19.54 43.95
N LEU C 239 -21.51 -18.98 44.49
CA LEU C 239 -22.01 -17.71 44.02
C LEU C 239 -22.77 -17.03 45.14
N SER C 240 -22.04 -16.30 45.97
CA SER C 240 -22.62 -15.61 47.13
C SER C 240 -23.28 -14.29 46.75
N LEU C 241 -24.61 -14.30 46.67
CA LEU C 241 -25.31 -13.05 46.40
C LEU C 241 -25.52 -12.26 47.70
N PRO C 242 -26.15 -11.07 47.62
CA PRO C 242 -26.72 -10.56 48.86
C PRO C 242 -27.78 -11.52 49.40
N SER C 243 -28.75 -11.90 48.54
CA SER C 243 -29.87 -12.81 48.90
C SER C 243 -29.55 -13.80 50.03
N ASP C 244 -30.40 -13.79 51.07
CA ASP C 244 -30.19 -14.55 52.33
C ASP C 244 -29.98 -16.06 52.12
N GLY C 245 -29.63 -16.75 53.21
CA GLY C 245 -29.49 -18.20 53.22
C GLY C 245 -28.70 -18.73 54.41
N ARG C 248 -23.39 -16.09 50.90
CA ARG C 248 -24.17 -17.15 50.25
C ARG C 248 -23.37 -18.34 49.66
N SER C 249 -22.93 -19.26 50.52
CA SER C 249 -22.01 -20.34 50.13
C SER C 249 -22.75 -21.62 49.70
N SER C 250 -22.01 -22.74 49.74
CA SER C 250 -22.37 -24.03 49.11
C SER C 250 -22.65 -23.90 47.59
N PRO C 251 -21.93 -24.68 46.77
CA PRO C 251 -21.99 -24.59 45.30
C PRO C 251 -23.41 -24.63 44.74
N CYS C 252 -23.57 -24.32 43.45
CA CYS C 252 -24.87 -24.44 42.78
C CYS C 252 -24.66 -24.60 41.26
N ASN C 253 -25.75 -24.76 40.51
CA ASN C 253 -25.58 -25.09 39.12
C ASN C 253 -26.08 -23.97 38.23
N ILE C 254 -25.30 -23.64 37.20
CA ILE C 254 -25.60 -22.51 36.33
C ILE C 254 -26.10 -22.91 34.94
N GLU C 255 -27.25 -22.40 34.53
CA GLU C 255 -27.82 -22.70 33.20
C GLU C 255 -28.29 -21.48 32.40
N VAL C 256 -27.53 -21.12 31.39
CA VAL C 256 -27.89 -20.02 30.53
C VAL C 256 -29.13 -20.46 29.76
N VAL C 257 -30.21 -19.71 29.88
CA VAL C 257 -31.45 -20.14 29.29
C VAL C 257 -31.58 -19.57 27.91
N LYS C 258 -31.63 -18.25 27.83
CA LYS C 258 -31.61 -17.58 26.56
C LYS C 258 -30.89 -16.25 26.74
N SER C 259 -30.42 -15.71 25.63
CA SER C 259 -29.99 -14.35 25.59
C SER C 259 -31.26 -13.56 25.46
N LEU C 260 -31.39 -12.55 26.31
CA LEU C 260 -32.52 -11.64 26.28
C LEU C 260 -32.17 -10.40 25.47
N ASP C 261 -30.93 -9.92 25.62
CA ASP C 261 -30.49 -8.71 24.94
C ASP C 261 -29.00 -8.62 24.56
N ILE C 262 -28.72 -8.15 23.34
CA ILE C 262 -27.35 -7.87 22.89
C ILE C 262 -27.09 -6.38 22.67
N GLU C 263 -25.90 -5.93 23.06
CA GLU C 263 -25.49 -4.53 22.88
C GLU C 263 -26.48 -3.59 23.52
N GLU C 264 -26.78 -3.83 24.79
CA GLU C 264 -27.72 -2.98 25.47
C GLU C 264 -27.05 -1.68 25.89
N SER C 265 -27.43 -0.61 25.19
CA SER C 265 -26.91 0.72 25.40
C SER C 265 -27.60 1.36 26.61
N ILE C 266 -26.82 1.85 27.56
CA ILE C 266 -27.40 2.35 28.81
C ILE C 266 -26.74 3.61 29.39
N TRP C 267 -27.57 4.59 29.75
CA TRP C 267 -27.10 5.78 30.45
C TRP C 267 -27.63 5.81 31.86
N SER C 268 -26.73 6.07 32.80
CA SER C 268 -27.11 6.15 34.20
C SER C 268 -26.93 7.54 34.77
N PRO C 269 -28.05 8.32 34.81
CA PRO C 269 -28.09 9.59 35.55
C PRO C 269 -27.91 9.31 37.01
N ARG C 270 -27.93 8.04 37.38
CA ARG C 270 -27.83 7.69 38.77
C ARG C 270 -26.38 7.59 39.25
N PHE C 271 -25.51 7.04 38.44
CA PHE C 271 -24.12 6.89 38.87
C PHE C 271 -23.22 7.70 37.97
N GLY C 272 -23.81 8.33 36.97
CA GLY C 272 -23.01 9.08 36.00
C GLY C 272 -22.06 8.11 35.34
N LEU C 273 -22.67 7.08 34.73
CA LEU C 273 -21.98 6.06 33.99
C LEU C 273 -22.76 5.81 32.74
N LYS C 274 -22.05 5.43 31.68
CA LYS C 274 -22.71 4.94 30.48
C LYS C 274 -21.94 3.70 30.10
N GLY C 275 -22.59 2.84 29.33
CA GLY C 275 -22.01 1.55 29.01
C GLY C 275 -22.83 0.77 28.02
N LYS C 276 -22.20 -0.23 27.43
CA LYS C 276 -22.87 -1.11 26.48
C LYS C 276 -22.69 -2.57 26.95
N ILE C 277 -23.78 -3.19 27.38
CA ILE C 277 -23.74 -4.59 27.80
C ILE C 277 -23.75 -5.51 26.58
N ALA C 278 -22.63 -6.20 26.39
CA ALA C 278 -22.45 -7.10 25.26
C ALA C 278 -23.68 -8.00 25.12
N VAL C 279 -23.97 -8.75 26.19
CA VAL C 279 -25.13 -9.63 26.21
C VAL C 279 -25.77 -9.66 27.58
N THR C 280 -27.09 -9.60 27.57
CA THR C 280 -27.89 -9.86 28.74
C THR C 280 -28.50 -11.24 28.55
N VAL C 281 -28.38 -12.06 29.61
CA VAL C 281 -28.82 -13.45 29.57
C VAL C 281 -29.84 -13.80 30.67
N GLY C 282 -30.74 -14.72 30.35
CA GLY C 282 -31.64 -15.28 31.35
C GLY C 282 -30.94 -16.46 32.00
N VAL C 283 -30.74 -16.39 33.30
CA VAL C 283 -29.99 -17.43 34.01
C VAL C 283 -30.85 -18.14 35.07
N LYS C 284 -30.60 -19.43 35.26
CA LYS C 284 -31.29 -20.22 36.25
C LYS C 284 -30.24 -20.76 37.20
N ILE C 285 -30.36 -20.38 38.46
CA ILE C 285 -29.47 -20.90 39.47
C ILE C 285 -30.17 -22.05 40.16
N HIS C 286 -29.72 -23.27 39.84
CA HIS C 286 -30.26 -24.49 40.42
C HIS C 286 -29.52 -24.74 41.70
N ARG C 287 -30.30 -25.00 42.74
CA ARG C 287 -29.86 -24.97 44.12
C ARG C 287 -30.60 -26.13 44.80
N ASP C 288 -29.89 -27.21 45.08
CA ASP C 288 -30.51 -28.49 45.47
C ASP C 288 -31.62 -28.82 44.47
N CYS C 289 -32.85 -28.91 44.95
CA CYS C 289 -33.96 -29.16 44.03
C CYS C 289 -34.66 -27.86 43.62
N LYS C 290 -34.34 -26.76 44.30
CA LYS C 290 -34.94 -25.45 44.01
C LYS C 290 -34.19 -24.72 42.90
N MET C 291 -34.82 -23.70 42.33
CA MET C 291 -34.24 -22.96 41.22
C MET C 291 -34.57 -21.48 41.39
N LYS C 292 -33.66 -20.60 41.00
CA LYS C 292 -33.94 -19.16 41.02
C LYS C 292 -33.55 -18.56 39.68
N TYR C 293 -34.48 -17.84 39.02
CA TYR C 293 -34.22 -17.27 37.70
C TYR C 293 -33.89 -15.80 37.74
N LYS C 294 -32.70 -15.45 37.27
CA LYS C 294 -32.19 -14.07 37.34
C LYS C 294 -31.74 -13.61 35.97
N VAL C 295 -32.03 -12.37 35.63
CA VAL C 295 -31.53 -11.82 34.38
C VAL C 295 -30.26 -11.08 34.71
N MET C 296 -29.17 -11.54 34.12
CA MET C 296 -27.85 -11.05 34.47
C MET C 296 -27.07 -10.56 33.24
N PRO C 297 -26.08 -9.69 33.46
CA PRO C 297 -25.30 -9.21 32.33
C PRO C 297 -24.06 -10.06 32.08
N LEU C 298 -23.81 -10.36 30.82
CA LEU C 298 -22.59 -11.08 30.42
C LEU C 298 -21.61 -10.25 29.56
N GLU C 299 -20.35 -10.18 30.01
CA GLU C 299 -19.32 -9.48 29.29
C GLU C 299 -18.40 -10.46 28.57
N LEU C 300 -18.19 -10.25 27.27
CA LEU C 300 -17.34 -11.11 26.43
C LEU C 300 -15.96 -10.49 26.23
N LYS C 301 -14.94 -11.35 26.25
CA LYS C 301 -13.55 -10.92 26.12
C LYS C 301 -12.78 -11.90 25.25
N THR C 302 -12.12 -11.38 24.23
CA THR C 302 -11.41 -12.25 23.29
C THR C 302 -9.94 -12.33 23.65
N GLY C 303 -9.57 -11.65 24.72
CA GLY C 303 -8.21 -11.65 25.21
C GLY C 303 -7.62 -12.97 25.71
N LYS C 304 -6.62 -12.81 26.56
CA LYS C 304 -6.07 -13.91 27.30
C LYS C 304 -6.90 -13.98 28.53
N GLU C 305 -7.13 -15.21 28.99
CA GLU C 305 -7.96 -15.49 30.14
C GLU C 305 -7.27 -14.96 31.39
N SER C 306 -7.41 -13.65 31.60
CA SER C 306 -6.69 -13.00 32.67
C SER C 306 -7.50 -12.90 33.95
N ASN C 307 -8.82 -12.84 33.84
CA ASN C 307 -9.66 -12.52 34.98
C ASN C 307 -9.14 -11.30 35.74
N SER C 308 -8.51 -10.39 35.00
CA SER C 308 -7.90 -9.19 35.55
C SER C 308 -8.94 -8.29 36.22
N ILE C 309 -8.47 -7.48 37.17
CA ILE C 309 -9.35 -6.53 37.86
C ILE C 309 -10.13 -5.67 36.87
N GLU C 310 -9.44 -5.10 35.89
CA GLU C 310 -10.07 -4.31 34.84
C GLU C 310 -11.30 -5.01 34.37
N HIS C 311 -11.13 -6.29 34.06
CA HIS C 311 -12.20 -7.07 33.47
C HIS C 311 -13.36 -7.25 34.40
N ARG C 312 -13.04 -7.66 35.62
CA ARG C 312 -14.05 -7.86 36.64
C ARG C 312 -14.82 -6.57 36.92
N SER C 313 -14.06 -5.49 37.13
CA SER C 313 -14.60 -4.16 37.40
C SER C 313 -15.57 -3.72 36.34
N GLN C 314 -15.31 -4.10 35.10
CA GLN C 314 -16.20 -3.78 34.00
C GLN C 314 -17.57 -4.43 34.17
N VAL C 315 -17.58 -5.63 34.76
CA VAL C 315 -18.81 -6.37 35.07
C VAL C 315 -19.55 -5.72 36.24
N VAL C 316 -18.82 -5.43 37.32
CA VAL C 316 -19.36 -4.70 38.46
C VAL C 316 -20.10 -3.44 38.00
N LEU C 317 -19.51 -2.73 37.03
CA LEU C 317 -20.12 -1.52 36.51
C LEU C 317 -21.35 -1.83 35.68
N TYR C 318 -21.33 -3.00 35.05
CA TYR C 318 -22.47 -3.42 34.27
C TYR C 318 -23.66 -3.70 35.14
N THR C 319 -23.39 -4.13 36.37
CA THR C 319 -24.47 -4.46 37.29
C THR C 319 -25.25 -3.19 37.59
N LEU C 320 -24.51 -2.08 37.71
CA LEU C 320 -25.07 -0.76 38.02
C LEU C 320 -25.87 -0.23 36.85
N LEU C 321 -25.24 -0.14 35.68
CA LEU C 321 -25.98 0.19 34.46
C LEU C 321 -27.33 -0.50 34.37
N SER C 322 -27.37 -1.79 34.74
CA SER C 322 -28.58 -2.63 34.68
C SER C 322 -29.74 -2.12 35.56
N GLN C 323 -29.44 -1.67 36.78
CA GLN C 323 -30.45 -1.17 37.70
C GLN C 323 -31.36 -0.17 37.01
N GLU C 324 -30.75 0.75 36.25
CA GLU C 324 -31.44 1.71 35.38
C GLU C 324 -32.50 1.10 34.44
N ARG C 325 -32.68 -0.22 34.49
CA ARG C 325 -33.53 -0.90 33.52
C ARG C 325 -34.38 -1.98 34.18
N ARG C 326 -33.85 -2.55 35.25
CA ARG C 326 -34.44 -3.73 35.87
C ARG C 326 -33.86 -3.88 37.27
N GLU C 327 -34.24 -4.98 37.91
CA GLU C 327 -33.76 -5.30 39.26
C GLU C 327 -32.24 -5.30 39.27
N ASP C 328 -31.66 -4.97 40.42
CA ASP C 328 -30.22 -5.08 40.61
C ASP C 328 -29.85 -6.56 40.45
N PRO C 329 -29.10 -6.91 39.39
CA PRO C 329 -28.79 -8.33 39.21
C PRO C 329 -27.75 -8.87 40.21
N GLU C 330 -27.18 -8.03 41.05
CA GLU C 330 -26.31 -8.46 42.17
C GLU C 330 -24.96 -9.07 41.76
N ALA C 331 -24.91 -9.69 40.58
CA ALA C 331 -23.65 -10.18 40.00
C ALA C 331 -23.72 -10.40 38.47
N GLY C 332 -22.59 -10.74 37.85
CA GLY C 332 -22.57 -10.94 36.41
C GLY C 332 -21.46 -11.85 35.93
N TRP C 333 -21.39 -12.01 34.61
CA TRP C 333 -20.55 -13.02 34.02
C TRP C 333 -19.50 -12.50 33.07
N LEU C 334 -18.27 -13.01 33.22
CA LEU C 334 -17.15 -12.75 32.33
C LEU C 334 -16.84 -13.94 31.45
N LEU C 335 -17.04 -13.84 30.14
CA LEU C 335 -16.81 -15.00 29.26
C LEU C 335 -15.36 -15.41 28.86
N TYR C 336 -14.65 -14.69 28.01
CA TYR C 336 -13.33 -15.22 27.55
C TYR C 336 -13.52 -16.32 26.52
N LEU C 337 -14.11 -15.93 25.39
CA LEU C 337 -14.35 -16.76 24.22
C LEU C 337 -13.17 -17.58 23.70
N LYS C 338 -11.94 -17.11 23.94
CA LYS C 338 -10.76 -17.88 23.59
C LYS C 338 -10.92 -19.30 24.09
N THR C 339 -11.16 -19.45 25.38
CA THR C 339 -11.16 -20.77 26.01
C THR C 339 -12.54 -21.28 26.37
N GLY C 340 -13.56 -20.46 26.24
CA GLY C 340 -14.91 -20.91 26.56
C GLY C 340 -15.28 -20.79 28.02
N GLN C 341 -14.35 -20.26 28.83
CA GLN C 341 -14.42 -20.20 30.31
C GLN C 341 -15.18 -19.02 30.94
N MET C 342 -16.36 -19.27 31.51
CA MET C 342 -17.14 -18.21 32.14
C MET C 342 -16.89 -18.10 33.64
N TYR C 343 -16.58 -16.88 34.09
CA TYR C 343 -16.35 -16.59 35.49
C TYR C 343 -17.52 -15.80 36.12
N PRO C 344 -17.84 -16.10 37.38
CA PRO C 344 -18.77 -15.23 38.05
C PRO C 344 -18.04 -14.00 38.62
N VAL C 345 -18.65 -12.84 38.44
CA VAL C 345 -18.18 -11.61 39.10
C VAL C 345 -19.32 -11.04 39.95
N PRO C 346 -19.13 -11.08 41.28
CA PRO C 346 -20.12 -10.55 42.20
C PRO C 346 -19.89 -9.06 42.43
N ALA C 347 -20.99 -8.30 42.38
CA ALA C 347 -20.94 -6.88 42.66
C ALA C 347 -20.90 -6.62 44.18
N ASN C 348 -19.74 -6.82 44.80
CA ASN C 348 -19.58 -6.51 46.23
C ASN C 348 -19.69 -5.01 46.44
N HIS C 349 -20.19 -4.62 47.60
CA HIS C 349 -20.29 -3.20 47.90
C HIS C 349 -18.90 -2.55 47.88
N LEU C 350 -17.92 -3.21 48.50
CA LEU C 350 -16.55 -2.67 48.49
C LEU C 350 -16.13 -2.31 47.07
N ASP C 351 -16.43 -3.20 46.13
CA ASP C 351 -16.07 -2.99 44.73
C ASP C 351 -16.89 -1.85 44.11
N LYS C 352 -18.21 -1.93 44.21
CA LYS C 352 -19.07 -0.86 43.72
C LYS C 352 -18.66 0.51 44.24
N ARG C 353 -18.35 0.57 45.53
CA ARG C 353 -17.91 1.79 46.16
C ARG C 353 -16.54 2.19 45.61
N GLU C 354 -15.54 1.33 45.77
CA GLU C 354 -14.19 1.63 45.33
C GLU C 354 -14.14 2.21 43.92
N LEU C 355 -15.00 1.68 43.05
CA LEU C 355 -15.09 2.08 41.64
C LEU C 355 -15.81 3.42 41.42
N LEU C 356 -16.93 3.64 42.09
CA LEU C 356 -17.60 4.92 41.98
C LEU C 356 -16.76 6.02 42.63
N LYS C 357 -15.96 5.65 43.63
CA LYS C 357 -14.97 6.55 44.22
C LYS C 357 -14.00 7.04 43.15
N LEU C 358 -13.37 6.08 42.48
CA LEU C 358 -12.43 6.35 41.36
C LEU C 358 -13.11 7.11 40.22
N ARG C 359 -14.39 6.83 40.00
CA ARG C 359 -15.15 7.40 38.90
C ARG C 359 -15.47 8.86 39.16
N ASN C 360 -15.37 9.25 40.42
CA ASN C 360 -15.46 10.66 40.82
C ASN C 360 -14.23 11.45 40.37
N TRP C 361 -13.06 11.01 40.82
CA TRP C 361 -11.80 11.57 40.35
C TRP C 361 -11.74 11.73 38.82
N LEU C 362 -12.32 10.79 38.08
CA LEU C 362 -12.33 10.88 36.62
C LEU C 362 -13.29 11.95 36.16
N ALA C 363 -14.48 11.98 36.73
CA ALA C 363 -15.46 12.99 36.38
C ALA C 363 -14.93 14.39 36.72
N ALA C 364 -14.21 14.47 37.83
CA ALA C 364 -13.55 15.70 38.25
C ALA C 364 -12.53 16.09 37.18
N SER C 365 -11.47 15.29 37.06
CA SER C 365 -10.40 15.54 36.09
C SER C 365 -10.86 16.03 34.73
N LEU C 366 -11.99 15.51 34.24
CA LEU C 366 -12.48 15.82 32.89
C LEU C 366 -13.23 17.13 32.84
N LEU C 367 -13.70 17.58 33.98
CA LEU C 367 -14.47 18.80 34.04
C LEU C 367 -13.60 20.01 34.43
N HIS C 368 -12.52 19.75 35.14
CA HIS C 368 -11.71 20.84 35.63
C HIS C 368 -10.47 20.96 34.78
N ARG C 369 -10.65 21.60 33.63
CA ARG C 369 -9.64 21.59 32.58
C ARG C 369 -8.84 22.90 32.46
N VAL C 370 -9.53 24.01 32.73
CA VAL C 370 -8.92 25.34 32.60
C VAL C 370 -8.94 26.14 33.92
N SER C 371 -7.78 26.70 34.27
CA SER C 371 -7.55 27.28 35.59
C SER C 371 -7.35 28.78 35.59
N ARG C 372 -8.18 29.49 36.36
CA ARG C 372 -8.05 30.93 36.63
C ARG C 372 -6.65 31.38 37.07
N ALA C 373 -6.26 30.98 38.28
CA ALA C 373 -5.02 31.42 38.96
C ALA C 373 -5.23 32.70 39.78
N ALA C 374 -6.30 33.42 39.45
CA ALA C 374 -6.70 34.63 40.17
C ALA C 374 -8.12 34.95 39.70
N PRO C 375 -9.15 34.64 40.53
CA PRO C 375 -10.57 34.61 40.14
C PRO C 375 -11.06 35.70 39.14
N GLY C 376 -10.83 35.47 37.85
CA GLY C 376 -11.19 36.43 36.80
C GLY C 376 -10.03 36.91 35.96
N GLU C 377 -8.86 36.31 36.16
CA GLU C 377 -7.65 36.59 35.37
C GLU C 377 -7.52 35.53 34.29
N GLU C 378 -6.81 35.87 33.22
CA GLU C 378 -6.65 35.02 32.03
C GLU C 378 -6.42 33.52 32.30
N ALA C 379 -7.00 32.71 31.40
CA ALA C 379 -6.99 31.24 31.49
C ALA C 379 -5.65 30.47 31.39
N ARG C 380 -5.65 29.27 31.93
CA ARG C 380 -4.52 28.34 31.96
C ARG C 380 -5.07 26.96 31.69
N LEU C 381 -4.28 26.10 31.07
CA LEU C 381 -4.69 24.71 30.97
C LEU C 381 -4.27 23.96 32.23
N SER C 382 -5.25 23.53 33.03
CA SER C 382 -5.01 22.73 34.26
C SER C 382 -4.21 21.48 33.95
N ALA C 383 -3.22 21.17 34.79
CA ALA C 383 -2.45 19.93 34.68
C ALA C 383 -3.38 18.73 34.80
N LEU C 384 -2.94 17.59 34.32
CA LEU C 384 -3.73 16.39 34.43
C LEU C 384 -3.28 15.65 35.68
N PRO C 385 -4.03 14.60 36.10
CA PRO C 385 -3.50 13.67 37.08
C PRO C 385 -2.05 13.42 36.75
N GLN C 386 -1.22 13.33 37.78
CA GLN C 386 0.21 13.22 37.55
C GLN C 386 0.63 11.89 36.90
N ILE C 387 1.86 11.86 36.40
CA ILE C 387 2.46 10.68 35.77
C ILE C 387 2.78 9.62 36.83
N ILE C 388 2.24 8.41 36.64
CA ILE C 388 2.40 7.30 37.60
C ILE C 388 3.85 6.86 37.75
N GLU C 389 4.17 6.30 38.92
CA GLU C 389 5.51 5.78 39.19
C GLU C 389 5.66 4.28 38.86
N GLU C 390 4.60 3.67 38.33
CA GLU C 390 4.60 2.24 37.96
C GLU C 390 5.06 2.01 36.52
N GLU C 391 6.38 2.03 36.31
CA GLU C 391 6.99 1.96 34.98
C GLU C 391 6.54 0.76 34.14
N LYS C 392 6.01 -0.26 34.80
CA LYS C 392 5.51 -1.45 34.11
C LYS C 392 4.36 -1.12 33.17
N THR C 393 3.41 -0.33 33.68
CA THR C 393 2.25 0.15 32.90
C THR C 393 2.64 1.10 31.77
N CYS C 394 3.38 2.16 32.11
CA CYS C 394 3.87 3.13 31.12
C CYS C 394 4.45 2.46 29.87
N LYS C 395 5.43 1.58 30.08
CA LYS C 395 6.19 0.91 29.01
C LYS C 395 5.48 0.73 27.67
N TYR C 396 4.26 0.19 27.70
CA TYR C 396 3.43 0.10 26.50
C TYR C 396 2.11 0.80 26.75
N CYS C 397 2.04 2.10 26.41
CA CYS C 397 0.86 2.93 26.75
C CYS C 397 -0.02 3.45 25.60
N SER C 398 0.56 3.68 24.42
CA SER C 398 -0.19 4.25 23.27
C SER C 398 -0.49 5.74 23.47
N GLN C 399 -0.90 6.07 24.70
CA GLN C 399 -1.21 7.43 25.12
C GLN C 399 0.07 8.14 25.57
N ILE C 400 1.16 7.38 25.69
CA ILE C 400 2.47 7.90 26.08
C ILE C 400 2.86 9.13 25.25
N GLY C 401 2.76 9.01 23.92
CA GLY C 401 2.96 10.13 22.99
C GLY C 401 2.36 11.41 23.53
N ASN C 402 1.05 11.43 23.76
CA ASN C 402 0.36 12.61 24.25
C ASN C 402 0.67 12.95 25.68
N CYS C 403 0.90 11.93 26.49
CA CYS C 403 1.32 12.15 27.88
C CYS C 403 2.65 12.92 27.96
N ALA C 404 3.68 12.40 27.28
CA ALA C 404 4.94 13.12 27.16
C ALA C 404 4.74 14.51 26.58
N LEU C 405 3.83 14.60 25.61
CA LEU C 405 3.59 15.85 24.87
C LEU C 405 2.81 16.85 25.71
N TYR C 406 1.75 16.41 26.36
CA TYR C 406 0.99 17.32 27.24
C TYR C 406 1.84 17.80 28.42
N SER C 407 2.61 16.89 28.98
CA SER C 407 3.64 17.21 29.93
C SER C 407 4.54 18.38 29.49
N ARG C 408 5.34 18.19 28.44
CA ARG C 408 6.29 19.22 28.01
C ARG C 408 5.64 20.57 27.73
N ALA C 409 4.49 20.57 27.06
CA ALA C 409 3.81 21.79 26.68
C ALA C 409 2.84 22.34 27.72
N VAL C 410 2.63 21.62 28.84
CA VAL C 410 2.03 22.22 30.05
C VAL C 410 2.59 21.61 31.36
N GLU C 411 3.63 22.24 31.91
CA GLU C 411 4.35 21.64 33.05
C GLU C 411 5.05 22.59 34.03
N GLU C 412 5.70 21.98 35.02
CA GLU C 412 6.53 22.71 35.98
C GLU C 412 7.61 21.79 36.58
N ASP C 415 11.20 25.19 39.02
CA ASP C 415 12.16 24.72 40.01
C ASP C 415 11.99 23.23 40.32
N ASP C 416 10.76 22.73 40.19
CA ASP C 416 10.39 21.42 40.68
C ASP C 416 10.49 20.32 39.61
N ALA C 417 9.32 19.83 39.17
CA ALA C 417 9.17 18.54 38.48
C ALA C 417 8.91 17.45 39.52
N SER C 418 9.99 16.88 40.07
CA SER C 418 9.96 15.69 40.96
C SER C 418 8.93 14.62 40.53
N ILE C 419 9.22 14.06 39.36
CA ILE C 419 8.37 13.12 38.64
C ILE C 419 9.36 12.04 38.19
N PRO C 420 9.01 10.75 38.38
CA PRO C 420 9.95 9.64 38.19
C PRO C 420 10.99 9.83 37.10
N GLU C 421 12.24 10.06 37.53
CA GLU C 421 13.39 10.27 36.64
C GLU C 421 13.53 9.23 35.54
N ALA C 422 12.89 8.08 35.73
CA ALA C 422 12.82 7.05 34.70
C ALA C 422 12.01 7.57 33.51
N MET C 423 10.91 8.29 33.81
CA MET C 423 10.03 8.85 32.80
C MET C 423 10.59 10.15 32.18
N LEU C 424 11.04 11.06 33.03
CA LEU C 424 11.64 12.33 32.59
C LEU C 424 12.44 12.20 31.30
N SER C 425 13.21 11.13 31.21
CA SER C 425 14.04 10.87 30.04
C SER C 425 13.20 10.49 28.81
N LYS C 426 12.31 9.50 28.95
CA LYS C 426 11.40 9.09 27.86
C LYS C 426 10.57 10.26 27.33
N ILE C 427 10.10 11.13 28.23
CA ILE C 427 9.44 12.37 27.84
C ILE C 427 10.29 13.10 26.82
N GLN C 428 11.56 13.34 27.17
CA GLN C 428 12.49 14.02 26.26
C GLN C 428 12.73 13.27 24.95
N GLU C 429 13.01 11.97 25.03
CA GLU C 429 13.13 11.11 23.85
C GLU C 429 11.93 11.33 22.95
N GLU C 430 10.75 11.46 23.57
CA GLU C 430 9.48 11.58 22.84
C GLU C 430 9.25 12.94 22.19
N THR C 431 9.79 13.99 22.80
CA THR C 431 9.47 15.35 22.43
C THR C 431 10.67 16.19 21.98
N ARG C 432 11.82 15.57 21.80
CA ARG C 432 13.03 16.30 21.37
C ARG C 432 12.96 16.80 19.92
N HIS C 433 12.12 16.15 19.11
CA HIS C 433 11.96 16.53 17.70
C HIS C 433 11.31 17.90 17.59
N LEU C 434 10.66 18.31 18.68
CA LEU C 434 9.84 19.51 18.71
C LEU C 434 10.63 20.72 19.12
N GLN C 435 10.21 21.89 18.66
CA GLN C 435 10.78 23.13 19.15
C GLN C 435 9.84 23.92 20.04
N LEU C 436 10.38 24.99 20.59
CA LEU C 436 9.65 25.76 21.55
C LEU C 436 8.39 26.35 20.95
N ALA C 437 8.46 26.82 19.71
CA ALA C 437 7.28 27.38 19.05
C ALA C 437 6.20 26.32 18.77
N HIS C 438 6.62 25.13 18.36
CA HIS C 438 5.71 24.00 18.16
C HIS C 438 4.96 23.67 19.45
N LEU C 439 5.71 23.61 20.55
CA LEU C 439 5.12 23.36 21.87
C LEU C 439 4.13 24.43 22.26
N LYS C 440 4.52 25.67 22.05
CA LYS C 440 3.69 26.78 22.44
C LYS C 440 2.40 26.77 21.66
N TYR C 441 2.52 26.61 20.33
CA TYR C 441 1.37 26.47 19.41
C TYR C 441 0.39 25.40 19.86
N PHE C 442 0.91 24.20 20.14
CA PHE C 442 0.11 23.08 20.65
C PHE C 442 -0.63 23.47 21.89
N SER C 443 0.12 23.84 22.91
CA SER C 443 -0.49 24.27 24.16
C SER C 443 -1.64 25.26 23.94
N LEU C 444 -1.38 26.31 23.17
CA LEU C 444 -2.39 27.34 22.93
C LEU C 444 -3.66 26.86 22.22
N TRP C 445 -3.48 26.06 21.17
CA TRP C 445 -4.67 25.54 20.48
C TRP C 445 -5.51 24.60 21.36
N CYS C 446 -4.89 23.78 22.19
CA CYS C 446 -5.66 23.04 23.19
C CYS C 446 -6.43 23.97 24.14
N LEU C 447 -5.79 25.03 24.62
CA LEU C 447 -6.45 25.94 25.51
C LEU C 447 -7.68 26.50 24.84
N MET C 448 -7.49 27.06 23.65
CA MET C 448 -8.60 27.68 22.92
C MET C 448 -9.73 26.66 22.66
N LEU C 449 -9.33 25.48 22.21
CA LEU C 449 -10.29 24.43 21.92
C LEU C 449 -11.03 24.02 23.17
N THR C 450 -10.31 23.87 24.29
CA THR C 450 -10.97 23.49 25.54
C THR C 450 -12.03 24.49 25.92
N LEU C 451 -11.65 25.77 25.90
CA LEU C 451 -12.54 26.84 26.33
C LEU C 451 -13.80 26.82 25.52
N GLU C 452 -13.61 26.72 24.21
CA GLU C 452 -14.70 26.63 23.24
C GLU C 452 -15.61 25.43 23.54
N SER C 453 -15.00 24.26 23.69
CA SER C 453 -15.72 23.05 24.07
C SER C 453 -16.50 23.22 25.36
N GLN C 454 -15.88 23.77 26.39
CA GLN C 454 -16.54 23.89 27.66
C GLN C 454 -17.60 24.97 27.72
N SER C 455 -17.77 25.75 26.67
CA SER C 455 -18.73 26.87 26.68
C SER C 455 -20.16 26.43 26.97
N LYS C 456 -20.89 27.26 27.74
CA LYS C 456 -22.23 26.97 28.33
C LYS C 456 -23.26 26.40 27.33
N ASP C 457 -23.15 26.83 26.06
CA ASP C 457 -23.96 26.32 24.94
C ASP C 457 -23.85 24.79 24.77
N ASN C 458 -22.61 24.29 24.88
CA ASN C 458 -22.30 22.86 24.70
C ASN C 458 -22.10 22.12 26.03
N ARG C 459 -22.88 22.54 27.03
CA ARG C 459 -22.80 22.01 28.39
C ARG C 459 -24.17 21.70 29.03
N LYS C 460 -25.25 21.81 28.24
CA LYS C 460 -26.60 21.45 28.67
C LYS C 460 -26.75 19.94 28.84
N THR C 461 -27.53 19.53 29.85
CA THR C 461 -27.63 18.13 30.29
C THR C 461 -28.93 17.45 29.86
N HIS C 462 -29.05 16.17 30.24
CA HIS C 462 -30.17 15.32 29.83
C HIS C 462 -31.36 15.34 30.78
N GLN C 463 -31.39 16.31 31.69
CA GLN C 463 -32.45 16.40 32.68
C GLN C 463 -33.85 16.54 32.09
N SER C 464 -33.96 17.26 30.97
CA SER C 464 -35.21 17.44 30.25
C SER C 464 -35.81 16.10 29.84
N ILE C 465 -34.92 15.17 29.49
CA ILE C 465 -35.29 13.88 28.94
C ILE C 465 -35.85 12.97 30.03
N TRP C 466 -35.17 12.90 31.16
CA TRP C 466 -35.54 11.96 32.20
C TRP C 466 -36.24 12.56 33.41
N LEU C 467 -36.49 13.86 33.43
CA LEU C 467 -37.15 14.45 34.60
C LEU C 467 -38.48 15.15 34.33
N THR C 468 -38.55 15.98 33.30
CA THR C 468 -39.84 16.54 32.91
C THR C 468 -40.48 15.60 31.93
N PRO C 469 -41.78 15.33 32.09
CA PRO C 469 -42.54 14.51 31.15
C PRO C 469 -42.72 15.20 29.79
N ALA C 470 -43.15 14.40 28.80
CA ALA C 470 -43.13 14.76 27.38
C ALA C 470 -43.92 16.00 26.94
N SER C 471 -45.05 16.27 27.61
CA SER C 471 -45.98 17.34 27.20
C SER C 471 -45.37 18.73 27.22
N GLU C 472 -44.85 19.13 28.39
CA GLU C 472 -44.28 20.45 28.60
C GLU C 472 -43.18 20.83 27.58
N LEU C 473 -42.34 19.85 27.21
CA LEU C 473 -41.23 20.09 26.27
C LEU C 473 -41.62 20.05 24.78
N GLU C 474 -42.74 19.41 24.44
CA GLU C 474 -43.14 19.29 23.03
C GLU C 474 -43.66 20.61 22.43
N GLU C 475 -43.90 21.59 23.30
CA GLU C 475 -44.38 22.91 22.88
C GLU C 475 -43.25 23.81 22.37
N SER C 476 -42.04 23.26 22.31
CA SER C 476 -40.88 23.96 21.77
C SER C 476 -39.81 22.94 21.37
N GLY C 477 -38.63 23.43 21.01
CA GLY C 477 -37.45 22.61 20.64
C GLY C 477 -37.78 21.24 20.07
N ASN C 478 -37.26 20.20 20.70
CA ASN C 478 -37.80 18.87 20.43
C ASN C 478 -37.98 17.94 21.64
N CYS C 479 -39.24 17.75 22.01
CA CYS C 479 -39.69 16.56 22.73
C CYS C 479 -41.04 16.11 22.20
N VAL C 480 -41.10 15.86 20.90
CA VAL C 480 -42.21 15.15 20.32
C VAL C 480 -42.26 13.79 20.99
N GLY C 481 -43.46 13.32 21.26
CA GLY C 481 -43.59 11.94 21.65
C GLY C 481 -44.40 11.63 22.87
N ASN C 482 -45.46 10.89 22.59
CA ASN C 482 -45.97 9.89 23.48
C ASN C 482 -46.60 8.93 22.47
N LEU C 483 -45.75 8.05 21.94
CA LEU C 483 -45.95 7.39 20.64
C LEU C 483 -46.00 5.85 20.69
N VAL C 484 -46.14 5.24 19.51
CA VAL C 484 -46.21 3.77 19.36
C VAL C 484 -45.70 3.28 18.01
N ARG C 485 -45.20 2.04 18.01
CA ARG C 485 -44.91 1.32 16.77
C ARG C 485 -45.67 -0.02 16.73
N THR C 486 -45.86 -0.55 15.52
CA THR C 486 -46.34 -1.92 15.31
C THR C 486 -45.65 -2.45 14.07
N GLU C 487 -45.27 -1.53 13.19
CA GLU C 487 -44.65 -1.83 11.91
C GLU C 487 -43.37 -2.64 12.07
N PRO C 488 -43.29 -3.80 11.40
CA PRO C 488 -42.09 -4.64 11.47
C PRO C 488 -40.81 -3.84 11.21
N VAL C 489 -39.80 -4.06 12.06
CA VAL C 489 -38.51 -3.38 11.92
C VAL C 489 -37.78 -3.92 10.69
N SER C 490 -37.43 -3.01 9.77
CA SER C 490 -36.62 -3.39 8.61
C SER C 490 -35.13 -3.14 8.87
N ARG C 491 -34.29 -3.97 8.26
CA ARG C 491 -32.90 -4.18 8.71
C ARG C 491 -31.79 -3.30 8.10
N VAL C 492 -31.93 -2.90 6.84
CA VAL C 492 -30.96 -1.99 6.17
C VAL C 492 -29.49 -2.47 6.15
N CYS C 493 -28.88 -2.59 7.33
CA CYS C 493 -27.47 -3.02 7.50
C CYS C 493 -26.98 -2.81 8.94
N ASP C 494 -26.46 -3.88 9.55
CA ASP C 494 -25.93 -3.86 10.93
C ASP C 494 -26.86 -3.14 11.94
N GLY C 495 -26.36 -2.06 12.52
CA GLY C 495 -27.06 -1.36 13.58
C GLY C 495 -27.98 -0.27 13.08
N GLN C 496 -28.27 -0.27 11.79
CA GLN C 496 -29.26 0.67 11.28
C GLN C 496 -30.57 -0.06 10.99
N TYR C 497 -31.51 0.02 11.94
CA TYR C 497 -32.83 -0.60 11.77
C TYR C 497 -33.89 0.46 11.55
N LEU C 498 -34.79 0.23 10.58
CA LEU C 498 -35.91 1.16 10.34
C LEU C 498 -37.08 0.94 11.29
N HIS C 499 -37.49 2.03 11.93
CA HIS C 499 -38.60 2.02 12.87
C HIS C 499 -39.65 3.05 12.46
N ASN C 500 -40.88 2.79 12.90
CA ASN C 500 -42.05 3.58 12.52
C ASN C 500 -42.86 3.99 13.74
N PHE C 501 -43.23 5.27 13.82
CA PHE C 501 -43.88 5.83 15.00
C PHE C 501 -45.12 6.70 14.70
N GLN C 502 -46.08 6.69 15.62
CA GLN C 502 -47.25 7.58 15.59
C GLN C 502 -47.86 7.63 16.98
N ARG C 503 -48.66 8.66 17.26
CA ARG C 503 -49.32 8.78 18.56
C ARG C 503 -50.58 7.92 18.66
N LYS C 504 -50.90 7.51 19.89
CA LYS C 504 -52.08 6.69 20.15
C LYS C 504 -53.33 7.52 19.99
N ASN C 505 -54.19 7.10 19.06
CA ASN C 505 -55.54 7.68 18.90
C ASN C 505 -55.69 8.73 17.78
N GLY C 506 -55.48 10.00 18.10
CA GLY C 506 -55.93 11.09 17.22
C GLY C 506 -54.86 11.98 16.61
N PRO C 507 -54.93 13.30 16.89
CA PRO C 507 -54.14 14.30 16.18
C PRO C 507 -52.67 14.20 16.56
N MET C 508 -51.88 15.20 16.17
CA MET C 508 -50.68 15.62 16.94
C MET C 508 -49.49 16.21 16.21
N PRO C 509 -48.83 17.18 16.86
CA PRO C 509 -48.21 18.28 16.15
C PRO C 509 -46.83 17.95 15.64
N ALA C 510 -46.21 18.99 15.09
CA ALA C 510 -44.83 18.96 14.70
C ALA C 510 -44.34 20.38 14.87
N THR C 511 -43.06 20.54 15.18
CA THR C 511 -42.41 21.83 15.03
C THR C 511 -40.96 21.56 14.65
N ASN C 512 -40.09 21.60 15.65
CA ASN C 512 -38.66 21.55 15.44
C ASN C 512 -38.24 20.10 15.33
N LEU C 513 -38.58 19.51 14.18
CA LEU C 513 -38.41 18.10 13.95
C LEU C 513 -38.15 17.93 12.47
N MET C 514 -37.26 18.77 11.95
CA MET C 514 -36.91 18.74 10.53
C MET C 514 -36.26 17.39 10.22
N ALA C 515 -37.00 16.54 9.52
CA ALA C 515 -36.55 15.17 9.19
C ALA C 515 -35.10 15.12 8.66
N GLY C 516 -34.24 14.41 9.39
CA GLY C 516 -32.82 14.38 9.08
C GLY C 516 -31.99 14.80 10.27
N ASP C 517 -32.65 15.16 11.38
CA ASP C 517 -32.01 15.61 12.63
C ASP C 517 -31.32 14.48 13.41
N ARG C 518 -30.66 14.85 14.50
CA ARG C 518 -30.13 13.87 15.47
C ARG C 518 -31.10 13.69 16.62
N ILE C 519 -31.57 12.45 16.78
CA ILE C 519 -32.61 12.20 17.75
C ILE C 519 -32.34 11.01 18.66
N ILE C 520 -32.72 11.16 19.91
CA ILE C 520 -32.55 10.12 20.91
C ILE C 520 -33.92 9.56 21.29
N LEU C 521 -34.11 8.28 21.03
CA LEU C 521 -35.35 7.60 21.35
C LEU C 521 -35.35 7.06 22.78
N SER C 522 -36.22 7.60 23.62
CA SER C 522 -36.36 7.08 24.96
C SER C 522 -37.76 6.53 25.14
N GLY C 523 -38.18 6.40 26.39
CA GLY C 523 -39.43 5.75 26.69
C GLY C 523 -40.36 6.54 27.57
N GLU C 524 -41.56 6.01 27.75
CA GLU C 524 -42.55 6.56 28.65
C GLU C 524 -41.91 6.76 30.03
N GLU C 525 -41.59 5.66 30.68
CA GLU C 525 -41.14 5.71 32.05
C GLU C 525 -39.63 5.89 32.09
N ARG C 526 -39.13 6.20 33.27
CA ARG C 526 -37.73 6.52 33.46
C ARG C 526 -36.81 5.31 33.28
N LYS C 527 -37.38 4.12 33.47
CA LYS C 527 -36.65 2.86 33.35
C LYS C 527 -36.30 2.50 31.90
N LEU C 528 -36.93 3.16 30.93
CA LEU C 528 -36.60 2.97 29.51
C LEU C 528 -36.05 4.25 28.87
N PHE C 529 -35.12 4.90 29.58
CA PHE C 529 -34.45 6.12 29.12
C PHE C 529 -33.14 5.73 28.45
N ALA C 530 -32.81 6.46 27.37
CA ALA C 530 -31.70 6.14 26.44
C ALA C 530 -32.20 5.22 25.32
N LEU C 531 -32.16 3.91 25.56
CA LEU C 531 -32.56 2.95 24.54
C LEU C 531 -31.65 3.06 23.31
N SER C 532 -32.16 3.72 22.28
CA SER C 532 -31.38 3.89 21.08
C SER C 532 -31.30 5.36 20.62
N LYS C 533 -30.11 5.76 20.14
CA LYS C 533 -29.93 7.04 19.44
C LYS C 533 -30.01 6.80 17.93
N GLY C 534 -30.24 7.86 17.15
CA GLY C 534 -30.29 7.74 15.69
C GLY C 534 -30.73 9.03 15.04
N TYR C 535 -31.12 8.94 13.77
CA TYR C 535 -31.62 10.13 13.04
C TYR C 535 -32.99 9.90 12.36
N VAL C 536 -33.51 10.95 11.72
CA VAL C 536 -34.84 10.90 11.09
C VAL C 536 -34.77 10.68 9.57
N LYS C 537 -35.64 9.82 9.07
CA LYS C 537 -35.88 9.69 7.64
C LYS C 537 -36.85 10.78 7.19
N LYS C 538 -38.16 10.51 7.26
CA LYS C 538 -39.20 11.45 6.81
C LYS C 538 -40.38 11.49 7.79
N MET C 539 -41.22 12.52 7.68
CA MET C 539 -42.26 12.76 8.67
C MET C 539 -43.56 13.41 8.17
N ASN C 540 -44.65 12.63 8.16
CA ASN C 540 -46.02 13.14 8.00
C ASN C 540 -46.56 13.51 9.38
N LYS C 541 -47.39 14.55 9.48
CA LYS C 541 -47.86 15.02 10.79
C LYS C 541 -48.83 14.07 11.52
N ALA C 542 -48.99 12.87 10.99
CA ALA C 542 -49.72 11.81 11.68
C ALA C 542 -48.77 10.65 12.06
N ALA C 543 -47.84 10.34 11.15
CA ALA C 543 -46.82 9.29 11.36
C ALA C 543 -45.39 9.88 11.33
N VAL C 544 -44.40 9.12 11.80
CA VAL C 544 -42.98 9.57 11.79
C VAL C 544 -41.98 8.40 11.74
N THR C 545 -41.09 8.42 10.74
CA THR C 545 -40.12 7.32 10.57
C THR C 545 -38.68 7.78 10.80
N CYS C 546 -37.98 7.09 11.71
CA CYS C 546 -36.60 7.43 12.09
C CYS C 546 -35.72 6.20 12.30
N LEU C 547 -34.46 6.30 11.86
CA LEU C 547 -33.50 5.19 11.88
C LEU C 547 -32.60 5.11 13.11
N LEU C 548 -32.46 3.90 13.64
CA LEU C 548 -31.80 3.67 14.92
C LEU C 548 -30.89 2.46 14.88
N ASP C 549 -30.02 2.35 15.88
CA ASP C 549 -29.06 1.26 15.94
C ASP C 549 -29.63 0.00 16.56
N ARG C 550 -30.62 0.14 17.42
CA ARG C 550 -31.18 -1.01 18.10
C ARG C 550 -32.48 -1.49 17.47
N ASN C 551 -32.64 -2.82 17.43
CA ASN C 551 -33.90 -3.41 17.06
C ASN C 551 -34.74 -3.50 18.31
N LEU C 552 -35.90 -2.87 18.28
CA LEU C 552 -36.64 -2.62 19.49
C LEU C 552 -37.95 -3.38 19.54
N SER C 553 -37.87 -4.71 19.57
CA SER C 553 -39.10 -5.50 19.55
C SER C 553 -39.53 -6.01 20.92
N THR C 554 -38.62 -5.94 21.89
CA THR C 554 -38.79 -6.57 23.22
C THR C 554 -40.17 -6.41 23.90
N LEU C 555 -40.71 -5.19 23.96
CA LEU C 555 -42.08 -4.99 24.49
C LEU C 555 -42.94 -4.12 23.57
N PRO C 556 -43.75 -4.75 22.70
CA PRO C 556 -44.49 -3.95 21.72
C PRO C 556 -45.74 -3.31 22.31
N ALA C 557 -46.39 -2.48 21.51
CA ALA C 557 -47.72 -1.90 21.78
C ALA C 557 -47.96 -1.30 23.19
N THR C 558 -47.51 -1.98 24.25
CA THR C 558 -47.67 -1.48 25.63
C THR C 558 -47.02 -0.11 25.78
N THR C 559 -46.06 0.16 24.88
CA THR C 559 -45.03 1.15 25.14
C THR C 559 -45.26 2.52 24.48
N VAL C 560 -44.66 3.54 25.09
CA VAL C 560 -44.78 4.93 24.70
C VAL C 560 -43.37 5.54 24.73
N PHE C 561 -43.06 6.42 23.78
CA PHE C 561 -41.68 6.81 23.49
C PHE C 561 -41.46 8.31 23.27
N ARG C 562 -40.72 8.98 24.17
CA ARG C 562 -40.35 10.38 23.94
C ARG C 562 -39.08 10.52 23.10
N LEU C 563 -39.11 11.42 22.12
CA LEU C 563 -37.97 11.65 21.23
C LEU C 563 -37.39 13.02 21.52
N ASP C 564 -36.06 13.14 21.46
CA ASP C 564 -35.37 14.43 21.69
C ASP C 564 -34.21 14.61 20.69
N ARG C 565 -33.39 15.65 20.84
CA ARG C 565 -32.25 15.87 19.91
C ARG C 565 -30.90 15.45 20.52
N GLU C 566 -29.85 16.23 20.25
CA GLU C 566 -28.52 15.99 20.83
C GLU C 566 -27.74 17.26 21.19
N GLU C 567 -26.58 17.47 20.56
CA GLU C 567 -25.74 18.70 20.63
C GLU C 567 -24.21 18.50 20.73
N ARG C 568 -23.47 19.53 20.32
CA ARG C 568 -22.02 19.46 20.09
C ARG C 568 -21.13 19.63 21.34
N HIS C 569 -19.85 19.87 21.07
CA HIS C 569 -18.75 20.14 22.03
C HIS C 569 -17.61 19.14 21.87
N GLY C 570 -17.97 17.85 21.94
CA GLY C 570 -17.02 16.75 21.80
C GLY C 570 -16.36 16.79 20.44
N ASP C 571 -16.84 17.73 19.62
CA ASP C 571 -16.23 18.08 18.36
C ASP C 571 -14.71 18.07 18.57
N ILE C 572 -14.27 18.68 19.68
CA ILE C 572 -12.85 18.98 19.86
C ILE C 572 -11.92 17.78 19.70
N SER C 573 -12.51 16.58 19.65
CA SER C 573 -11.75 15.36 19.49
C SER C 573 -11.00 15.29 18.16
N THR C 574 -11.66 15.56 17.03
CA THR C 574 -10.95 15.60 15.75
C THR C 574 -9.86 16.67 15.66
N PRO C 575 -10.13 17.90 16.15
CA PRO C 575 -9.08 18.91 16.21
C PRO C 575 -7.92 18.46 17.11
N LEU C 576 -8.23 18.00 18.33
CA LEU C 576 -7.17 17.55 19.21
C LEU C 576 -6.43 16.42 18.55
N GLY C 577 -7.15 15.60 17.80
CA GLY C 577 -6.52 14.57 16.96
C GLY C 577 -5.46 15.17 16.07
N ASN C 578 -5.90 16.01 15.12
CA ASN C 578 -5.01 16.74 14.23
C ASN C 578 -3.84 17.43 14.95
N LEU C 579 -4.14 18.09 16.06
CA LEU C 579 -3.12 18.81 16.80
C LEU C 579 -2.00 17.87 17.22
N SER C 580 -2.42 16.84 17.93
CA SER C 580 -1.57 15.78 18.37
C SER C 580 -0.79 15.15 17.19
N LYS C 581 -1.46 14.94 16.07
CA LYS C 581 -0.78 14.41 14.89
C LYS C 581 0.31 15.36 14.40
N LEU C 582 0.02 16.66 14.36
CA LEU C 582 1.00 17.67 14.00
C LEU C 582 2.26 17.55 14.87
N MET C 583 2.05 17.12 16.09
CA MET C 583 3.13 17.00 17.02
C MET C 583 3.95 15.73 16.86
N GLU C 584 3.38 14.70 16.21
CA GLU C 584 4.11 13.45 16.00
C GLU C 584 5.40 13.74 15.30
N SER C 585 6.41 12.91 15.56
CA SER C 585 7.71 13.08 14.92
C SER C 585 7.75 12.33 13.60
N THR C 586 7.00 12.78 12.61
CA THR C 586 7.10 12.15 11.31
C THR C 586 7.56 13.21 10.31
N ASP C 587 7.97 12.77 9.12
CA ASP C 587 8.42 13.73 8.09
C ASP C 587 7.30 14.62 7.56
N PRO C 588 6.10 14.08 7.27
CA PRO C 588 4.97 15.00 7.03
C PRO C 588 4.72 16.03 8.14
N SER C 589 4.70 15.59 9.38
CA SER C 589 4.39 16.44 10.47
C SER C 589 5.48 17.46 10.69
N LYS C 590 6.72 17.14 10.32
CA LYS C 590 7.76 18.16 10.39
C LYS C 590 7.45 19.27 9.38
N ARG C 591 7.13 18.86 8.16
CA ARG C 591 6.85 19.76 7.07
C ARG C 591 5.73 20.72 7.43
N LEU C 592 4.63 20.20 7.96
CA LEU C 592 3.55 21.09 8.33
C LEU C 592 3.90 22.01 9.49
N ARG C 593 4.62 21.51 10.47
CA ARG C 593 5.02 22.35 11.57
C ARG C 593 5.77 23.58 11.07
N GLU C 594 6.67 23.35 10.13
CA GLU C 594 7.52 24.42 9.66
C GLU C 594 6.76 25.38 8.80
N LEU C 595 5.82 24.87 8.01
CA LEU C 595 5.06 25.72 7.12
C LEU C 595 4.07 26.52 7.95
N ILE C 596 3.39 25.85 8.88
CA ILE C 596 2.33 26.47 9.67
C ILE C 596 2.77 27.10 10.98
N ILE C 597 3.56 26.41 11.79
CA ILE C 597 3.94 27.04 13.05
C ILE C 597 5.10 28.02 12.83
N ASP C 598 6.11 27.59 12.07
CA ASP C 598 7.33 28.38 11.93
C ASP C 598 7.25 29.30 10.73
N PHE C 599 6.05 29.40 10.17
CA PHE C 599 5.78 30.24 9.00
C PHE C 599 6.80 30.15 7.88
N ARG C 600 7.33 28.96 7.57
CA ARG C 600 8.33 28.84 6.50
C ARG C 600 7.81 29.37 5.15
N GLU C 601 8.66 30.11 4.44
CA GLU C 601 8.25 30.71 3.18
C GLU C 601 7.92 29.61 2.16
N PRO C 602 6.70 29.62 1.61
CA PRO C 602 6.45 28.60 0.59
C PRO C 602 7.27 28.90 -0.65
N GLN C 603 7.74 27.85 -1.32
CA GLN C 603 8.49 28.00 -2.56
C GLN C 603 7.61 27.81 -3.81
N PHE C 604 8.01 28.50 -4.89
CA PHE C 604 7.47 28.27 -6.24
C PHE C 604 8.60 28.18 -7.22
N ILE C 605 8.37 27.53 -8.35
CA ILE C 605 9.44 27.52 -9.35
C ILE C 605 9.09 28.43 -10.56
N ALA C 606 10.11 28.74 -11.36
CA ALA C 606 9.94 29.45 -12.62
C ALA C 606 9.41 28.48 -13.62
N TYR C 607 8.43 28.89 -14.39
CA TYR C 607 7.87 28.05 -15.43
C TYR C 607 8.95 27.59 -16.41
N LEU C 608 8.84 26.36 -16.88
CA LEU C 608 9.72 25.77 -17.90
C LEU C 608 8.90 24.82 -18.74
N SER C 609 9.40 24.45 -19.91
CA SER C 609 8.58 23.69 -20.87
C SER C 609 7.95 22.45 -20.26
N SER C 610 8.78 21.71 -19.54
CA SER C 610 8.35 20.43 -19.04
C SER C 610 7.96 20.44 -17.54
N VAL C 611 7.40 21.53 -17.07
CA VAL C 611 6.73 21.52 -15.76
C VAL C 611 5.50 20.61 -15.87
N LEU C 612 5.07 20.29 -17.07
CA LEU C 612 4.02 19.31 -17.21
C LEU C 612 4.50 18.18 -18.10
N PRO C 613 4.04 16.95 -17.80
CA PRO C 613 4.20 15.87 -18.75
C PRO C 613 3.70 16.30 -20.13
N HIS C 614 4.59 16.19 -21.10
CA HIS C 614 4.35 16.59 -22.47
C HIS C 614 2.93 16.29 -22.99
N ASP C 615 2.46 15.07 -22.77
CA ASP C 615 1.14 14.67 -23.23
C ASP C 615 0.05 15.46 -22.60
N ALA C 616 0.27 15.95 -21.38
CA ALA C 616 -0.77 16.65 -20.65
C ALA C 616 -1.09 18.01 -21.27
N LYS C 617 -0.09 18.56 -21.97
CA LYS C 617 -0.04 19.97 -22.39
C LYS C 617 -1.20 20.45 -23.25
N ASP C 618 -1.57 19.68 -24.27
CA ASP C 618 -2.72 20.05 -25.13
C ASP C 618 -4.04 20.13 -24.38
N THR C 619 -4.29 19.15 -23.52
CA THR C 619 -5.49 19.17 -22.72
C THR C 619 -5.50 20.36 -21.78
N VAL C 620 -4.37 20.56 -21.09
CA VAL C 620 -4.24 21.66 -20.15
C VAL C 620 -4.61 22.97 -20.85
N ALA C 621 -3.94 23.26 -21.96
CA ALA C 621 -4.17 24.46 -22.74
C ALA C 621 -5.64 24.63 -23.09
N ASN C 622 -6.31 23.59 -23.55
CA ASN C 622 -7.74 23.69 -23.78
C ASN C 622 -8.50 24.11 -22.55
N ILE C 623 -8.12 23.58 -21.39
CA ILE C 623 -8.79 23.92 -20.15
C ILE C 623 -8.52 25.36 -19.77
N LEU C 624 -7.26 25.76 -19.86
CA LEU C 624 -6.85 27.13 -19.58
C LEU C 624 -7.65 28.15 -20.40
N LYS C 625 -7.75 27.90 -21.71
CA LYS C 625 -8.45 28.80 -22.63
C LYS C 625 -9.82 29.22 -22.13
N GLY C 626 -10.53 28.32 -21.46
CA GLY C 626 -11.87 28.67 -20.95
C GLY C 626 -11.92 29.55 -19.72
N LEU C 627 -10.79 30.07 -19.29
CA LEU C 627 -10.72 30.78 -18.00
C LEU C 627 -10.21 32.22 -18.10
N ASN C 628 -10.75 33.13 -17.26
CA ASN C 628 -10.20 34.49 -17.14
C ASN C 628 -8.78 34.51 -16.60
N LYS C 629 -8.09 35.64 -16.76
CA LYS C 629 -6.67 35.75 -16.39
C LYS C 629 -6.37 35.38 -14.90
N PRO C 630 -7.07 36.02 -13.93
CA PRO C 630 -6.80 35.63 -12.55
C PRO C 630 -6.86 34.11 -12.40
N GLN C 631 -7.96 33.52 -12.87
CA GLN C 631 -8.15 32.10 -12.87
C GLN C 631 -6.98 31.37 -13.44
N ARG C 632 -6.53 31.75 -14.63
CA ARG C 632 -5.44 31.07 -15.27
C ARG C 632 -4.19 31.25 -14.46
N GLN C 633 -4.04 32.43 -13.86
CA GLN C 633 -2.86 32.74 -13.02
C GLN C 633 -2.85 31.88 -11.75
N ALA C 634 -4.03 31.42 -11.33
CA ALA C 634 -4.21 30.61 -10.15
C ALA C 634 -3.72 29.19 -10.35
N MET C 635 -4.09 28.61 -11.49
CA MET C 635 -3.60 27.28 -11.91
C MET C 635 -2.09 27.29 -12.12
N LYS C 636 -1.58 28.40 -12.65
CA LYS C 636 -0.15 28.53 -12.84
C LYS C 636 0.54 28.45 -11.48
N ARG C 637 -0.02 29.12 -10.46
CA ARG C 637 0.60 29.17 -9.15
C ARG C 637 0.67 27.78 -8.58
N VAL C 638 -0.48 27.11 -8.59
CA VAL C 638 -0.58 25.74 -8.13
C VAL C 638 0.46 24.85 -8.82
N LEU C 639 0.56 24.92 -10.14
CA LEU C 639 1.51 24.09 -10.89
C LEU C 639 2.98 24.42 -10.61
N LEU C 640 3.24 25.68 -10.26
CA LEU C 640 4.60 26.11 -9.96
C LEU C 640 5.00 25.98 -8.48
N SER C 641 4.06 25.51 -7.66
CA SER C 641 4.24 25.42 -6.22
C SER C 641 5.08 24.22 -5.84
N LYS C 642 5.68 24.30 -4.66
CA LYS C 642 6.43 23.20 -4.09
C LYS C 642 5.84 22.86 -2.74
N ASP C 643 5.17 23.85 -2.16
CA ASP C 643 4.56 23.77 -0.84
C ASP C 643 3.03 23.94 -0.88
N TYR C 644 2.56 25.19 -0.91
CA TYR C 644 1.11 25.46 -0.93
C TYR C 644 0.72 26.67 -1.77
N THR C 645 -0.58 26.82 -1.98
CA THR C 645 -1.14 27.89 -2.76
C THR C 645 -2.46 28.31 -2.12
N LEU C 646 -2.65 29.62 -2.09
CA LEU C 646 -3.83 30.25 -1.52
C LEU C 646 -4.55 30.98 -2.62
N ILE C 647 -5.70 30.45 -3.01
CA ILE C 647 -6.54 31.11 -3.99
C ILE C 647 -7.59 31.90 -3.24
N VAL C 648 -7.62 33.21 -3.51
CA VAL C 648 -8.59 34.10 -2.88
C VAL C 648 -9.81 34.22 -3.79
N GLY C 649 -10.90 33.55 -3.44
CA GLY C 649 -12.09 33.57 -4.30
C GLY C 649 -13.08 34.62 -3.83
N MET C 650 -12.84 35.88 -4.21
CA MET C 650 -13.77 36.96 -3.88
C MET C 650 -15.19 36.71 -4.48
N PRO C 651 -16.23 37.33 -3.92
CA PRO C 651 -17.60 36.90 -4.21
C PRO C 651 -17.94 36.84 -5.69
N GLY C 652 -18.75 35.86 -6.07
CA GLY C 652 -19.10 35.61 -7.46
C GLY C 652 -17.95 35.55 -8.45
N THR C 653 -16.73 35.23 -8.02
CA THR C 653 -15.63 35.05 -8.99
C THR C 653 -15.48 33.61 -9.54
N GLY C 654 -16.45 32.74 -9.26
CA GLY C 654 -16.46 31.41 -9.86
C GLY C 654 -15.46 30.44 -9.25
N LYS C 655 -15.50 30.26 -7.94
CA LYS C 655 -14.58 29.34 -7.29
C LYS C 655 -14.89 27.88 -7.64
N THR C 656 -16.17 27.50 -7.60
CA THR C 656 -16.56 26.15 -7.99
C THR C 656 -16.03 25.82 -9.37
N THR C 657 -16.29 26.70 -10.32
CA THR C 657 -15.77 26.59 -11.67
C THR C 657 -14.26 26.50 -11.67
N THR C 658 -13.63 27.25 -10.77
CA THR C 658 -12.16 27.31 -10.72
C THR C 658 -11.54 26.04 -10.14
N ILE C 659 -12.17 25.51 -9.09
CA ILE C 659 -11.63 24.35 -8.44
C ILE C 659 -11.73 23.20 -9.43
N CYS C 660 -12.93 23.05 -9.98
CA CYS C 660 -13.17 22.04 -10.97
C CYS C 660 -12.09 22.06 -12.07
N ALA C 661 -11.79 23.25 -12.59
CA ALA C 661 -10.75 23.41 -13.61
C ALA C 661 -9.34 22.99 -13.12
N LEU C 662 -8.99 23.41 -11.90
CA LEU C 662 -7.74 22.99 -11.28
C LEU C 662 -7.70 21.48 -11.25
N VAL C 663 -8.76 20.89 -10.69
CA VAL C 663 -8.80 19.46 -10.51
C VAL C 663 -8.56 18.83 -11.86
N ARG C 664 -9.34 19.27 -12.85
CA ARG C 664 -9.19 18.83 -14.23
C ARG C 664 -7.79 18.93 -14.77
N ILE C 665 -7.07 20.00 -14.43
CA ILE C 665 -5.69 20.12 -14.90
C ILE C 665 -4.75 19.14 -14.17
N LEU C 666 -4.93 19.03 -12.85
CA LEU C 666 -4.07 18.19 -12.01
C LEU C 666 -4.26 16.75 -12.40
N SER C 667 -5.49 16.40 -12.69
CA SER C 667 -5.79 15.09 -13.14
C SER C 667 -5.09 14.80 -14.47
N ALA C 668 -5.23 15.68 -15.46
CA ALA C 668 -4.48 15.57 -16.72
C ALA C 668 -2.98 15.32 -16.53
N CYS C 669 -2.40 15.85 -15.46
CA CYS C 669 -0.94 15.73 -15.25
C CYS C 669 -0.56 14.52 -14.40
N GLY C 670 -1.51 13.59 -14.26
CA GLY C 670 -1.28 12.36 -13.52
C GLY C 670 -1.00 12.58 -12.06
N PHE C 671 -1.60 13.62 -11.48
CA PHE C 671 -1.57 13.82 -10.06
C PHE C 671 -2.76 13.16 -9.40
N SER C 672 -2.55 12.64 -8.19
CA SER C 672 -3.64 12.16 -7.34
C SER C 672 -4.06 13.35 -6.50
N VAL C 673 -5.35 13.47 -6.21
CA VAL C 673 -5.79 14.65 -5.48
C VAL C 673 -6.88 14.33 -4.48
N LEU C 674 -6.69 14.80 -3.25
CA LEU C 674 -7.71 14.69 -2.24
C LEU C 674 -8.42 16.01 -2.23
N LEU C 675 -9.73 15.95 -2.45
CA LEU C 675 -10.56 17.13 -2.58
C LEU C 675 -11.47 17.30 -1.40
N THR C 676 -11.27 18.34 -0.63
CA THR C 676 -12.06 18.53 0.56
C THR C 676 -12.66 19.93 0.67
N SER C 677 -13.66 20.02 1.53
CA SER C 677 -14.25 21.29 1.94
C SER C 677 -14.89 21.09 3.30
N TYR C 678 -15.55 22.13 3.82
CA TYR C 678 -16.21 21.98 5.08
C TYR C 678 -17.56 21.30 4.98
N THR C 679 -18.37 21.75 4.04
CA THR C 679 -19.73 21.25 3.87
C THR C 679 -19.90 20.25 2.70
N HIS C 680 -20.80 19.28 2.87
CA HIS C 680 -21.07 18.33 1.83
C HIS C 680 -21.43 19.04 0.53
N SER C 681 -22.36 19.98 0.59
CA SER C 681 -22.80 20.71 -0.62
C SER C 681 -21.63 21.38 -1.33
N ALA C 682 -20.79 22.02 -0.55
CA ALA C 682 -19.59 22.66 -1.09
C ALA C 682 -18.80 21.67 -1.96
N VAL C 683 -18.47 20.51 -1.37
CA VAL C 683 -17.72 19.49 -2.09
C VAL C 683 -18.56 18.94 -3.26
N ASP C 684 -19.84 18.71 -3.01
CA ASP C 684 -20.73 18.17 -4.05
C ASP C 684 -20.85 19.09 -5.25
N ASN C 685 -20.92 20.40 -5.01
CA ASN C 685 -21.07 21.36 -6.10
C ASN C 685 -19.95 21.22 -7.10
N ILE C 686 -18.73 21.05 -6.59
CA ILE C 686 -17.54 20.88 -7.43
C ILE C 686 -17.59 19.55 -8.18
N LEU C 687 -18.12 18.54 -7.51
CA LEU C 687 -18.18 17.19 -8.06
C LEU C 687 -19.11 17.15 -9.24
N LEU C 688 -20.27 17.80 -9.07
CA LEU C 688 -21.30 17.87 -10.10
C LEU C 688 -20.70 18.35 -11.42
N LYS C 689 -20.02 19.50 -11.35
CA LYS C 689 -19.25 20.01 -12.46
C LYS C 689 -18.35 18.94 -13.05
N LEU C 690 -17.65 18.18 -12.20
CA LEU C 690 -16.67 17.16 -12.64
C LEU C 690 -17.32 15.93 -13.25
N ALA C 691 -18.53 15.64 -12.78
CA ALA C 691 -19.36 14.65 -13.44
C ALA C 691 -19.57 15.13 -14.86
N LYS C 692 -20.13 16.33 -15.00
CA LYS C 692 -20.36 16.91 -16.33
C LYS C 692 -19.18 16.75 -17.27
N PHE C 693 -17.96 16.88 -16.75
CA PHE C 693 -16.77 16.78 -17.61
C PHE C 693 -16.25 15.36 -17.77
N LYS C 694 -17.06 14.39 -17.37
CA LYS C 694 -16.67 12.98 -17.37
C LYS C 694 -15.30 12.76 -16.68
N VAL C 695 -15.13 13.36 -15.51
CA VAL C 695 -13.93 13.13 -14.68
C VAL C 695 -14.35 12.24 -13.50
N GLY C 696 -13.63 11.14 -13.36
CA GLY C 696 -13.96 10.14 -12.35
C GLY C 696 -13.33 10.44 -11.01
N PHE C 697 -14.05 10.06 -9.95
CA PHE C 697 -13.64 10.34 -8.59
C PHE C 697 -14.47 9.47 -7.67
N LEU C 698 -13.91 9.14 -6.50
CA LEU C 698 -14.63 8.36 -5.52
C LEU C 698 -15.05 9.32 -4.42
N ARG C 699 -16.35 9.30 -4.07
CA ARG C 699 -16.85 10.15 -2.99
C ARG C 699 -17.08 9.37 -1.71
N LEU C 700 -16.25 9.61 -0.73
CA LEU C 700 -16.46 9.07 0.62
C LEU C 700 -17.59 9.80 1.36
N GLY C 701 -17.90 9.35 2.58
CA GLY C 701 -18.96 9.94 3.40
C GLY C 701 -20.28 9.20 3.30
N GLN C 702 -21.17 9.48 4.25
CA GLN C 702 -22.49 8.85 4.27
C GLN C 702 -23.37 9.36 3.15
N SER C 703 -23.78 8.44 2.28
CA SER C 703 -24.54 8.73 1.03
C SER C 703 -25.83 9.52 1.25
N HIS C 704 -26.41 9.45 2.46
CA HIS C 704 -27.60 10.25 2.74
C HIS C 704 -27.32 11.74 2.92
N LYS C 705 -26.09 12.11 3.24
CA LYS C 705 -25.73 13.52 3.35
C LYS C 705 -25.25 14.04 2.00
N VAL C 706 -25.04 13.12 1.08
CA VAL C 706 -24.49 13.44 -0.23
C VAL C 706 -25.60 13.95 -1.16
N HIS C 707 -25.27 14.93 -2.00
CA HIS C 707 -26.18 15.39 -3.04
C HIS C 707 -26.62 14.23 -3.93
N PRO C 708 -27.93 14.16 -4.25
CA PRO C 708 -28.57 13.09 -5.01
C PRO C 708 -27.87 12.69 -6.29
N ASP C 709 -27.58 13.64 -7.17
CA ASP C 709 -26.91 13.30 -8.43
C ASP C 709 -25.50 12.73 -8.22
N ILE C 710 -24.95 12.94 -7.03
CA ILE C 710 -23.59 12.52 -6.72
C ILE C 710 -23.56 11.15 -6.05
N GLN C 711 -24.68 10.76 -5.46
CA GLN C 711 -24.77 9.49 -4.72
C GLN C 711 -24.41 8.22 -5.51
N LYS C 712 -24.43 8.30 -6.84
CA LYS C 712 -23.95 7.17 -7.62
C LYS C 712 -22.45 6.94 -7.48
N PHE C 713 -21.72 7.95 -7.03
CA PHE C 713 -20.27 7.84 -6.94
C PHE C 713 -19.76 7.52 -5.52
N THR C 714 -20.68 7.46 -4.55
CA THR C 714 -20.36 7.16 -3.17
C THR C 714 -19.83 5.75 -2.92
N GLU C 715 -18.80 5.63 -2.08
CA GLU C 715 -18.31 4.32 -1.64
C GLU C 715 -19.44 3.42 -1.16
N GLU C 716 -20.31 3.97 -0.32
CA GLU C 716 -21.47 3.25 0.19
C GLU C 716 -22.40 2.71 -0.90
N GLU C 717 -22.63 3.54 -1.91
CA GLU C 717 -23.55 3.19 -2.95
C GLU C 717 -22.95 2.19 -3.91
N ILE C 718 -21.73 2.44 -4.36
CA ILE C 718 -21.00 1.50 -5.22
C ILE C 718 -20.92 0.08 -4.60
N CYS C 719 -20.76 0.04 -3.28
CA CYS C 719 -20.67 -1.21 -2.54
C CYS C 719 -21.94 -2.01 -2.59
N ARG C 720 -23.07 -1.39 -2.21
CA ARG C 720 -24.36 -2.09 -2.26
C ARG C 720 -24.67 -2.50 -3.68
N SER C 721 -24.56 -1.54 -4.59
CA SER C 721 -24.75 -1.76 -6.01
C SER C 721 -23.94 -2.96 -6.48
N ARG C 722 -22.63 -2.78 -6.68
CA ARG C 722 -21.80 -3.84 -7.24
C ARG C 722 -21.59 -5.06 -6.33
N SER C 723 -22.32 -5.14 -5.22
CA SER C 723 -22.17 -6.19 -4.20
C SER C 723 -20.71 -6.49 -3.92
N ILE C 724 -20.08 -5.62 -3.14
CA ILE C 724 -18.67 -5.80 -2.80
C ILE C 724 -18.60 -6.53 -1.47
N ALA C 725 -18.17 -7.78 -1.50
CA ALA C 725 -18.00 -8.53 -0.27
C ALA C 725 -16.66 -9.28 -0.21
N SER C 726 -15.58 -8.52 -0.42
CA SER C 726 -14.22 -9.04 -0.33
C SER C 726 -13.22 -7.92 -0.21
N LEU C 727 -12.16 -8.18 0.55
CA LEU C 727 -11.09 -7.21 0.71
C LEU C 727 -10.51 -6.77 -0.63
N ALA C 728 -10.47 -7.68 -1.60
CA ALA C 728 -9.89 -7.35 -2.90
C ALA C 728 -10.77 -6.41 -3.73
N HIS C 729 -12.08 -6.62 -3.68
CA HIS C 729 -13.02 -5.79 -4.43
C HIS C 729 -13.27 -4.44 -3.76
N LEU C 730 -13.20 -4.40 -2.43
CA LEU C 730 -13.23 -3.12 -1.74
C LEU C 730 -11.97 -2.31 -2.06
N GLU C 731 -10.82 -2.93 -1.84
CA GLU C 731 -9.55 -2.32 -2.13
C GLU C 731 -9.45 -1.89 -3.60
N GLU C 732 -10.08 -2.64 -4.50
CA GLU C 732 -10.03 -2.30 -5.90
C GLU C 732 -10.77 -0.98 -6.03
N LEU C 733 -11.85 -0.84 -5.27
CA LEU C 733 -12.63 0.39 -5.30
C LEU C 733 -11.77 1.57 -4.87
N TYR C 734 -11.07 1.41 -3.76
CA TYR C 734 -10.27 2.48 -3.22
C TYR C 734 -9.14 2.92 -4.18
N ASN C 735 -8.63 2.01 -4.97
CA ASN C 735 -7.57 2.33 -5.93
C ASN C 735 -8.15 2.65 -7.30
N SER C 736 -9.47 2.53 -7.41
CA SER C 736 -10.19 2.81 -8.63
C SER C 736 -9.92 4.25 -9.07
N HIS C 737 -9.98 5.20 -8.14
CA HIS C 737 -9.82 6.60 -8.55
C HIS C 737 -8.74 7.41 -7.85
N PRO C 738 -7.94 8.15 -8.65
CA PRO C 738 -6.85 8.94 -8.09
C PRO C 738 -7.37 10.24 -7.51
N ILE C 739 -8.64 10.54 -7.78
CA ILE C 739 -9.30 11.68 -7.18
C ILE C 739 -10.23 11.16 -6.11
N VAL C 740 -10.10 11.66 -4.89
CA VAL C 740 -10.97 11.23 -3.80
C VAL C 740 -11.57 12.45 -3.13
N ALA C 741 -12.90 12.45 -2.93
CA ALA C 741 -13.57 13.61 -2.36
C ALA C 741 -14.31 13.32 -1.04
N THR C 742 -14.06 14.15 -0.05
CA THR C 742 -14.68 14.00 1.28
C THR C 742 -14.74 15.37 1.97
N THR C 743 -15.30 15.40 3.18
CA THR C 743 -15.32 16.60 3.99
C THR C 743 -14.15 16.53 4.95
N CYS C 744 -13.68 17.69 5.40
CA CYS C 744 -12.56 17.86 6.36
C CYS C 744 -12.60 17.02 7.62
N MET C 745 -13.81 16.69 8.04
CA MET C 745 -14.00 15.92 9.23
C MET C 745 -13.92 14.44 8.92
N GLY C 746 -14.14 14.09 7.66
CA GLY C 746 -14.14 12.69 7.25
C GLY C 746 -12.76 12.13 6.97
N ILE C 747 -11.75 12.71 7.60
CA ILE C 747 -10.37 12.20 7.47
C ILE C 747 -10.15 10.96 8.32
N ASN C 748 -11.21 10.42 8.88
CA ASN C 748 -11.04 9.27 9.71
C ASN C 748 -11.30 7.98 8.98
N HIS C 749 -11.52 8.11 7.69
CA HIS C 749 -11.69 6.98 6.85
C HIS C 749 -10.46 6.13 6.77
N PRO C 750 -10.64 4.82 6.68
CA PRO C 750 -9.53 3.89 6.52
C PRO C 750 -8.70 4.16 5.28
N ILE C 751 -9.24 4.90 4.33
CA ILE C 751 -8.47 5.12 3.11
C ILE C 751 -7.17 5.90 3.41
N PHE C 752 -7.25 6.78 4.39
CA PHE C 752 -6.14 7.65 4.77
C PHE C 752 -5.16 6.94 5.72
N SER C 753 -5.39 5.66 5.98
CA SER C 753 -4.39 4.85 6.68
C SER C 753 -3.42 4.27 5.69
N ARG C 754 -3.82 4.28 4.42
CA ARG C 754 -3.05 3.63 3.38
C ARG C 754 -2.79 4.44 2.10
N LYS C 755 -3.47 5.56 1.90
CA LYS C 755 -3.23 6.35 0.69
C LYS C 755 -2.62 7.72 1.00
N THR C 756 -1.82 8.22 0.05
CA THR C 756 -1.37 9.61 0.14
C THR C 756 -1.60 10.25 -1.21
N PHE C 757 -1.65 11.57 -1.25
CA PHE C 757 -2.00 12.28 -2.49
C PHE C 757 -0.95 13.28 -2.92
N ASP C 758 -0.87 13.50 -4.23
CA ASP C 758 -0.03 14.57 -4.72
C ASP C 758 -0.50 15.96 -4.19
N PHE C 759 -1.80 16.19 -4.22
CA PHE C 759 -2.41 17.45 -3.84
C PHE C 759 -3.61 17.25 -2.95
N CYS C 760 -3.74 18.13 -1.96
CA CYS C 760 -4.98 18.26 -1.26
C CYS C 760 -5.55 19.62 -1.61
N ILE C 761 -6.83 19.66 -1.98
CA ILE C 761 -7.53 20.93 -2.17
C ILE C 761 -8.60 21.11 -1.10
N VAL C 762 -8.56 22.24 -0.40
CA VAL C 762 -9.59 22.53 0.62
C VAL C 762 -10.40 23.74 0.24
N ASP C 763 -11.70 23.52 0.05
CA ASP C 763 -12.61 24.59 -0.25
C ASP C 763 -13.15 25.22 1.01
N GLU C 764 -13.52 26.49 0.92
CA GLU C 764 -14.01 27.28 2.07
C GLU C 764 -12.97 27.22 3.16
N ALA C 765 -11.70 27.37 2.79
CA ALA C 765 -10.60 27.15 3.72
C ALA C 765 -10.60 28.20 4.83
N SER C 766 -11.21 29.34 4.54
CA SER C 766 -11.28 30.45 5.51
C SER C 766 -12.47 30.42 6.48
N GLN C 767 -13.40 29.51 6.29
CA GLN C 767 -14.52 29.38 7.21
C GLN C 767 -14.25 28.26 8.21
N ILE C 768 -13.28 27.41 7.92
CA ILE C 768 -13.00 26.23 8.73
C ILE C 768 -12.04 26.58 9.86
N SER C 769 -12.37 26.19 11.08
CA SER C 769 -11.46 26.33 12.21
C SER C 769 -10.10 25.67 11.98
N GLN C 770 -9.05 26.40 12.35
CA GLN C 770 -7.71 26.11 11.89
C GLN C 770 -7.29 24.64 12.10
N PRO C 771 -7.50 24.07 13.29
CA PRO C 771 -7.09 22.65 13.50
C PRO C 771 -7.89 21.62 12.69
N VAL C 772 -9.13 21.94 12.35
CA VAL C 772 -9.91 21.05 11.52
C VAL C 772 -9.39 21.05 10.06
N CYS C 773 -9.14 22.24 9.54
CA CYS C 773 -8.58 22.39 8.22
C CYS C 773 -7.24 21.66 8.04
N LEU C 774 -6.57 21.45 9.17
CA LEU C 774 -5.25 20.84 9.20
C LEU C 774 -5.30 19.38 8.77
N GLY C 775 -6.45 18.75 9.03
CA GLY C 775 -6.66 17.30 8.80
C GLY C 775 -6.18 16.75 7.47
N PRO C 776 -6.90 17.05 6.39
CA PRO C 776 -6.59 16.56 5.04
C PRO C 776 -5.15 16.80 4.59
N LEU C 777 -4.46 17.72 5.26
CA LEU C 777 -3.13 18.12 4.82
C LEU C 777 -2.04 17.09 5.13
N PHE C 778 -2.29 16.28 6.15
CA PHE C 778 -1.36 15.20 6.51
C PHE C 778 -1.24 14.19 5.43
N PHE C 779 -2.14 14.20 4.46
CA PHE C 779 -2.18 13.14 3.45
C PHE C 779 -1.84 13.61 2.06
N SER C 780 -1.15 14.73 1.94
CA SER C 780 -0.87 15.24 0.62
C SER C 780 0.48 15.92 0.62
N ARG C 781 1.11 16.03 -0.53
CA ARG C 781 2.45 16.59 -0.57
C ARG C 781 2.37 18.09 -0.70
N ARG C 782 1.49 18.57 -1.59
CA ARG C 782 1.22 20.00 -1.76
C ARG C 782 -0.24 20.25 -1.54
N PHE C 783 -0.59 21.47 -1.14
CA PHE C 783 -2.00 21.76 -0.97
C PHE C 783 -2.46 23.14 -1.46
N VAL C 784 -3.77 23.31 -1.48
CA VAL C 784 -4.40 24.51 -1.97
C VAL C 784 -5.59 24.84 -1.09
N LEU C 785 -5.50 25.99 -0.44
CA LEU C 785 -6.64 26.49 0.32
C LEU C 785 -7.33 27.55 -0.53
N VAL C 786 -8.64 27.41 -0.66
CA VAL C 786 -9.41 28.41 -1.34
C VAL C 786 -10.27 29.09 -0.30
N GLY C 787 -10.22 30.40 -0.25
CA GLY C 787 -11.06 31.14 0.67
C GLY C 787 -11.10 32.64 0.42
N ASP C 788 -11.62 33.37 1.42
CA ASP C 788 -11.62 34.82 1.38
C ASP C 788 -11.83 35.33 2.80
N HIS C 789 -10.83 36.02 3.36
CA HIS C 789 -10.88 36.45 4.77
C HIS C 789 -11.82 37.62 5.03
N GLN C 790 -12.31 38.20 3.93
CA GLN C 790 -13.21 39.35 3.98
C GLN C 790 -14.59 38.83 4.24
N GLN C 791 -14.82 37.59 3.86
CA GLN C 791 -16.07 36.96 4.17
C GLN C 791 -15.94 36.32 5.54
N LEU C 792 -16.90 35.50 5.93
CA LEU C 792 -16.99 35.08 7.33
C LEU C 792 -15.87 34.17 7.77
N PRO C 793 -15.47 34.27 9.05
CA PRO C 793 -14.45 33.43 9.68
C PRO C 793 -15.05 32.21 10.39
N PRO C 794 -14.23 31.23 10.78
CA PRO C 794 -14.80 30.16 11.58
C PRO C 794 -15.47 30.75 12.81
N LEU C 795 -16.71 30.37 13.03
CA LEU C 795 -17.46 30.83 14.18
C LEU C 795 -16.88 30.34 15.51
N VAL C 796 -16.51 31.26 16.37
CA VAL C 796 -15.96 30.95 17.66
C VAL C 796 -16.89 31.58 18.69
N VAL C 797 -17.65 30.75 19.40
CA VAL C 797 -18.66 31.23 20.35
C VAL C 797 -18.09 31.97 21.54
N ASN C 798 -17.04 31.41 22.14
CA ASN C 798 -16.52 31.87 23.41
C ASN C 798 -15.68 33.12 23.24
N ARG C 799 -15.98 34.10 24.07
CA ARG C 799 -15.28 35.38 24.11
C ARG C 799 -13.78 35.19 24.23
N GLU C 800 -13.38 34.58 25.34
CA GLU C 800 -11.99 34.56 25.70
C GLU C 800 -11.18 33.87 24.60
N ALA C 801 -11.72 32.82 24.00
CA ALA C 801 -11.00 32.08 22.98
C ALA C 801 -10.86 32.94 21.76
N ARG C 802 -11.98 33.51 21.30
CA ARG C 802 -11.98 34.41 20.14
C ARG C 802 -10.90 35.47 20.31
N ALA C 803 -10.65 35.83 21.57
CA ALA C 803 -9.68 36.84 21.92
C ALA C 803 -8.26 36.34 21.91
N LEU C 804 -8.08 35.03 21.92
CA LEU C 804 -6.75 34.48 21.88
C LEU C 804 -6.32 34.16 20.45
N GLY C 805 -7.26 34.25 19.53
CA GLY C 805 -6.99 34.05 18.10
C GLY C 805 -7.72 32.89 17.44
N MET C 806 -8.72 32.33 18.11
CA MET C 806 -9.29 31.09 17.60
C MET C 806 -10.01 31.25 16.27
N SER C 807 -10.45 32.46 15.95
CA SER C 807 -11.23 32.64 14.75
C SER C 807 -10.33 32.87 13.59
N GLU C 808 -9.01 32.79 13.79
CA GLU C 808 -8.07 32.86 12.67
C GLU C 808 -8.09 31.56 11.89
N SER C 809 -8.59 31.60 10.66
CA SER C 809 -8.54 30.42 9.83
C SER C 809 -7.12 30.12 9.43
N LEU C 810 -6.85 28.89 9.04
CA LEU C 810 -5.52 28.55 8.52
C LEU C 810 -5.21 29.34 7.26
N PHE C 811 -6.26 29.63 6.47
CA PHE C 811 -6.16 30.38 5.23
C PHE C 811 -5.62 31.76 5.49
N LYS C 812 -6.23 32.45 6.46
CA LYS C 812 -5.72 33.74 6.86
C LYS C 812 -4.34 33.62 7.42
N ARG C 813 -4.14 32.75 8.40
CA ARG C 813 -2.83 32.62 9.00
C ARG C 813 -1.77 32.60 7.92
N LEU C 814 -1.96 31.75 6.92
CA LEU C 814 -0.91 31.52 5.96
C LEU C 814 -0.80 32.63 4.93
N GLU C 815 -1.71 33.59 4.98
CA GLU C 815 -1.80 34.61 3.96
C GLU C 815 -0.75 35.70 4.04
N ARG C 816 0.03 35.72 5.11
CA ARG C 816 1.08 36.69 5.14
C ARG C 816 2.15 36.40 4.10
N ASN C 817 2.29 35.16 3.66
CA ASN C 817 3.14 34.92 2.50
C ASN C 817 2.43 35.28 1.20
N GLU C 818 2.66 36.49 0.69
CA GLU C 818 1.99 36.89 -0.55
C GLU C 818 2.43 36.08 -1.76
N SER C 819 3.67 35.63 -1.79
CA SER C 819 4.14 34.87 -2.95
C SER C 819 3.14 33.79 -3.35
N ALA C 820 2.40 33.30 -2.37
CA ALA C 820 1.54 32.14 -2.53
C ALA C 820 0.09 32.51 -2.70
N VAL C 821 -0.20 33.81 -2.71
CA VAL C 821 -1.58 34.25 -2.82
C VAL C 821 -1.95 34.58 -4.26
N VAL C 822 -3.01 34.00 -4.78
CA VAL C 822 -3.51 34.48 -6.07
C VAL C 822 -4.98 34.89 -5.97
N GLN C 823 -5.33 36.08 -6.48
CA GLN C 823 -6.69 36.60 -6.28
C GLN C 823 -7.61 36.38 -7.47
N LEU C 824 -8.84 36.04 -7.15
CA LEU C 824 -9.87 35.91 -8.15
C LEU C 824 -10.67 37.19 -8.05
N THR C 825 -10.72 37.93 -9.15
CA THR C 825 -11.29 39.28 -9.16
C THR C 825 -12.41 39.44 -10.18
N VAL C 826 -12.17 38.97 -11.41
CA VAL C 826 -13.25 38.91 -12.40
C VAL C 826 -14.44 38.13 -11.84
N GLN C 827 -15.53 38.86 -11.58
CA GLN C 827 -16.72 38.28 -10.97
C GLN C 827 -17.92 38.34 -11.90
N TYR C 828 -18.83 37.39 -11.74
CA TYR C 828 -19.97 37.19 -12.66
C TYR C 828 -21.30 37.20 -11.95
N ARG C 829 -21.39 37.87 -10.80
CA ARG C 829 -22.64 37.92 -10.05
C ARG C 829 -23.25 39.33 -10.05
N MET C 830 -22.48 40.34 -9.61
CA MET C 830 -23.08 41.63 -9.35
C MET C 830 -22.98 42.60 -10.53
N ASN C 831 -24.08 43.32 -10.75
CA ASN C 831 -24.17 44.35 -11.79
C ASN C 831 -23.40 45.60 -11.40
N ARG C 832 -22.57 46.07 -12.33
CA ARG C 832 -21.72 47.26 -12.17
C ARG C 832 -21.95 48.14 -10.94
N LYS C 833 -23.21 48.46 -10.63
CA LYS C 833 -23.56 49.30 -9.48
C LYS C 833 -23.37 48.59 -8.16
N ILE C 834 -23.94 47.39 -8.06
CA ILE C 834 -23.85 46.60 -6.84
C ILE C 834 -22.39 46.24 -6.51
N MET C 835 -21.67 45.81 -7.53
CA MET C 835 -20.24 45.57 -7.40
C MET C 835 -19.57 46.80 -6.80
N SER C 836 -19.83 47.96 -7.41
CA SER C 836 -19.19 49.22 -7.02
C SER C 836 -19.29 49.47 -5.54
N LEU C 837 -20.40 49.10 -4.95
CA LEU C 837 -20.62 49.27 -3.53
C LEU C 837 -19.56 48.55 -2.69
N SER C 838 -19.44 47.24 -2.88
CA SER C 838 -18.52 46.42 -2.11
C SER C 838 -17.07 46.65 -2.53
N ASN C 839 -16.89 47.04 -3.79
CA ASN C 839 -15.59 47.47 -4.28
C ASN C 839 -15.05 48.72 -3.56
N LYS C 840 -15.95 49.61 -3.13
CA LYS C 840 -15.61 50.82 -2.38
C LYS C 840 -15.45 50.52 -0.89
N LEU C 841 -16.30 49.64 -0.38
CA LEU C 841 -16.37 49.38 1.04
C LEU C 841 -15.32 48.37 1.52
N THR C 842 -15.05 47.37 0.66
CA THR C 842 -14.35 46.17 1.11
C THR C 842 -13.20 45.78 0.19
N TYR C 843 -13.50 45.59 -1.08
CA TYR C 843 -12.51 45.00 -1.99
C TYR C 843 -11.51 45.95 -2.67
N ALA C 844 -11.36 47.16 -2.11
CA ALA C 844 -10.42 48.20 -2.58
C ALA C 844 -10.29 48.34 -4.09
N GLY C 845 -11.43 48.29 -4.78
CA GLY C 845 -11.47 48.55 -6.20
C GLY C 845 -10.99 47.40 -7.05
N LYS C 846 -10.79 46.25 -6.44
CA LYS C 846 -10.22 45.10 -7.12
C LYS C 846 -11.19 44.27 -7.97
N LEU C 847 -12.49 44.36 -7.73
CA LEU C 847 -13.45 43.56 -8.51
C LEU C 847 -13.73 44.09 -9.92
N GLU C 848 -13.64 43.21 -10.92
CA GLU C 848 -14.09 43.54 -12.27
C GLU C 848 -15.32 42.75 -12.67
N CYS C 849 -15.99 43.20 -13.72
CA CYS C 849 -17.18 42.50 -14.22
C CYS C 849 -16.84 41.47 -15.26
N GLY C 850 -17.58 40.38 -15.26
CA GLY C 850 -17.31 39.25 -16.13
C GLY C 850 -17.48 39.62 -17.59
N SER C 851 -18.48 40.44 -17.84
CA SER C 851 -18.87 40.86 -19.17
C SER C 851 -19.74 42.08 -19.00
N ASP C 852 -20.20 42.63 -20.13
CA ASP C 852 -21.18 43.71 -20.08
C ASP C 852 -22.54 43.18 -19.67
N ARG C 853 -22.85 41.96 -20.08
CA ARG C 853 -24.06 41.26 -19.64
C ARG C 853 -24.27 41.44 -18.15
N VAL C 854 -23.32 40.90 -17.37
CA VAL C 854 -23.32 40.92 -15.91
C VAL C 854 -23.39 42.35 -15.40
N ALA C 855 -22.59 43.21 -16.03
CA ALA C 855 -22.45 44.61 -15.64
C ALA C 855 -23.78 45.35 -15.70
N ASN C 856 -24.50 45.20 -16.82
CA ASN C 856 -25.68 46.01 -17.11
C ASN C 856 -27.00 45.34 -16.72
N ALA C 857 -26.93 44.10 -16.25
CA ALA C 857 -28.11 43.36 -15.85
C ALA C 857 -28.85 44.08 -14.72
N VAL C 858 -30.18 44.12 -14.85
CA VAL C 858 -31.07 44.79 -13.90
C VAL C 858 -32.27 43.88 -13.58
N LEU C 859 -32.94 44.11 -12.45
CA LEU C 859 -33.96 43.16 -11.98
C LEU C 859 -35.02 42.87 -13.05
N ALA C 860 -35.31 41.59 -13.29
CA ALA C 860 -36.38 41.18 -14.22
C ALA C 860 -37.81 41.36 -13.64
N LEU C 861 -38.54 42.34 -14.17
CA LEU C 861 -39.92 42.61 -13.74
C LEU C 861 -40.84 42.87 -14.95
N PRO C 862 -41.28 41.80 -15.64
CA PRO C 862 -42.00 41.86 -16.93
C PRO C 862 -43.34 42.61 -16.90
N ASN C 863 -44.00 42.66 -15.75
CA ASN C 863 -45.24 43.44 -15.60
C ASN C 863 -45.17 44.43 -14.44
N LEU C 864 -44.37 45.48 -14.66
CA LEU C 864 -44.31 46.63 -13.75
C LEU C 864 -45.59 47.45 -13.85
N LYS C 865 -46.14 47.52 -15.06
CA LYS C 865 -47.26 48.41 -15.40
C LYS C 865 -48.49 48.25 -14.50
N ASP C 866 -49.14 47.09 -14.60
CA ASP C 866 -50.33 46.77 -13.80
C ASP C 866 -50.00 46.51 -12.32
N ALA C 867 -48.72 46.24 -12.05
CA ALA C 867 -48.23 46.12 -10.70
C ALA C 867 -48.31 47.49 -10.03
N ARG C 868 -47.83 48.52 -10.72
CA ARG C 868 -47.82 49.88 -10.16
C ARG C 868 -49.22 50.40 -9.85
N LEU C 869 -50.16 50.13 -10.77
CA LEU C 869 -51.56 50.51 -10.60
C LEU C 869 -52.19 49.82 -9.39
N SER C 870 -52.11 48.50 -9.34
CA SER C 870 -52.75 47.66 -8.30
C SER C 870 -52.41 48.07 -6.87
N LEU C 871 -51.21 48.62 -6.69
CA LEU C 871 -50.77 49.10 -5.38
C LEU C 871 -51.37 50.44 -5.06
N GLN C 872 -51.37 51.32 -6.05
CA GLN C 872 -51.94 52.67 -5.94
C GLN C 872 -53.44 52.67 -5.64
N LEU C 873 -54.01 51.46 -5.49
CA LEU C 873 -55.43 51.27 -5.16
C LEU C 873 -55.65 51.28 -3.64
N TYR C 874 -54.78 52.02 -2.96
CA TYR C 874 -54.88 52.32 -1.55
C TYR C 874 -53.86 53.41 -1.21
N ALA C 875 -52.68 53.33 -1.81
CA ALA C 875 -51.60 54.31 -1.61
C ALA C 875 -51.58 55.35 -2.74
N ASP C 876 -50.64 56.30 -2.68
CA ASP C 876 -50.60 57.39 -3.65
C ASP C 876 -49.46 57.30 -4.68
N TYR C 877 -49.71 57.95 -5.83
CA TYR C 877 -48.76 58.11 -6.93
C TYR C 877 -47.66 59.12 -6.59
N SER C 878 -48.01 60.10 -5.75
CA SER C 878 -47.13 61.22 -5.39
C SER C 878 -46.09 60.87 -4.33
N ASP C 879 -46.37 59.86 -3.51
CA ASP C 879 -45.37 59.34 -2.60
C ASP C 879 -44.39 58.42 -3.37
N SER C 880 -43.97 58.90 -4.53
CA SER C 880 -42.99 58.22 -5.38
C SER C 880 -41.58 58.12 -4.76
N PRO C 881 -41.17 59.11 -3.91
CA PRO C 881 -39.85 59.05 -3.29
C PRO C 881 -39.29 57.63 -3.19
N TRP C 882 -39.86 56.82 -2.30
CA TRP C 882 -39.35 55.46 -2.14
C TRP C 882 -39.90 54.50 -3.18
N LEU C 883 -41.19 54.16 -3.11
CA LEU C 883 -41.75 53.15 -4.01
C LEU C 883 -41.26 53.22 -5.46
N ALA C 884 -41.23 54.42 -6.03
CA ALA C 884 -40.77 54.60 -7.41
C ALA C 884 -39.30 54.26 -7.57
N GLY C 885 -38.48 54.76 -6.65
CA GLY C 885 -37.04 54.47 -6.62
C GLY C 885 -36.69 53.03 -6.25
N VAL C 886 -37.49 52.45 -5.34
CA VAL C 886 -37.39 51.05 -4.93
C VAL C 886 -37.67 50.10 -6.09
N LEU C 887 -38.80 50.29 -6.76
CA LEU C 887 -39.18 49.39 -7.83
C LEU C 887 -38.28 49.55 -9.04
N GLU C 888 -37.73 50.74 -9.21
CA GLU C 888 -36.93 51.07 -10.38
C GLU C 888 -35.76 50.11 -10.58
N PRO C 889 -35.84 49.26 -11.64
CA PRO C 889 -34.75 48.33 -11.94
C PRO C 889 -33.41 49.02 -12.10
N ASP C 890 -33.41 50.22 -12.71
CA ASP C 890 -32.18 50.98 -12.94
C ASP C 890 -31.70 51.72 -11.70
N ASN C 891 -32.32 51.43 -10.56
CA ASN C 891 -31.82 51.85 -9.27
C ASN C 891 -31.42 50.62 -8.43
N PRO C 892 -30.30 49.93 -8.80
CA PRO C 892 -29.98 48.60 -8.31
C PRO C 892 -29.67 48.54 -6.81
N VAL C 893 -28.96 49.55 -6.32
CA VAL C 893 -28.67 49.69 -4.89
C VAL C 893 -29.66 50.68 -4.29
N CYS C 894 -30.25 50.33 -3.14
CA CYS C 894 -31.17 51.22 -2.45
C CYS C 894 -31.29 50.99 -0.95
N PHE C 895 -31.03 52.04 -0.16
CA PHE C 895 -31.25 52.01 1.30
C PHE C 895 -32.50 52.79 1.73
N LEU C 896 -33.30 52.14 2.56
CA LEU C 896 -34.53 52.70 3.04
C LEU C 896 -34.41 53.02 4.50
N ASN C 897 -34.53 54.32 4.80
CA ASN C 897 -34.35 54.84 6.16
C ASN C 897 -35.63 54.75 7.04
N THR C 898 -35.62 53.88 8.04
CA THR C 898 -36.78 53.75 8.95
C THR C 898 -36.69 54.71 10.15
N ASP C 899 -36.13 55.89 9.89
CA ASP C 899 -35.95 56.89 10.94
C ASP C 899 -37.23 57.71 11.20
N LYS C 900 -37.74 58.35 10.15
CA LYS C 900 -38.88 59.27 10.24
C LYS C 900 -40.21 58.55 10.58
N VAL C 901 -40.20 57.23 10.44
CA VAL C 901 -41.30 56.38 10.88
C VAL C 901 -40.77 55.45 11.98
N PRO C 902 -41.26 55.62 13.22
CA PRO C 902 -40.69 54.82 14.33
C PRO C 902 -40.72 53.34 13.98
N ALA C 903 -39.58 52.67 14.17
CA ALA C 903 -39.44 51.25 13.86
C ALA C 903 -38.66 50.52 14.96
N PRO C 904 -39.22 50.50 16.20
CA PRO C 904 -38.49 49.91 17.34
C PRO C 904 -38.22 48.41 17.28
N GLU C 905 -37.09 48.02 17.86
CA GLU C 905 -36.68 46.63 17.98
C GLU C 905 -37.33 45.96 19.20
N GLN C 906 -37.32 44.63 19.21
CA GLN C 906 -37.86 43.87 20.32
C GLN C 906 -36.85 42.87 20.82
N VAL C 907 -36.22 43.21 21.94
CA VAL C 907 -35.20 42.37 22.55
C VAL C 907 -35.87 41.30 23.40
N GLU C 908 -35.62 40.04 23.07
CA GLU C 908 -36.34 38.93 23.72
C GLU C 908 -35.48 37.73 24.10
N ASN C 909 -34.85 37.87 25.27
CA ASN C 909 -34.01 36.84 25.90
C ASN C 909 -32.75 36.47 25.10
N GLY C 910 -32.05 37.48 24.58
CA GLY C 910 -30.86 37.25 23.76
C GLY C 910 -30.91 37.83 22.35
N GLY C 911 -31.79 37.29 21.52
CA GLY C 911 -31.97 37.75 20.14
C GLY C 911 -32.84 38.99 20.06
N VAL C 912 -32.75 39.70 18.93
CA VAL C 912 -33.54 40.91 18.73
C VAL C 912 -34.42 40.78 17.49
N SER C 913 -35.55 41.49 17.48
CA SER C 913 -36.46 41.54 16.33
C SER C 913 -37.01 42.93 16.06
N ASN C 914 -37.75 43.06 14.96
CA ASN C 914 -38.33 44.33 14.57
C ASN C 914 -39.54 44.10 13.68
N VAL C 915 -40.72 44.01 14.29
CA VAL C 915 -41.96 43.67 13.57
C VAL C 915 -42.33 44.72 12.52
N THR C 916 -42.17 45.98 12.90
CA THR C 916 -42.36 47.08 11.99
C THR C 916 -41.57 46.85 10.69
N GLU C 917 -40.27 46.59 10.84
CA GLU C 917 -39.39 46.31 9.70
C GLU C 917 -39.80 45.03 8.97
N ALA C 918 -40.25 44.03 9.74
CA ALA C 918 -40.68 42.74 9.20
C ALA C 918 -41.94 42.92 8.36
N ARG C 919 -42.95 43.51 8.98
CA ARG C 919 -44.16 43.93 8.31
C ARG C 919 -43.80 44.62 6.99
N LEU C 920 -42.90 45.61 7.08
CA LEU C 920 -42.48 46.41 5.95
C LEU C 920 -41.87 45.63 4.78
N ILE C 921 -40.92 44.73 5.08
CA ILE C 921 -40.28 43.95 4.00
C ILE C 921 -41.22 42.92 3.37
N VAL C 922 -42.08 42.29 4.18
CA VAL C 922 -43.05 41.31 3.68
C VAL C 922 -43.90 41.92 2.57
N PHE C 923 -44.32 43.17 2.78
CA PHE C 923 -44.98 43.95 1.75
C PHE C 923 -44.11 44.01 0.50
N LEU C 924 -42.89 44.53 0.63
CA LEU C 924 -41.98 44.71 -0.51
C LEU C 924 -41.77 43.45 -1.32
N THR C 925 -41.89 42.32 -0.65
CA THR C 925 -41.73 41.01 -1.28
C THR C 925 -42.94 40.71 -2.19
N SER C 926 -44.14 40.81 -1.61
CA SER C 926 -45.41 40.53 -2.31
C SER C 926 -45.43 41.29 -3.63
N THR C 927 -45.11 42.57 -3.55
CA THR C 927 -45.01 43.48 -4.69
C THR C 927 -44.11 42.95 -5.82
N PHE C 928 -42.91 42.51 -5.45
CA PHE C 928 -41.90 42.14 -6.42
C PHE C 928 -42.24 40.87 -7.17
N ILE C 929 -42.90 39.93 -6.50
CA ILE C 929 -43.44 38.77 -7.18
C ILE C 929 -44.55 39.22 -8.12
N LYS C 930 -45.44 40.09 -7.63
CA LYS C 930 -46.55 40.66 -8.42
C LYS C 930 -46.10 41.56 -9.58
N ALA C 931 -44.85 42.01 -9.53
CA ALA C 931 -44.27 42.78 -10.62
C ALA C 931 -43.60 41.87 -11.65
N GLY C 932 -43.62 40.58 -11.37
CA GLY C 932 -43.12 39.56 -12.29
C GLY C 932 -41.82 38.86 -11.91
N CYS C 933 -41.33 39.09 -10.70
CA CYS C 933 -40.09 38.45 -10.24
C CYS C 933 -40.37 37.20 -9.40
N SER C 934 -40.00 36.03 -9.92
CA SER C 934 -40.27 34.74 -9.26
C SER C 934 -39.66 34.64 -7.86
N PRO C 935 -40.46 34.21 -6.87
CA PRO C 935 -40.06 34.14 -5.45
C PRO C 935 -38.83 33.28 -5.23
N SER C 936 -38.63 32.34 -6.15
CA SER C 936 -37.41 31.57 -6.28
C SER C 936 -36.17 32.49 -6.30
N ASP C 937 -36.29 33.62 -6.99
CA ASP C 937 -35.18 34.56 -7.17
C ASP C 937 -35.12 35.63 -6.10
N ILE C 938 -35.63 35.30 -4.91
CA ILE C 938 -35.69 36.28 -3.82
C ILE C 938 -35.13 35.77 -2.50
N GLY C 939 -34.15 36.51 -1.99
CA GLY C 939 -33.55 36.24 -0.69
C GLY C 939 -33.79 37.36 0.30
N VAL C 940 -34.25 36.97 1.49
CA VAL C 940 -34.38 37.89 2.60
C VAL C 940 -33.33 37.57 3.66
N ILE C 941 -32.60 38.61 4.09
CA ILE C 941 -31.57 38.47 5.11
C ILE C 941 -31.84 39.35 6.33
N ALA C 942 -31.46 38.85 7.51
CA ALA C 942 -31.51 39.63 8.74
C ALA C 942 -30.38 39.21 9.69
N PRO C 943 -29.72 40.17 10.32
CA PRO C 943 -28.67 39.94 11.31
C PRO C 943 -29.07 38.99 12.43
N TYR C 944 -30.32 39.04 12.89
CA TYR C 944 -30.70 38.26 14.05
C TYR C 944 -31.60 37.09 13.72
N ARG C 945 -31.26 35.93 14.29
CA ARG C 945 -31.97 34.67 14.10
C ARG C 945 -33.45 34.86 14.42
N GLN C 946 -33.72 35.46 15.59
CA GLN C 946 -35.06 35.74 16.07
C GLN C 946 -35.93 36.53 15.07
N GLN C 947 -35.30 37.46 14.35
CA GLN C 947 -36.00 38.23 13.32
C GLN C 947 -36.43 37.39 12.11
N LEU C 948 -35.79 36.23 11.92
CA LEU C 948 -36.11 35.34 10.78
C LEU C 948 -37.50 34.72 10.94
N ARG C 949 -37.74 34.16 12.14
CA ARG C 949 -39.05 33.66 12.57
C ARG C 949 -40.15 34.61 12.16
N ILE C 950 -40.11 35.79 12.79
CA ILE C 950 -41.06 36.88 12.56
C ILE C 950 -41.33 37.16 11.08
N ILE C 951 -40.27 37.33 10.27
CA ILE C 951 -40.44 37.55 8.83
C ILE C 951 -41.03 36.33 8.11
N SER C 952 -40.67 35.12 8.58
CA SER C 952 -41.24 33.90 8.01
C SER C 952 -42.76 33.86 8.28
N ASP C 953 -43.14 34.13 9.53
CA ASP C 953 -44.56 34.14 9.94
C ASP C 953 -45.45 35.01 9.07
N LEU C 954 -45.12 36.29 9.01
CA LEU C 954 -45.87 37.25 8.22
C LEU C 954 -45.84 36.92 6.72
N LEU C 955 -45.02 35.94 6.33
CA LEU C 955 -44.97 35.48 4.95
C LEU C 955 -46.02 34.40 4.66
N ALA C 956 -46.26 33.54 5.64
CA ALA C 956 -47.37 32.58 5.57
C ALA C 956 -48.68 33.32 5.78
N ARG C 957 -48.65 34.36 6.61
CA ARG C 957 -49.77 35.28 6.82
C ARG C 957 -50.23 35.91 5.49
N SER C 958 -49.30 36.46 4.72
CA SER C 958 -49.62 37.03 3.40
C SER C 958 -49.63 35.96 2.32
N SER C 959 -49.59 34.70 2.74
CA SER C 959 -49.57 33.51 1.88
C SER C 959 -48.56 33.55 0.70
N VAL C 960 -47.32 33.93 1.03
CA VAL C 960 -46.19 33.87 0.11
C VAL C 960 -44.99 33.31 0.89
N GLY C 961 -44.59 32.08 0.60
CA GLY C 961 -43.56 31.42 1.41
C GLY C 961 -42.38 30.78 0.68
N MET C 962 -42.29 30.97 -0.63
CA MET C 962 -41.21 30.38 -1.44
C MET C 962 -39.89 31.11 -1.23
N VAL C 963 -39.95 32.41 -0.97
CA VAL C 963 -38.74 33.18 -0.68
C VAL C 963 -38.13 32.69 0.63
N GLU C 964 -36.81 32.58 0.65
CA GLU C 964 -36.12 32.07 1.81
C GLU C 964 -35.60 33.15 2.72
N VAL C 965 -36.12 33.18 3.93
CA VAL C 965 -35.61 34.04 4.97
C VAL C 965 -34.45 33.29 5.59
N ASN C 966 -33.31 33.97 5.79
CA ASN C 966 -32.15 33.34 6.43
C ASN C 966 -31.04 34.31 6.85
N THR C 967 -30.21 33.91 7.82
CA THR C 967 -29.04 34.69 8.25
C THR C 967 -27.97 34.69 7.18
N VAL C 968 -27.13 35.73 7.14
CA VAL C 968 -25.99 35.82 6.19
C VAL C 968 -25.19 34.54 6.07
N ASP C 969 -25.01 33.87 7.22
CA ASP C 969 -24.20 32.67 7.32
C ASP C 969 -24.76 31.59 6.44
N LYS C 970 -26.04 31.29 6.64
CA LYS C 970 -26.71 30.32 5.83
C LYS C 970 -26.82 30.83 4.39
N TYR C 971 -26.08 31.90 4.05
CA TYR C 971 -26.06 32.42 2.68
C TYR C 971 -24.68 32.38 2.03
N GLN C 972 -23.64 32.23 2.84
CA GLN C 972 -22.27 32.16 2.33
C GLN C 972 -22.22 31.46 0.99
N GLY C 973 -21.59 32.09 0.01
CA GLY C 973 -21.32 31.45 -1.28
C GLY C 973 -22.50 31.32 -2.22
N ARG C 974 -23.71 31.47 -1.69
CA ARG C 974 -24.92 31.52 -2.53
C ARG C 974 -25.31 32.96 -2.93
N ASP C 975 -26.21 33.09 -3.90
CA ASP C 975 -26.70 34.40 -4.30
C ASP C 975 -28.14 34.37 -4.84
N LYS C 976 -28.81 35.53 -4.84
CA LYS C 976 -30.15 35.69 -5.42
C LYS C 976 -30.20 36.89 -6.40
N SER C 977 -31.26 36.98 -7.20
CA SER C 977 -31.46 38.11 -8.13
C SER C 977 -31.89 39.38 -7.39
N LEU C 978 -32.64 39.17 -6.31
CA LEU C 978 -33.03 40.26 -5.43
C LEU C 978 -32.77 39.89 -3.97
N ILE C 979 -32.03 40.78 -3.29
CA ILE C 979 -31.85 40.65 -1.86
C ILE C 979 -32.56 41.80 -1.13
N LEU C 980 -33.19 41.45 -0.01
CA LEU C 980 -33.78 42.41 0.89
C LEU C 980 -33.23 42.14 2.29
N VAL C 981 -32.73 43.20 2.94
CA VAL C 981 -32.04 43.08 4.24
C VAL C 981 -32.77 43.86 5.32
N SER C 982 -33.24 43.16 6.34
CA SER C 982 -33.78 43.82 7.51
C SER C 982 -32.66 43.87 8.53
N PHE C 983 -32.14 45.07 8.83
CA PHE C 983 -31.06 45.24 9.82
C PHE C 983 -31.58 45.18 11.26
N VAL C 984 -32.90 45.18 11.41
CA VAL C 984 -33.56 44.94 12.71
C VAL C 984 -33.08 45.73 13.93
N ARG C 985 -31.94 46.40 13.81
CA ARG C 985 -31.53 47.26 14.91
C ARG C 985 -32.14 48.63 14.75
N SER C 986 -32.77 49.07 15.84
CA SER C 986 -33.44 50.37 15.95
C SER C 986 -33.72 50.60 17.44
N ASN C 987 -32.79 51.29 18.12
CA ASN C 987 -32.94 51.57 19.54
C ASN C 987 -32.71 53.04 19.85
N GLU C 988 -33.08 53.45 21.07
CA GLU C 988 -33.02 54.86 21.54
C GLU C 988 -31.66 55.54 21.33
N ASP C 989 -30.71 55.28 22.23
CA ASP C 989 -29.28 55.63 22.10
C ASP C 989 -28.45 54.83 23.12
N GLY C 990 -28.79 53.55 23.27
CA GLY C 990 -28.04 52.68 24.15
C GLY C 990 -27.56 51.45 23.41
N THR C 991 -28.00 50.30 23.92
CA THR C 991 -27.61 48.98 23.45
C THR C 991 -27.30 48.86 21.95
N LEU C 992 -26.15 48.26 21.69
CA LEU C 992 -25.50 48.24 20.41
C LEU C 992 -24.72 46.93 20.35
N GLY C 993 -25.33 45.89 19.76
CA GLY C 993 -24.78 44.53 19.83
C GLY C 993 -23.46 44.33 19.10
N GLU C 994 -22.74 43.28 19.46
CA GLU C 994 -21.47 42.95 18.80
C GLU C 994 -21.64 42.64 17.31
N LEU C 995 -22.79 42.10 16.96
CA LEU C 995 -22.95 41.49 15.67
C LEU C 995 -22.72 42.44 14.52
N LEU C 996 -23.32 43.63 14.59
CA LEU C 996 -23.28 44.55 13.45
C LEU C 996 -21.95 45.27 13.31
N LYS C 997 -21.14 45.22 14.38
CA LYS C 997 -19.79 45.76 14.35
C LYS C 997 -18.90 44.98 13.40
N ASP C 998 -19.33 43.77 13.07
CA ASP C 998 -18.52 42.87 12.23
C ASP C 998 -18.56 43.23 10.76
N TRP C 999 -17.45 43.75 10.28
CA TRP C 999 -17.32 44.15 8.91
C TRP C 999 -17.61 43.04 7.91
N ARG C 1000 -17.33 41.80 8.31
CA ARG C 1000 -17.41 40.63 7.40
C ARG C 1000 -18.86 40.20 7.15
N ARG C 1001 -19.70 40.24 8.19
CA ARG C 1001 -21.12 39.90 8.05
C ARG C 1001 -21.78 40.87 7.10
N LEU C 1002 -21.46 42.16 7.27
CA LEU C 1002 -21.96 43.16 6.35
C LEU C 1002 -21.55 42.81 4.94
N ASN C 1003 -20.25 42.65 4.71
CA ASN C 1003 -19.76 42.35 3.38
C ASN C 1003 -20.54 41.29 2.61
N VAL C 1004 -20.80 40.16 3.27
CA VAL C 1004 -21.54 39.05 2.69
C VAL C 1004 -22.94 39.53 2.26
N ALA C 1005 -23.63 40.27 3.13
CA ALA C 1005 -24.94 40.82 2.79
C ALA C 1005 -24.93 41.68 1.52
N LEU C 1006 -23.96 42.57 1.38
CA LEU C 1006 -23.89 43.40 0.17
C LEU C 1006 -23.37 42.69 -1.09
N THR C 1007 -23.25 41.36 -1.04
CA THR C 1007 -22.63 40.60 -2.13
C THR C 1007 -23.45 39.34 -2.47
N ARG C 1008 -24.61 39.20 -1.84
CA ARG C 1008 -25.54 38.12 -2.16
C ARG C 1008 -26.41 38.40 -3.39
N ALA C 1009 -26.53 39.65 -3.81
CA ALA C 1009 -27.50 40.03 -4.85
C ALA C 1009 -26.87 40.20 -6.21
N LYS C 1010 -27.59 39.77 -7.25
CA LYS C 1010 -27.10 39.89 -8.63
C LYS C 1010 -27.53 41.20 -9.28
N HIS C 1011 -28.82 41.49 -9.17
CA HIS C 1011 -29.47 42.59 -9.90
C HIS C 1011 -30.00 43.71 -9.00
N LYS C 1012 -30.75 43.37 -7.95
CA LYS C 1012 -31.27 44.41 -7.05
C LYS C 1012 -31.07 44.17 -5.56
N LEU C 1013 -30.45 45.16 -4.90
CA LEU C 1013 -30.13 45.11 -3.49
C LEU C 1013 -30.89 46.19 -2.72
N ILE C 1014 -31.79 45.76 -1.83
CA ILE C 1014 -32.61 46.68 -1.06
C ILE C 1014 -32.30 46.54 0.43
N LEU C 1015 -32.00 47.67 1.06
CA LEU C 1015 -31.53 47.67 2.44
C LEU C 1015 -32.48 48.47 3.36
N LEU C 1016 -32.66 48.01 4.60
CA LEU C 1016 -33.70 48.55 5.47
C LEU C 1016 -33.34 48.61 6.96
N GLY C 1017 -33.10 49.80 7.48
CA GLY C 1017 -32.89 50.01 8.93
C GLY C 1017 -32.85 51.47 9.35
N SER C 1018 -32.81 51.71 10.65
CA SER C 1018 -32.76 53.08 11.17
C SER C 1018 -31.35 53.67 11.14
N VAL C 1019 -31.01 54.32 10.02
CA VAL C 1019 -29.79 55.12 9.91
C VAL C 1019 -29.26 55.63 11.27
N SER C 1020 -30.16 56.20 12.08
CA SER C 1020 -29.80 56.78 13.38
C SER C 1020 -28.87 55.91 14.23
N SER C 1021 -29.35 54.74 14.65
CA SER C 1021 -28.55 53.86 15.51
C SER C 1021 -27.57 52.99 14.71
N LEU C 1022 -27.87 52.75 13.43
CA LEU C 1022 -27.00 51.94 12.55
C LEU C 1022 -25.66 52.59 12.25
N LYS C 1023 -25.64 53.91 12.16
CA LYS C 1023 -24.42 54.66 11.84
C LYS C 1023 -23.31 54.51 12.88
N ARG C 1024 -23.65 54.04 14.09
CA ARG C 1024 -22.67 53.88 15.17
C ARG C 1024 -21.93 52.54 15.09
N PHE C 1025 -22.23 51.77 14.05
CA PHE C 1025 -21.47 50.58 13.73
C PHE C 1025 -20.55 50.89 12.58
N PRO C 1026 -19.23 50.88 12.85
CA PRO C 1026 -18.22 51.25 11.86
C PRO C 1026 -18.51 50.74 10.42
N PRO C 1027 -18.77 49.42 10.26
CA PRO C 1027 -19.01 49.02 8.87
C PRO C 1027 -20.19 49.78 8.24
N LEU C 1028 -21.24 50.05 9.03
CA LEU C 1028 -22.44 50.75 8.55
C LEU C 1028 -22.23 52.23 8.28
N GLY C 1029 -21.58 52.90 9.25
CA GLY C 1029 -21.12 54.28 9.06
C GLY C 1029 -20.51 54.45 7.67
N THR C 1030 -19.42 53.72 7.43
CA THR C 1030 -18.75 53.76 6.15
C THR C 1030 -19.68 53.49 4.96
N LEU C 1031 -20.63 52.58 5.16
CA LEU C 1031 -21.64 52.30 4.15
C LEU C 1031 -22.41 53.59 3.89
N PHE C 1032 -22.98 54.16 4.97
CA PHE C 1032 -23.81 55.36 4.88
C PHE C 1032 -23.12 56.50 4.15
N ASP C 1033 -21.83 56.69 4.42
CA ASP C 1033 -20.99 57.62 3.64
C ASP C 1033 -21.05 57.40 2.13
N HIS C 1034 -20.76 56.19 1.67
CA HIS C 1034 -20.78 55.92 0.23
C HIS C 1034 -22.19 55.95 -0.32
N LEU C 1035 -23.16 55.65 0.53
CA LEU C 1035 -24.55 55.72 0.10
C LEU C 1035 -25.06 57.14 -0.02
N ASN C 1036 -24.67 58.01 0.92
CA ASN C 1036 -25.01 59.43 0.84
C ASN C 1036 -24.39 60.08 -0.38
N ALA C 1037 -23.08 59.94 -0.55
CA ALA C 1037 -22.41 60.48 -1.75
C ALA C 1037 -23.19 60.23 -3.05
N GLU C 1038 -23.82 59.06 -3.19
CA GLU C 1038 -24.59 58.76 -4.40
C GLU C 1038 -26.09 58.99 -4.24
N GLN C 1039 -26.49 59.54 -3.08
CA GLN C 1039 -27.90 59.79 -2.75
C GLN C 1039 -28.72 58.55 -3.01
N LEU C 1040 -28.42 57.47 -2.29
CA LEU C 1040 -29.11 56.20 -2.49
C LEU C 1040 -29.91 55.80 -1.25
N ILE C 1041 -29.67 56.51 -0.15
CA ILE C 1041 -30.58 56.43 1.00
C ILE C 1041 -31.74 57.36 0.70
N LEU C 1042 -32.93 56.86 0.98
CA LEU C 1042 -34.16 57.59 0.78
C LEU C 1042 -34.91 57.46 2.08
N ASP C 1043 -35.11 58.61 2.73
CA ASP C 1043 -35.77 58.63 4.02
C ASP C 1043 -37.26 58.37 3.84
N LEU C 1044 -37.89 57.76 4.84
CA LEU C 1044 -39.29 57.39 4.74
C LEU C 1044 -40.22 58.38 5.44
N PRO C 1045 -41.48 58.47 4.96
CA PRO C 1045 -42.56 59.18 5.67
C PRO C 1045 -42.85 58.56 7.05
N SER C 1046 -43.70 59.20 7.84
CA SER C 1046 -44.15 58.61 9.09
C SER C 1046 -45.10 57.46 8.79
N ARG C 1047 -45.39 56.67 9.81
CA ARG C 1047 -46.32 55.54 9.69
C ARG C 1047 -47.76 55.97 9.44
N GLU C 1048 -47.99 57.28 9.49
CA GLU C 1048 -49.31 57.86 9.27
C GLU C 1048 -49.59 58.15 7.79
N HIS C 1049 -48.55 58.48 7.03
CA HIS C 1049 -48.66 58.81 5.60
C HIS C 1049 -49.45 57.76 4.78
N GLU C 1050 -49.96 58.21 3.65
CA GLU C 1050 -50.92 57.45 2.82
C GLU C 1050 -50.46 56.06 2.39
N SER C 1051 -49.15 55.92 2.19
CA SER C 1051 -48.56 54.68 1.66
C SER C 1051 -48.18 53.67 2.74
N LEU C 1052 -47.90 54.16 3.95
CA LEU C 1052 -47.42 53.31 5.04
C LEU C 1052 -48.52 52.84 5.99
N SER C 1053 -49.48 53.73 6.25
CA SER C 1053 -50.56 53.51 7.23
C SER C 1053 -51.32 52.19 7.03
N HIS C 1054 -51.54 51.85 5.76
CA HIS C 1054 -52.24 50.62 5.37
C HIS C 1054 -51.41 49.34 5.57
N ILE C 1055 -50.13 49.49 5.88
CA ILE C 1055 -49.26 48.35 6.20
C ILE C 1055 -49.15 48.15 7.71
N LEU C 1056 -49.44 49.20 8.47
CA LEU C 1056 -49.43 49.15 9.94
C LEU C 1056 -50.82 49.32 10.53
FE1 SF4 E . 31.34 -9.62 7.02
FE2 SF4 E . 28.89 -11.05 8.28
FE3 SF4 E . 28.59 -8.51 6.88
FE4 SF4 E . 29.95 -8.64 9.44
S1 SF4 E . 27.99 -9.23 8.81
S2 SF4 E . 30.46 -7.77 7.55
S3 SF4 E . 30.86 -10.49 8.90
S4 SF4 E . 29.45 -10.37 6.33
PB ADP F . -4.62 -28.33 -23.21
O1B ADP F . -3.78 -29.25 -24.07
O2B ADP F . -5.70 -29.07 -22.45
O3B ADP F . -3.85 -27.36 -22.32
PA ADP F . -6.84 -26.74 -24.01
O1A ADP F . -7.23 -25.91 -25.23
O2A ADP F . -6.82 -26.15 -22.62
O3A ADP F . -5.38 -27.36 -24.27
O5' ADP F . -7.77 -28.06 -23.92
C5' ADP F . -7.60 -29.14 -24.84
C4' ADP F . -8.90 -29.46 -25.53
O4' ADP F . -9.73 -30.15 -24.62
C3' ADP F . -9.61 -28.19 -25.96
O3' ADP F . -9.83 -28.14 -27.38
C2' ADP F . -10.92 -28.19 -25.20
O2' ADP F . -11.99 -27.94 -26.10
C1' ADP F . -11.05 -29.60 -24.62
N9 ADP F . -11.64 -29.61 -23.25
C8 ADP F . -10.99 -29.47 -22.09
N7 ADP F . -11.84 -29.53 -21.03
C5 ADP F . -13.07 -29.74 -21.53
C6 ADP F . -14.45 -29.91 -20.98
N6 ADP F . -14.70 -29.88 -19.65
N1 ADP F . -15.45 -30.08 -21.87
C2 ADP F . -15.23 -30.10 -23.20
N3 ADP F . -14.03 -29.97 -23.75
C4 ADP F . -12.93 -29.78 -22.99
FE1 SF4 G . -0.28 7.51 32.88
FE2 SF4 G . 1.54 8.89 30.83
FE3 SF4 G . 0.12 6.41 30.09
FE4 SF4 G . 2.34 6.38 32.09
S1 SF4 G . 2.18 7.01 30.06
S2 SF4 G . 0.31 5.64 32.07
S3 SF4 G . 1.72 8.26 32.88
S4 SF4 G . -0.51 8.28 30.88
PB ADP H . -19.80 29.89 -8.06
O1B ADP H . -20.78 30.83 -7.37
O2B ADP H . -18.73 30.62 -8.85
O3B ADP H . -19.24 28.78 -7.20
PA ADP H . -20.20 28.66 -10.59
O1A ADP H . -21.36 28.00 -11.34
O2A ADP H . -18.92 27.93 -10.31
O3A ADP H . -20.74 29.14 -9.15
O5' ADP H . -19.77 30.04 -11.31
C5' ADP H . -20.58 31.23 -11.24
C4' ADP H . -20.96 31.74 -12.61
O4' ADP H . -19.85 32.46 -13.16
C3' ADP H . -21.30 30.60 -13.56
O3' ADP H . -22.65 30.68 -14.04
C2' ADP H . -20.26 30.70 -14.68
O2' ADP H . -20.90 30.63 -15.95
C1' ADP H . -19.58 32.04 -14.50
N9 ADP H . -18.12 31.94 -14.74
C8 ADP H . -17.16 31.61 -13.85
N7 ADP H . -15.93 31.62 -14.40
C5 ADP H . -16.07 31.96 -15.70
C6 ADP H . -15.18 32.16 -16.89
N6 ADP H . -13.81 32.01 -16.85
N1 ADP H . -15.79 32.51 -18.04
C2 ADP H . -17.13 32.69 -18.15
N3 ADP H . -17.98 32.52 -17.11
C4 ADP H . -17.52 32.17 -15.89
#